data_7XUH
#
_entry.id   7XUH
#
_cell.length_a   1.00
_cell.length_b   1.00
_cell.length_c   1.00
_cell.angle_alpha   90.00
_cell.angle_beta   90.00
_cell.angle_gamma   90.00
#
_symmetry.space_group_name_H-M   'P 1'
#
loop_
_entity.id
_entity.type
_entity.pdbx_description
1 polymer 'Chloride anion exchanger'
2 non-polymer '2-[4,8-dimethyl-2-oxidanylidene-7-[[3-(trifluoromethyl)phenyl]methoxy]chromen-3-yl]ethanoic acid'
3 non-polymer 'CHOLESTEROL HEMISUCCINATE'
4 water water
#
_entity_poly.entity_id   1
_entity_poly.type   'polypeptide(L)'
_entity_poly.pdbx_seq_one_letter_code
;MIEPFGNQYIVARPVYSTNAFEENHKKTGRHHKTFLDHLKVCCSCSPQKAKRIVLSLFPIASWLPAYRLKEWLLSDIVSG
ISTGIVAVLQGLAFALLVDIPPVYGLYASFFPAIIYLFFGTSRHISVGPFPILSMMVGLAVSGAVSKAVPDRNATTLGLP
NNSNNSSLLDDERVRVAAAASVTVLSGIIQLAFGILRIGFVVIYLSESLISGFTTAAAVHVLVSQLKFIFQLTVPSHTDP
VSIFKVLYSVFSQIEKTNIADLVTALIVLLVVSIVKEINQRFKDKLPVPIPIEFIMTVIAAGVSYGCDFKNRFKVAVVGD
MNPGFQPPITPDVETFQNTVGDCFGIAMVAFAVAFSVASVYSLKYDYPLDGNQELIALGLGNIVCGVFRGFAGSTALSRS
AVQESTGGKTQIAGLIGAIIVLIVVLAIGFLLAPLQKSVLAALALGNLKGMLMQFAEIGRLWRKDKYDCLIWIMTFIFTI
VLGLGLGLAASVAFQLLTIVFRTQFPKCSTLANIGRTNIYKNKKDYYDMYEPEGVKIFRCPSPIYFANIGFFRRKLIDAV
GFSPLRILRKRNKALRKIRKLQKQGLLQVTPKGFICTVDTIKDSDEELDNNQIEVLDQPINTTDLPFHIDWNDDLPLNIE
VPKISLHSLILDFSAVSFLDVSSVRGLKSILQEFIRIKVDVYIVGTDDDFIEKLNRYEFFDGEVKSSIFFLTIHDAVLHI
LMKKDYSTSKFNPSQEKDGKIDFTINTNGGLRNRVYEVPVETKF
;
_entity_poly.pdbx_strand_id   A,B
#
# COMPACT_ATOMS: atom_id res chain seq x y z
N GLN A 8 -43.38 -12.65 12.47
CA GLN A 8 -43.51 -11.25 12.89
C GLN A 8 -42.34 -10.83 13.76
N TYR A 9 -41.96 -9.57 13.62
CA TYR A 9 -40.82 -8.97 14.31
C TYR A 9 -41.40 -8.01 15.34
N ILE A 10 -41.40 -8.42 16.60
CA ILE A 10 -42.00 -7.63 17.68
C ILE A 10 -40.94 -7.38 18.73
N VAL A 11 -40.67 -6.11 19.01
CA VAL A 11 -39.64 -5.70 19.95
C VAL A 11 -40.21 -4.61 20.84
N ALA A 12 -40.12 -4.78 22.15
CA ALA A 12 -40.48 -3.75 23.12
C ALA A 12 -39.30 -3.57 24.06
N ARG A 13 -38.72 -2.37 24.06
CA ARG A 13 -37.37 -2.17 24.60
C ARG A 13 -37.26 -0.75 25.11
N PRO A 14 -36.33 -0.49 26.02
CA PRO A 14 -35.95 0.90 26.29
C PRO A 14 -34.96 1.42 25.27
N VAL A 15 -34.78 2.73 25.26
CA VAL A 15 -33.89 3.40 24.33
C VAL A 15 -32.51 3.50 24.97
N TYR A 16 -31.53 2.81 24.39
CA TYR A 16 -30.22 2.67 24.98
C TYR A 16 -29.22 3.57 24.26
N SER A 17 -28.17 3.96 24.97
CA SER A 17 -27.26 4.98 24.45
C SER A 17 -25.81 4.67 24.77
N THR A 18 -25.44 3.39 24.86
CA THR A 18 -24.07 2.85 24.93
C THR A 18 -23.37 3.18 26.25
N ASN A 19 -23.87 4.17 26.98
CA ASN A 19 -23.50 4.45 28.36
C ASN A 19 -24.57 4.00 29.31
N ALA A 20 -25.84 4.20 28.96
CA ALA A 20 -26.94 3.65 29.73
C ALA A 20 -27.08 2.15 29.51
N PHE A 21 -26.49 1.61 28.44
CA PHE A 21 -26.52 0.17 28.24
C PHE A 21 -25.59 -0.54 29.21
N GLU A 22 -24.40 0.02 29.43
CA GLU A 22 -23.42 -0.62 30.28
C GLU A 22 -23.67 -0.37 31.76
N GLU A 23 -24.55 0.56 32.10
CA GLU A 23 -24.98 0.67 33.49
C GLU A 23 -25.90 -0.47 33.86
N ASN A 24 -26.68 -0.96 32.90
CA ASN A 24 -27.72 -1.94 33.15
C ASN A 24 -27.25 -3.38 32.96
N HIS A 25 -26.08 -3.58 32.36
CA HIS A 25 -25.59 -4.91 32.04
C HIS A 25 -24.16 -5.04 32.53
N LYS A 26 -23.94 -5.94 33.47
CA LYS A 26 -22.61 -6.11 34.06
C LYS A 26 -21.67 -6.76 33.06
N LYS A 27 -20.53 -6.11 32.81
CA LYS A 27 -19.52 -6.71 31.97
C LYS A 27 -18.68 -7.68 32.78
N THR A 28 -17.99 -8.58 32.08
CA THR A 28 -17.23 -9.62 32.76
C THR A 28 -15.94 -9.08 33.35
N GLY A 29 -15.14 -8.42 32.53
CA GLY A 29 -13.87 -7.90 33.00
C GLY A 29 -12.75 -8.87 32.69
N ARG A 30 -11.96 -8.58 31.66
CA ARG A 30 -10.92 -9.47 31.20
C ARG A 30 -9.57 -8.81 31.38
N HIS A 31 -8.58 -9.59 31.81
CA HIS A 31 -7.27 -9.06 32.15
C HIS A 31 -6.49 -8.78 30.87
N HIS A 32 -5.90 -7.60 30.79
CA HIS A 32 -5.10 -7.22 29.63
C HIS A 32 -3.72 -7.85 29.70
N LYS A 33 -3.24 -8.32 28.55
CA LYS A 33 -1.92 -8.93 28.47
C LYS A 33 -0.94 -7.94 27.87
N THR A 34 0.07 -7.56 28.67
CA THR A 34 1.06 -6.56 28.29
C THR A 34 2.28 -7.25 27.67
N PHE A 35 3.41 -6.57 27.60
CA PHE A 35 4.59 -7.07 26.90
C PHE A 35 5.34 -8.16 27.68
N LEU A 36 5.24 -8.19 29.01
CA LEU A 36 6.15 -9.02 29.80
C LEU A 36 5.59 -10.41 30.10
N ASP A 37 4.27 -10.52 30.28
CA ASP A 37 3.71 -11.84 30.54
C ASP A 37 3.76 -12.73 29.30
N HIS A 38 3.74 -12.12 28.11
CA HIS A 38 4.07 -12.86 26.89
C HIS A 38 5.47 -13.45 26.95
N LEU A 39 6.42 -12.68 27.50
CA LEU A 39 7.80 -13.14 27.61
C LEU A 39 7.93 -14.27 28.62
N LYS A 40 7.27 -14.17 29.77
CA LYS A 40 7.37 -15.28 30.71
C LYS A 40 6.57 -16.51 30.25
N VAL A 41 5.51 -16.32 29.46
CA VAL A 41 4.85 -17.46 28.82
C VAL A 41 5.74 -18.14 27.79
N CYS A 42 6.45 -17.39 26.94
CA CYS A 42 7.21 -18.04 25.88
C CYS A 42 8.48 -18.71 26.40
N CYS A 43 9.41 -17.93 26.97
CA CYS A 43 10.69 -18.51 27.37
C CYS A 43 10.59 -19.06 28.80
N SER A 44 9.90 -20.19 28.90
CA SER A 44 9.83 -20.95 30.15
C SER A 44 9.67 -22.41 29.77
N CYS A 45 10.75 -23.19 29.92
CA CYS A 45 10.81 -24.52 29.37
C CYS A 45 9.98 -25.50 30.19
N SER A 46 9.77 -26.69 29.60
CA SER A 46 9.02 -27.77 30.22
C SER A 46 9.48 -29.07 29.56
N PRO A 47 9.40 -30.21 30.26
CA PRO A 47 9.81 -31.47 29.63
C PRO A 47 8.90 -31.94 28.51
N GLN A 48 7.70 -31.36 28.37
CA GLN A 48 6.87 -31.61 27.19
C GLN A 48 6.75 -30.38 26.30
N LYS A 49 7.64 -29.40 26.48
CA LYS A 49 7.72 -28.24 25.60
C LYS A 49 8.87 -28.34 24.63
N ALA A 50 10.05 -28.75 25.11
CA ALA A 50 11.18 -28.98 24.22
C ALA A 50 10.95 -30.20 23.33
N LYS A 51 10.17 -31.17 23.81
CA LYS A 51 9.86 -32.34 23.01
C LYS A 51 8.82 -32.05 21.93
N ARG A 52 8.23 -30.86 21.92
CA ARG A 52 7.44 -30.41 20.79
C ARG A 52 8.27 -29.63 19.79
N ILE A 53 9.20 -28.81 20.28
CA ILE A 53 10.03 -28.01 19.39
C ILE A 53 11.02 -28.87 18.63
N VAL A 54 11.59 -29.88 19.29
CA VAL A 54 12.51 -30.79 18.63
C VAL A 54 11.81 -31.64 17.58
N LEU A 55 10.61 -32.13 17.87
CA LEU A 55 9.84 -32.84 16.86
C LEU A 55 9.28 -31.93 15.77
N SER A 56 9.20 -30.62 16.04
CA SER A 56 8.86 -29.69 14.97
C SER A 56 10.06 -29.42 14.07
N LEU A 57 11.27 -29.50 14.60
CA LEU A 57 12.45 -29.26 13.78
C LEU A 57 12.88 -30.49 12.98
N PHE A 58 12.52 -31.69 13.44
CA PHE A 58 12.84 -32.93 12.74
C PHE A 58 11.56 -33.73 12.55
N PRO A 59 10.77 -33.45 11.51
CA PRO A 59 9.53 -34.19 11.31
C PRO A 59 9.72 -35.64 10.89
N ILE A 60 10.92 -36.03 10.46
CA ILE A 60 11.18 -37.42 10.10
C ILE A 60 11.17 -38.31 11.33
N ALA A 61 11.37 -37.76 12.53
CA ALA A 61 11.19 -38.55 13.73
C ALA A 61 9.73 -38.81 14.03
N SER A 62 8.81 -38.09 13.38
CA SER A 62 7.39 -38.30 13.56
C SER A 62 6.74 -39.10 12.47
N TRP A 63 7.09 -38.90 11.18
CA TRP A 63 6.36 -39.66 10.18
C TRP A 63 6.95 -41.05 9.91
N LEU A 64 8.24 -41.24 10.12
CA LEU A 64 8.87 -42.49 9.74
C LEU A 64 8.53 -43.70 10.62
N PRO A 65 8.39 -43.60 11.95
CA PRO A 65 7.84 -44.76 12.67
C PRO A 65 6.37 -45.02 12.41
N ALA A 66 5.62 -44.01 11.98
CA ALA A 66 4.22 -44.20 11.60
C ALA A 66 4.08 -44.47 10.10
N TYR A 67 4.85 -45.43 9.60
CA TYR A 67 4.91 -45.72 8.17
C TYR A 67 4.14 -47.01 7.90
N ARG A 68 3.06 -46.90 7.14
CA ARG A 68 2.29 -48.05 6.74
C ARG A 68 3.03 -48.74 5.60
N LEU A 69 3.66 -49.87 5.91
CA LEU A 69 4.54 -50.54 4.96
C LEU A 69 3.75 -51.15 3.81
N LYS A 70 2.74 -51.95 4.15
CA LYS A 70 2.00 -52.78 3.20
C LYS A 70 1.18 -51.95 2.23
N GLU A 71 0.81 -50.73 2.61
CA GLU A 71 -0.01 -49.91 1.73
C GLU A 71 0.82 -48.96 0.88
N TRP A 72 2.04 -48.62 1.31
CA TRP A 72 2.74 -47.48 0.74
C TRP A 72 4.07 -47.80 0.07
N LEU A 73 4.71 -48.93 0.40
CA LEU A 73 6.09 -49.15 -0.06
C LEU A 73 6.16 -49.36 -1.56
N LEU A 74 5.29 -50.21 -2.10
CA LEU A 74 5.30 -50.51 -3.52
C LEU A 74 4.84 -49.33 -4.36
N SER A 75 4.04 -48.44 -3.80
CA SER A 75 3.68 -47.22 -4.52
C SER A 75 4.82 -46.21 -4.51
N ASP A 76 5.55 -46.11 -3.39
CA ASP A 76 6.65 -45.17 -3.30
C ASP A 76 7.82 -45.57 -4.20
N ILE A 77 8.05 -46.87 -4.38
CA ILE A 77 9.12 -47.33 -5.27
C ILE A 77 8.87 -46.88 -6.71
N VAL A 78 7.66 -47.14 -7.20
CA VAL A 78 7.29 -46.84 -8.58
C VAL A 78 7.27 -45.33 -8.81
N SER A 79 6.71 -44.58 -7.85
CA SER A 79 6.69 -43.13 -7.96
C SER A 79 8.09 -42.54 -7.94
N GLY A 80 8.98 -43.10 -7.11
CA GLY A 80 10.33 -42.57 -7.03
C GLY A 80 11.14 -42.80 -8.28
N ILE A 81 10.99 -43.99 -8.90
CA ILE A 81 11.70 -44.27 -10.15
C ILE A 81 11.21 -43.35 -11.26
N SER A 82 9.88 -43.25 -11.41
CA SER A 82 9.33 -42.48 -12.51
C SER A 82 9.53 -40.98 -12.34
N THR A 83 9.72 -40.49 -11.12
CA THR A 83 10.07 -39.08 -10.98
C THR A 83 11.57 -38.84 -10.98
N GLY A 84 12.39 -39.86 -10.69
CA GLY A 84 13.83 -39.67 -10.77
C GLY A 84 14.32 -39.55 -12.20
N ILE A 85 13.66 -40.24 -13.13
CA ILE A 85 14.00 -40.08 -14.56
C ILE A 85 13.76 -38.65 -15.01
N VAL A 86 12.60 -38.10 -14.68
CA VAL A 86 12.25 -36.72 -15.03
C VAL A 86 13.15 -35.73 -14.32
N ALA A 87 13.59 -36.05 -13.10
CA ALA A 87 14.51 -35.18 -12.38
C ALA A 87 15.87 -35.11 -13.07
N VAL A 88 16.35 -36.25 -13.59
CA VAL A 88 17.60 -36.28 -14.34
C VAL A 88 17.51 -35.42 -15.59
N LEU A 89 16.43 -35.61 -16.37
CA LEU A 89 16.32 -34.88 -17.63
C LEU A 89 16.10 -33.39 -17.42
N GLN A 90 15.28 -33.02 -16.43
CA GLN A 90 15.06 -31.60 -16.16
C GLN A 90 16.29 -30.94 -15.55
N GLY A 91 17.08 -31.68 -14.78
CA GLY A 91 18.31 -31.11 -14.26
C GLY A 91 19.34 -30.87 -15.34
N LEU A 92 19.40 -31.77 -16.33
CA LEU A 92 20.26 -31.51 -17.48
C LEU A 92 19.76 -30.34 -18.31
N ALA A 93 18.44 -30.18 -18.42
CA ALA A 93 17.89 -29.13 -19.28
C ALA A 93 18.02 -27.76 -18.64
N PHE A 94 17.83 -27.64 -17.33
CA PHE A 94 17.79 -26.32 -16.72
C PHE A 94 19.17 -25.76 -16.45
N ALA A 95 20.22 -26.57 -16.55
CA ALA A 95 21.57 -26.06 -16.39
C ALA A 95 22.00 -25.21 -17.59
N LEU A 96 21.37 -25.40 -18.74
CA LEU A 96 21.67 -24.58 -19.91
C LEU A 96 21.10 -23.18 -19.77
N LEU A 97 20.10 -22.99 -18.93
CA LEU A 97 19.51 -21.68 -18.71
C LEU A 97 20.35 -20.82 -17.76
N VAL A 98 21.31 -21.42 -17.07
CA VAL A 98 22.29 -20.68 -16.27
C VAL A 98 23.59 -20.50 -17.05
N ASP A 99 23.73 -21.21 -18.19
CA ASP A 99 24.92 -21.22 -19.04
C ASP A 99 26.15 -21.71 -18.27
N ILE A 100 26.02 -22.89 -17.67
CA ILE A 100 27.12 -23.59 -17.03
C ILE A 100 27.16 -24.97 -17.70
N PRO A 101 28.16 -25.82 -17.47
CA PRO A 101 28.11 -27.18 -18.01
C PRO A 101 26.94 -27.96 -17.45
N PRO A 102 26.44 -28.96 -18.18
CA PRO A 102 25.20 -29.63 -17.78
C PRO A 102 25.32 -30.55 -16.57
N VAL A 103 26.52 -30.92 -16.15
CA VAL A 103 26.65 -31.82 -15.01
C VAL A 103 26.32 -31.11 -13.70
N TYR A 104 26.37 -29.78 -13.69
CA TYR A 104 26.05 -29.02 -12.50
C TYR A 104 24.56 -28.88 -12.26
N GLY A 105 23.73 -29.42 -13.15
CA GLY A 105 22.31 -29.45 -12.92
C GLY A 105 21.90 -30.75 -12.27
N LEU A 106 22.75 -31.76 -12.40
CA LEU A 106 22.55 -33.00 -11.68
C LEU A 106 22.84 -32.88 -10.20
N TYR A 107 23.72 -31.95 -9.82
CA TYR A 107 23.98 -31.72 -8.41
C TYR A 107 22.86 -30.94 -7.76
N ALA A 108 22.13 -30.14 -8.53
CA ALA A 108 20.98 -29.41 -8.02
C ALA A 108 19.78 -30.31 -7.81
N SER A 109 19.77 -31.49 -8.42
CA SER A 109 18.68 -32.45 -8.27
C SER A 109 18.95 -33.50 -7.21
N PHE A 110 20.08 -33.41 -6.50
CA PHE A 110 20.47 -34.43 -5.55
C PHE A 110 20.46 -33.93 -4.11
N PHE A 111 21.19 -32.87 -3.81
CA PHE A 111 21.36 -32.41 -2.43
C PHE A 111 20.11 -31.83 -1.76
N PRO A 112 19.29 -30.96 -2.41
CA PRO A 112 18.08 -30.50 -1.71
C PRO A 112 17.06 -31.60 -1.48
N ALA A 113 17.01 -32.60 -2.36
CA ALA A 113 16.12 -33.74 -2.14
C ALA A 113 16.55 -34.61 -0.98
N ILE A 114 17.82 -34.56 -0.60
CA ILE A 114 18.30 -35.30 0.57
C ILE A 114 18.07 -34.49 1.85
N ILE A 115 18.27 -33.17 1.80
CA ILE A 115 18.06 -32.36 3.00
C ILE A 115 16.57 -32.24 3.33
N TYR A 116 15.72 -32.15 2.31
CA TYR A 116 14.28 -32.06 2.54
C TYR A 116 13.69 -33.35 3.07
N LEU A 117 14.36 -34.48 2.86
CA LEU A 117 13.91 -35.74 3.44
C LEU A 117 13.97 -35.72 4.95
N PHE A 118 14.89 -34.95 5.52
CA PHE A 118 15.01 -34.85 6.96
C PHE A 118 14.31 -33.64 7.55
N PHE A 119 14.27 -32.50 6.86
CA PHE A 119 13.80 -31.28 7.50
C PHE A 119 12.50 -30.75 6.94
N GLY A 120 11.81 -31.47 6.07
CA GLY A 120 10.65 -30.95 5.37
C GLY A 120 9.33 -31.53 5.85
N THR A 121 8.26 -30.76 5.67
CA THR A 121 6.94 -31.14 6.16
C THR A 121 5.98 -31.61 5.08
N SER A 122 6.24 -31.32 3.82
CA SER A 122 5.36 -31.79 2.76
C SER A 122 5.63 -33.27 2.47
N ARG A 123 4.64 -33.92 1.86
CA ARG A 123 4.75 -35.32 1.53
C ARG A 123 4.63 -35.61 0.04
N HIS A 124 4.31 -34.62 -0.78
CA HIS A 124 4.08 -34.84 -2.21
C HIS A 124 4.90 -33.90 -3.07
N ILE A 125 5.95 -33.31 -2.53
CA ILE A 125 6.76 -32.31 -3.22
C ILE A 125 8.07 -32.93 -3.62
N SER A 126 8.46 -32.77 -4.89
CA SER A 126 9.78 -33.14 -5.37
C SER A 126 10.63 -31.88 -5.48
N VAL A 127 11.81 -31.90 -4.85
CA VAL A 127 12.65 -30.72 -4.71
C VAL A 127 13.77 -30.81 -5.72
N GLY A 128 13.96 -29.75 -6.50
CA GLY A 128 14.98 -29.71 -7.53
C GLY A 128 15.13 -28.31 -8.07
N PRO A 129 15.46 -28.17 -9.34
CA PRO A 129 15.36 -26.85 -9.99
C PRO A 129 14.06 -26.66 -10.78
N PHE A 130 13.74 -25.44 -11.20
CA PHE A 130 12.61 -25.16 -12.08
C PHE A 130 12.97 -23.94 -12.92
N PRO A 131 12.37 -23.78 -14.13
CA PRO A 131 12.98 -22.88 -15.16
C PRO A 131 13.07 -21.40 -14.81
N ILE A 132 12.07 -20.85 -14.14
CA ILE A 132 12.07 -19.41 -13.85
C ILE A 132 13.18 -19.06 -12.87
N LEU A 133 13.40 -19.91 -11.87
CA LEU A 133 14.46 -19.67 -10.92
C LEU A 133 15.83 -19.85 -11.56
N SER A 134 15.95 -20.74 -12.54
CA SER A 134 17.20 -20.89 -13.26
C SER A 134 17.50 -19.67 -14.13
N MET A 135 16.47 -19.08 -14.73
CA MET A 135 16.66 -17.83 -15.46
C MET A 135 17.08 -16.69 -14.53
N MET A 136 16.50 -16.65 -13.33
CA MET A 136 16.87 -15.62 -12.37
C MET A 136 18.30 -15.80 -11.87
N VAL A 137 18.72 -17.05 -11.66
CA VAL A 137 20.10 -17.31 -11.24
C VAL A 137 21.07 -16.95 -12.36
N GLY A 138 20.72 -17.25 -13.61
CA GLY A 138 21.58 -16.88 -14.72
C GLY A 138 21.73 -15.38 -14.90
N LEU A 139 20.63 -14.64 -14.72
CA LEU A 139 20.70 -13.19 -14.79
C LEU A 139 21.53 -12.60 -13.64
N ALA A 140 21.40 -13.17 -12.44
CA ALA A 140 22.20 -12.71 -11.31
C ALA A 140 23.68 -13.01 -11.51
N VAL A 141 24.00 -14.13 -12.14
CA VAL A 141 25.39 -14.50 -12.38
C VAL A 141 26.02 -13.58 -13.41
N SER A 142 25.34 -13.34 -14.53
CA SER A 142 25.92 -12.48 -15.55
C SER A 142 25.91 -11.03 -15.13
N GLY A 143 25.06 -10.64 -14.18
CA GLY A 143 25.21 -9.33 -13.56
C GLY A 143 26.35 -9.27 -12.57
N ALA A 144 26.71 -10.40 -11.97
CA ALA A 144 27.80 -10.41 -11.01
C ALA A 144 29.17 -10.42 -11.68
N VAL A 145 29.30 -11.13 -12.81
CA VAL A 145 30.61 -11.19 -13.47
C VAL A 145 30.93 -9.94 -14.27
N SER A 146 29.99 -9.03 -14.44
CA SER A 146 30.27 -7.76 -15.11
C SER A 146 30.58 -6.64 -14.13
N LYS A 147 30.32 -6.83 -12.84
CA LYS A 147 30.66 -5.85 -11.82
C LYS A 147 31.92 -6.21 -11.05
N ALA A 148 32.55 -7.33 -11.38
CA ALA A 148 33.75 -7.75 -10.68
C ALA A 148 34.93 -6.87 -11.08
N VAL A 149 35.92 -6.82 -10.19
CA VAL A 149 37.13 -6.05 -10.47
C VAL A 149 37.93 -6.74 -11.57
N PRO A 150 38.62 -6.00 -12.46
CA PRO A 150 39.18 -6.61 -13.67
C PRO A 150 40.51 -7.32 -13.47
N ASP A 151 40.78 -7.79 -12.24
CA ASP A 151 42.05 -7.77 -11.50
C ASP A 151 43.31 -7.86 -12.37
N ARG A 152 43.56 -9.01 -12.99
CA ARG A 152 44.65 -9.16 -13.96
C ARG A 152 44.23 -10.08 -15.10
N ASN A 164 45.15 -16.95 -24.29
CA ASN A 164 45.35 -16.80 -25.72
C ASN A 164 44.62 -17.87 -26.54
N ASN A 165 44.63 -19.11 -26.04
CA ASN A 165 44.06 -20.26 -26.73
C ASN A 165 42.88 -20.85 -25.98
N SER A 166 43.06 -21.24 -24.72
CA SER A 166 41.99 -21.81 -23.89
C SER A 166 41.58 -20.76 -22.86
N SER A 167 40.70 -19.86 -23.27
CA SER A 167 40.12 -18.87 -22.37
C SER A 167 38.61 -18.94 -22.30
N LEU A 168 37.95 -19.66 -23.20
CA LEU A 168 36.51 -19.86 -23.13
C LEU A 168 36.13 -21.08 -22.29
N LEU A 169 37.09 -21.68 -21.58
CA LEU A 169 36.76 -22.58 -20.49
C LEU A 169 36.96 -21.95 -19.13
N ASP A 170 37.67 -20.82 -19.08
CA ASP A 170 37.86 -20.10 -17.84
C ASP A 170 36.80 -19.02 -17.63
N ASP A 171 36.02 -18.69 -18.65
CA ASP A 171 34.87 -17.82 -18.43
C ASP A 171 33.65 -18.59 -17.95
N GLU A 172 33.67 -19.91 -18.09
CA GLU A 172 32.66 -20.75 -17.46
C GLU A 172 33.09 -21.25 -16.10
N ARG A 173 34.38 -21.11 -15.76
CA ARG A 173 34.81 -21.42 -14.40
C ARG A 173 34.43 -20.34 -13.42
N VAL A 174 34.22 -19.10 -13.89
CA VAL A 174 33.77 -18.04 -13.00
C VAL A 174 32.25 -18.01 -12.88
N ARG A 175 31.54 -18.49 -13.90
CA ARG A 175 30.09 -18.56 -13.82
C ARG A 175 29.63 -19.63 -12.83
N VAL A 176 30.38 -20.72 -12.71
CA VAL A 176 30.06 -21.77 -11.75
C VAL A 176 30.22 -21.26 -10.32
N ALA A 177 31.30 -20.53 -10.06
CA ALA A 177 31.53 -19.98 -8.73
C ALA A 177 30.52 -18.89 -8.40
N ALA A 178 30.12 -18.09 -9.38
CA ALA A 178 29.08 -17.09 -9.15
C ALA A 178 27.73 -17.73 -8.85
N ALA A 179 27.40 -18.82 -9.55
CA ALA A 179 26.14 -19.52 -9.29
C ALA A 179 26.13 -20.16 -7.91
N ALA A 180 27.25 -20.74 -7.50
CA ALA A 180 27.36 -21.34 -6.17
C ALA A 180 27.22 -20.27 -5.08
N SER A 181 27.82 -19.10 -5.29
CA SER A 181 27.73 -18.06 -4.26
C SER A 181 26.35 -17.45 -4.18
N VAL A 182 25.68 -17.27 -5.32
CA VAL A 182 24.30 -16.77 -5.34
C VAL A 182 23.37 -17.76 -4.64
N THR A 183 23.60 -19.06 -4.86
CA THR A 183 22.82 -20.10 -4.21
C THR A 183 23.00 -20.09 -2.70
N VAL A 184 24.25 -19.96 -2.23
CA VAL A 184 24.50 -19.96 -0.79
C VAL A 184 23.90 -18.74 -0.11
N LEU A 185 23.96 -17.57 -0.77
CA LEU A 185 23.37 -16.37 -0.18
C LEU A 185 21.84 -16.45 -0.14
N SER A 186 21.23 -17.03 -1.17
CA SER A 186 19.77 -17.20 -1.16
C SER A 186 19.34 -18.19 -0.09
N GLY A 187 20.11 -19.26 0.11
CA GLY A 187 19.78 -20.19 1.18
C GLY A 187 19.93 -19.58 2.57
N ILE A 188 20.92 -18.69 2.73
CA ILE A 188 21.12 -18.01 4.01
C ILE A 188 19.95 -17.07 4.30
N ILE A 189 19.47 -16.35 3.28
CA ILE A 189 18.32 -15.46 3.46
C ILE A 189 17.06 -16.25 3.79
N GLN A 190 16.87 -17.41 3.14
CA GLN A 190 15.71 -18.25 3.41
C GLN A 190 15.74 -18.82 4.82
N LEU A 191 16.89 -19.31 5.26
CA LEU A 191 17.00 -19.89 6.60
C LEU A 191 16.84 -18.83 7.68
N ALA A 192 17.34 -17.62 7.45
CA ALA A 192 17.16 -16.54 8.42
C ALA A 192 15.72 -16.06 8.45
N PHE A 193 15.01 -16.09 7.33
CA PHE A 193 13.58 -15.77 7.37
C PHE A 193 12.79 -16.86 8.08
N GLY A 194 13.23 -18.11 7.99
CA GLY A 194 12.52 -19.18 8.67
C GLY A 194 12.77 -19.20 10.17
N ILE A 195 13.94 -18.76 10.60
CA ILE A 195 14.23 -18.71 12.04
C ILE A 195 13.43 -17.60 12.71
N LEU A 196 13.30 -16.45 12.05
CA LEU A 196 12.58 -15.31 12.60
C LEU A 196 11.06 -15.44 12.54
N ARG A 197 10.53 -16.59 12.06
CA ARG A 197 9.11 -16.93 12.11
C ARG A 197 8.23 -15.95 11.33
N ILE A 198 8.71 -15.53 10.16
CA ILE A 198 7.97 -14.57 9.34
C ILE A 198 7.56 -15.22 8.03
N GLY A 199 7.23 -16.50 8.08
CA GLY A 199 6.76 -17.24 6.92
C GLY A 199 5.35 -16.96 6.47
N PHE A 200 4.70 -15.92 6.97
CA PHE A 200 3.39 -15.52 6.51
C PHE A 200 3.44 -14.51 5.38
N VAL A 201 4.62 -14.26 4.79
CA VAL A 201 4.74 -13.22 3.78
C VAL A 201 4.19 -13.61 2.43
N VAL A 202 3.70 -14.85 2.29
CA VAL A 202 3.03 -15.26 1.06
C VAL A 202 1.66 -14.65 0.90
N ILE A 203 1.09 -14.04 1.96
CA ILE A 203 -0.23 -13.44 1.89
C ILE A 203 -0.24 -12.09 1.22
N TYR A 204 0.91 -11.52 0.90
CA TYR A 204 0.98 -10.23 0.22
C TYR A 204 0.93 -10.36 -1.29
N LEU A 205 0.56 -11.53 -1.80
CA LEU A 205 0.55 -11.81 -3.23
C LEU A 205 -0.86 -12.25 -3.59
N SER A 206 -1.61 -11.39 -4.28
CA SER A 206 -2.95 -11.72 -4.69
C SER A 206 -2.93 -12.67 -5.89
N GLU A 207 -4.12 -13.13 -6.28
CA GLU A 207 -4.19 -14.09 -7.37
C GLU A 207 -3.96 -13.42 -8.72
N SER A 208 -4.33 -12.15 -8.85
CA SER A 208 -4.15 -11.45 -10.11
C SER A 208 -2.68 -11.12 -10.36
N LEU A 209 -1.95 -10.78 -9.31
CA LEU A 209 -0.51 -10.58 -9.43
C LEU A 209 0.19 -11.87 -9.83
N ILE A 210 -0.22 -12.99 -9.25
CA ILE A 210 0.40 -14.27 -9.56
C ILE A 210 0.10 -14.67 -10.99
N SER A 211 -1.12 -14.40 -11.45
CA SER A 211 -1.49 -14.75 -12.82
C SER A 211 -0.73 -13.90 -13.84
N GLY A 212 -0.60 -12.59 -13.59
CA GLY A 212 0.15 -11.74 -14.49
C GLY A 212 1.64 -12.04 -14.52
N PHE A 213 2.23 -12.28 -13.35
CA PHE A 213 3.64 -12.65 -13.26
C PHE A 213 3.92 -13.97 -13.96
N THR A 214 3.02 -14.94 -13.78
CA THR A 214 3.20 -16.25 -14.38
C THR A 214 3.09 -16.19 -15.90
N THR A 215 2.13 -15.39 -16.41
CA THR A 215 1.97 -15.27 -17.86
C THR A 215 3.15 -14.55 -18.49
N ALA A 216 3.71 -13.55 -17.81
CA ALA A 216 4.87 -12.86 -18.37
C ALA A 216 6.13 -13.72 -18.29
N ALA A 217 6.27 -14.49 -17.22
CA ALA A 217 7.44 -15.32 -17.07
C ALA A 217 7.42 -16.51 -18.01
N ALA A 218 6.23 -16.95 -18.44
CA ALA A 218 6.16 -17.96 -19.49
C ALA A 218 6.70 -17.44 -20.82
N VAL A 219 6.47 -16.15 -21.11
CA VAL A 219 7.01 -15.55 -22.32
C VAL A 219 8.53 -15.40 -22.20
N HIS A 220 9.01 -15.08 -21.01
CA HIS A 220 10.46 -15.06 -20.76
C HIS A 220 11.10 -16.42 -21.01
N VAL A 221 10.46 -17.48 -20.52
CA VAL A 221 10.98 -18.84 -20.70
C VAL A 221 10.95 -19.24 -22.17
N LEU A 222 9.87 -18.87 -22.88
CA LEU A 222 9.76 -19.20 -24.29
C LEU A 222 10.81 -18.47 -25.14
N VAL A 223 11.11 -17.22 -24.79
CA VAL A 223 12.10 -16.47 -25.55
C VAL A 223 13.51 -17.01 -25.29
N SER A 224 13.80 -17.37 -24.03
CA SER A 224 15.15 -17.80 -23.72
C SER A 224 15.50 -19.21 -24.22
N GLN A 225 14.55 -19.96 -24.76
CA GLN A 225 14.84 -21.25 -25.35
C GLN A 225 15.13 -21.19 -26.84
N LEU A 226 15.15 -19.99 -27.43
CA LEU A 226 15.40 -19.85 -28.85
C LEU A 226 16.88 -19.95 -29.21
N LYS A 227 17.76 -19.89 -28.21
CA LYS A 227 19.18 -20.11 -28.45
C LYS A 227 19.45 -21.53 -28.91
N PHE A 228 18.69 -22.49 -28.41
CA PHE A 228 19.03 -23.89 -28.56
C PHE A 228 18.22 -24.58 -29.65
N ILE A 229 17.02 -24.08 -29.95
CA ILE A 229 16.25 -24.66 -31.04
C ILE A 229 16.85 -24.26 -32.38
N PHE A 230 17.31 -23.02 -32.49
CA PHE A 230 17.92 -22.53 -33.72
C PHE A 230 19.42 -22.76 -33.76
N GLN A 231 20.05 -23.03 -32.62
CA GLN A 231 21.50 -23.15 -32.44
C GLN A 231 22.23 -21.88 -32.89
N LEU A 232 21.95 -20.81 -32.15
CA LEU A 232 22.57 -19.51 -32.38
C LEU A 232 23.40 -19.13 -31.16
N THR A 233 24.23 -18.11 -31.33
CA THR A 233 25.11 -17.61 -30.27
C THR A 233 24.62 -16.24 -29.85
N VAL A 234 24.18 -16.11 -28.61
CA VAL A 234 23.61 -14.90 -28.07
C VAL A 234 24.43 -14.49 -26.85
N PRO A 235 24.86 -13.23 -26.74
CA PRO A 235 25.59 -12.80 -25.56
C PRO A 235 24.70 -12.73 -24.32
N SER A 236 25.34 -12.51 -23.18
CA SER A 236 24.66 -12.54 -21.89
C SER A 236 24.12 -11.17 -21.56
N HIS A 237 22.91 -10.89 -22.02
CA HIS A 237 22.27 -9.61 -21.74
C HIS A 237 21.68 -9.63 -20.34
N THR A 238 22.12 -8.71 -19.49
CA THR A 238 21.48 -8.49 -18.19
C THR A 238 21.09 -7.03 -18.11
N ASP A 239 19.81 -6.79 -17.97
CA ASP A 239 19.25 -5.49 -18.31
C ASP A 239 17.92 -5.30 -17.61
N PRO A 240 17.34 -4.11 -17.66
CA PRO A 240 15.89 -4.02 -17.57
C PRO A 240 15.25 -4.82 -18.68
N VAL A 241 15.63 -4.55 -19.93
CA VAL A 241 14.80 -4.85 -21.08
C VAL A 241 15.36 -6.07 -21.80
N SER A 242 15.90 -7.01 -21.02
CA SER A 242 16.63 -8.20 -21.47
C SER A 242 15.94 -9.01 -22.56
N ILE A 243 14.61 -9.10 -22.53
CA ILE A 243 13.91 -10.00 -23.44
C ILE A 243 13.93 -9.47 -24.86
N PHE A 244 13.83 -8.14 -25.02
CA PHE A 244 13.88 -7.56 -26.36
C PHE A 244 15.28 -7.55 -26.92
N LYS A 245 16.31 -7.46 -26.07
CA LYS A 245 17.67 -7.58 -26.56
C LYS A 245 17.98 -9.00 -26.98
N VAL A 246 17.44 -9.99 -26.27
CA VAL A 246 17.61 -11.38 -26.67
C VAL A 246 16.89 -11.66 -27.99
N LEU A 247 15.71 -11.06 -28.17
CA LEU A 247 14.97 -11.21 -29.42
C LEU A 247 15.70 -10.55 -30.58
N TYR A 248 16.32 -9.39 -30.35
CA TYR A 248 17.08 -8.74 -31.41
C TYR A 248 18.35 -9.53 -31.75
N SER A 249 19.02 -10.08 -30.74
CA SER A 249 20.21 -10.88 -31.01
C SER A 249 19.89 -12.20 -31.68
N VAL A 250 18.69 -12.74 -31.47
CA VAL A 250 18.32 -13.97 -32.17
C VAL A 250 17.92 -13.66 -33.61
N PHE A 251 17.10 -12.64 -33.82
CA PHE A 251 16.56 -12.41 -35.16
C PHE A 251 17.47 -11.59 -36.06
N SER A 252 18.60 -11.09 -35.55
CA SER A 252 19.57 -10.46 -36.43
C SER A 252 20.33 -11.48 -37.26
N GLN A 253 20.40 -12.72 -36.79
CA GLN A 253 21.21 -13.75 -37.40
C GLN A 253 20.44 -15.05 -37.60
N ILE A 254 19.19 -14.95 -38.06
CA ILE A 254 18.39 -16.16 -38.24
C ILE A 254 18.67 -16.83 -39.58
N GLU A 255 19.50 -16.23 -40.42
CA GLU A 255 19.92 -16.94 -41.63
C GLU A 255 20.96 -18.01 -41.34
N LYS A 256 21.49 -18.08 -40.12
CA LYS A 256 22.51 -19.05 -39.76
C LYS A 256 21.98 -20.17 -38.88
N THR A 257 20.69 -20.50 -38.98
CA THR A 257 20.16 -21.54 -38.12
C THR A 257 20.53 -22.92 -38.63
N ASN A 258 20.29 -23.91 -37.79
CA ASN A 258 20.54 -25.31 -38.09
C ASN A 258 19.19 -26.00 -38.29
N ILE A 259 18.99 -26.58 -39.47
CA ILE A 259 17.69 -27.17 -39.79
C ILE A 259 17.48 -28.46 -39.02
N ALA A 260 18.55 -29.24 -38.81
CA ALA A 260 18.45 -30.48 -38.06
C ALA A 260 18.20 -30.25 -36.58
N ASP A 261 18.54 -29.08 -36.04
CA ASP A 261 18.16 -28.76 -34.67
C ASP A 261 16.75 -28.22 -34.58
N LEU A 262 16.17 -27.76 -35.68
CA LEU A 262 14.82 -27.19 -35.63
C LEU A 262 13.76 -28.26 -35.87
N VAL A 263 14.02 -29.15 -36.83
CA VAL A 263 13.07 -30.22 -37.15
C VAL A 263 12.92 -31.17 -35.97
N THR A 264 14.04 -31.48 -35.30
CA THR A 264 14.01 -32.39 -34.16
C THR A 264 13.25 -31.80 -32.98
N ALA A 265 13.46 -30.51 -32.70
CA ALA A 265 12.73 -29.85 -31.63
C ALA A 265 11.24 -29.77 -31.94
N LEU A 266 10.89 -29.54 -33.21
CA LEU A 266 9.47 -29.50 -33.58
C LEU A 266 8.81 -30.87 -33.43
N ILE A 267 9.50 -31.94 -33.84
CA ILE A 267 8.93 -33.28 -33.74
C ILE A 267 8.76 -33.69 -32.28
N VAL A 268 9.77 -33.42 -31.45
CA VAL A 268 9.71 -33.78 -30.03
C VAL A 268 8.62 -32.99 -29.32
N LEU A 269 8.51 -31.69 -29.61
CA LEU A 269 7.49 -30.86 -28.98
C LEU A 269 6.09 -31.28 -29.37
N LEU A 270 5.89 -31.62 -30.65
CA LEU A 270 4.58 -32.07 -31.11
C LEU A 270 4.17 -33.40 -30.47
N VAL A 271 5.10 -34.35 -30.37
CA VAL A 271 4.77 -35.67 -29.85
C VAL A 271 4.50 -35.60 -28.35
N VAL A 272 5.33 -34.89 -27.59
CA VAL A 272 5.04 -34.80 -26.16
C VAL A 272 3.86 -33.89 -25.86
N SER A 273 3.48 -32.99 -26.77
CA SER A 273 2.28 -32.21 -26.54
C SER A 273 1.03 -33.06 -26.77
N ILE A 274 0.99 -33.88 -27.82
CA ILE A 274 -0.21 -34.69 -28.02
C ILE A 274 -0.25 -35.92 -27.13
N VAL A 275 0.84 -36.29 -26.49
CA VAL A 275 0.77 -37.37 -25.51
C VAL A 275 0.49 -36.84 -24.10
N LYS A 276 1.00 -35.66 -23.74
CA LYS A 276 0.78 -35.14 -22.40
C LYS A 276 -0.64 -34.64 -22.14
N GLU A 277 -1.51 -34.62 -23.14
CA GLU A 277 -2.91 -34.33 -22.92
C GLU A 277 -3.80 -35.56 -23.05
N ILE A 278 -3.28 -36.67 -23.58
CA ILE A 278 -3.97 -37.95 -23.45
C ILE A 278 -3.99 -38.38 -21.99
N ASN A 279 -2.90 -38.10 -21.26
CA ASN A 279 -2.81 -38.45 -19.85
C ASN A 279 -3.77 -37.67 -18.97
N GLN A 280 -4.28 -36.53 -19.43
CA GLN A 280 -5.31 -35.81 -18.68
C GLN A 280 -6.70 -36.18 -19.15
N ARG A 281 -6.87 -36.41 -20.45
CA ARG A 281 -8.15 -36.88 -20.99
C ARG A 281 -8.47 -38.28 -20.49
N PHE A 282 -7.45 -39.08 -20.22
CA PHE A 282 -7.62 -40.46 -19.81
C PHE A 282 -6.96 -40.68 -18.44
N LYS A 283 -7.29 -39.82 -17.47
CA LYS A 283 -6.76 -40.01 -16.13
C LYS A 283 -7.28 -41.28 -15.48
N ASP A 284 -8.52 -41.67 -15.80
CA ASP A 284 -9.02 -43.01 -15.50
C ASP A 284 -8.49 -43.99 -16.54
N LYS A 285 -8.94 -45.25 -16.47
CA LYS A 285 -8.75 -46.29 -17.49
C LYS A 285 -7.28 -46.73 -17.65
N LEU A 286 -6.34 -46.05 -17.01
CA LEU A 286 -4.94 -46.11 -17.41
C LEU A 286 -4.09 -45.98 -16.15
N PRO A 287 -3.62 -47.08 -15.59
CA PRO A 287 -2.67 -47.00 -14.49
C PRO A 287 -1.29 -46.63 -15.02
N VAL A 288 -0.50 -45.98 -14.16
CA VAL A 288 0.86 -45.48 -14.37
C VAL A 288 1.01 -44.78 -15.72
N PRO A 289 0.65 -43.48 -15.78
CA PRO A 289 0.61 -42.75 -17.06
C PRO A 289 1.92 -42.78 -17.84
N ILE A 290 1.78 -42.61 -19.15
CA ILE A 290 2.82 -42.91 -20.14
C ILE A 290 4.03 -42.01 -19.96
N PRO A 291 5.21 -42.55 -19.68
CA PRO A 291 6.39 -41.69 -19.60
C PRO A 291 6.89 -41.33 -20.99
N ILE A 292 6.60 -40.10 -21.42
CA ILE A 292 6.91 -39.71 -22.78
C ILE A 292 8.21 -38.90 -22.85
N GLU A 293 8.58 -38.20 -21.78
CA GLU A 293 9.85 -37.51 -21.76
C GLU A 293 11.02 -38.49 -21.65
N PHE A 294 10.77 -39.69 -21.14
CA PHE A 294 11.81 -40.72 -21.13
C PHE A 294 11.90 -41.42 -22.48
N ILE A 295 10.76 -41.74 -23.08
CA ILE A 295 10.73 -42.48 -24.35
C ILE A 295 11.29 -41.63 -25.48
N MET A 296 10.90 -40.35 -25.55
CA MET A 296 11.41 -39.47 -26.58
C MET A 296 12.90 -39.19 -26.42
N THR A 297 13.38 -39.14 -25.17
CA THR A 297 14.81 -38.94 -24.95
C THR A 297 15.61 -40.16 -25.37
N VAL A 298 15.11 -41.36 -25.06
CA VAL A 298 15.77 -42.60 -25.48
C VAL A 298 15.81 -42.70 -27.01
N ILE A 299 14.71 -42.36 -27.67
CA ILE A 299 14.64 -42.42 -29.12
C ILE A 299 15.57 -41.39 -29.77
N ALA A 300 15.59 -40.16 -29.23
CA ALA A 300 16.41 -39.10 -29.82
C ALA A 300 17.90 -39.36 -29.60
N ALA A 301 18.30 -39.78 -28.39
CA ALA A 301 19.69 -40.06 -28.14
C ALA A 301 20.15 -41.36 -28.82
N GLY A 302 19.23 -42.26 -29.14
CA GLY A 302 19.63 -43.45 -29.88
C GLY A 302 19.73 -43.21 -31.36
N VAL A 303 18.92 -42.31 -31.90
CA VAL A 303 19.01 -42.02 -33.34
C VAL A 303 20.11 -41.01 -33.61
N SER A 304 20.49 -40.18 -32.63
CA SER A 304 21.62 -39.28 -32.82
C SER A 304 22.94 -40.03 -32.76
N TYR A 305 23.01 -41.07 -31.95
CA TYR A 305 24.06 -42.07 -32.09
C TYR A 305 23.75 -42.93 -33.30
N GLY A 306 24.77 -43.59 -33.82
CA GLY A 306 24.51 -44.50 -34.94
C GLY A 306 24.38 -43.86 -36.30
N CYS A 307 23.50 -42.87 -36.44
CA CYS A 307 23.42 -42.10 -37.67
C CYS A 307 24.41 -40.94 -37.69
N ASP A 308 25.14 -40.72 -36.59
CA ASP A 308 26.24 -39.76 -36.47
C ASP A 308 25.78 -38.34 -36.78
N PHE A 309 24.89 -37.85 -35.94
CA PHE A 309 24.32 -36.52 -36.15
C PHE A 309 25.31 -35.41 -35.82
N LYS A 310 26.33 -35.70 -35.02
CA LYS A 310 27.31 -34.69 -34.68
C LYS A 310 28.26 -34.39 -35.84
N ASN A 311 28.39 -35.30 -36.79
CA ASN A 311 29.31 -35.12 -37.89
C ASN A 311 28.66 -35.02 -39.25
N ARG A 312 27.49 -35.62 -39.46
CA ARG A 312 26.77 -35.41 -40.71
C ARG A 312 26.21 -34.01 -40.77
N PHE A 313 25.38 -33.65 -39.81
CA PHE A 313 24.99 -32.29 -39.56
C PHE A 313 25.91 -31.73 -38.49
N LYS A 314 25.73 -30.48 -38.11
CA LYS A 314 26.57 -29.90 -37.07
C LYS A 314 25.65 -29.47 -35.94
N VAL A 315 25.30 -30.41 -35.08
CA VAL A 315 24.37 -30.16 -33.99
C VAL A 315 25.15 -30.04 -32.70
N ALA A 316 24.60 -29.29 -31.75
CA ALA A 316 25.19 -29.20 -30.43
C ALA A 316 24.69 -30.35 -29.58
N VAL A 317 25.60 -30.98 -28.85
CA VAL A 317 25.25 -32.12 -28.03
C VAL A 317 25.70 -31.85 -26.60
N VAL A 318 25.05 -32.55 -25.67
CA VAL A 318 25.56 -32.62 -24.30
C VAL A 318 26.88 -33.36 -24.34
N GLY A 319 27.92 -32.76 -23.81
CA GLY A 319 29.26 -33.27 -24.00
C GLY A 319 29.59 -34.48 -23.15
N ASP A 320 30.87 -34.65 -22.88
CA ASP A 320 31.35 -35.68 -21.98
C ASP A 320 31.32 -35.13 -20.57
N MET A 321 30.48 -35.71 -19.71
CA MET A 321 30.46 -35.33 -18.32
C MET A 321 31.40 -36.22 -17.53
N ASN A 322 32.26 -35.63 -16.72
CA ASN A 322 33.18 -36.45 -15.95
C ASN A 322 32.46 -37.03 -14.73
N PRO A 323 32.69 -38.29 -14.40
CA PRO A 323 31.97 -38.92 -13.29
C PRO A 323 32.46 -38.44 -11.95
N GLY A 324 31.55 -38.39 -10.99
CA GLY A 324 31.88 -38.04 -9.62
C GLY A 324 31.38 -36.66 -9.24
N PHE A 325 31.56 -36.35 -7.98
CA PHE A 325 31.18 -35.07 -7.42
C PHE A 325 32.38 -34.13 -7.39
N GLN A 326 32.12 -32.94 -7.06
CA GLN A 326 33.18 -31.96 -6.96
C GLN A 326 33.54 -31.74 -5.49
N PRO A 327 34.78 -31.33 -5.21
CA PRO A 327 35.14 -30.93 -3.84
C PRO A 327 34.41 -29.65 -3.45
N PRO A 328 34.28 -29.37 -2.15
CA PRO A 328 33.54 -28.17 -1.72
C PRO A 328 34.25 -26.89 -2.10
N ILE A 329 33.45 -25.84 -2.26
CA ILE A 329 33.93 -24.54 -2.68
C ILE A 329 33.75 -23.57 -1.51
N THR A 330 34.49 -22.49 -1.56
CA THR A 330 34.32 -21.44 -0.56
C THR A 330 33.62 -20.26 -1.21
N PRO A 331 32.53 -19.76 -0.63
CA PRO A 331 31.78 -18.69 -1.29
C PRO A 331 32.53 -17.37 -1.27
N ASP A 332 32.49 -16.68 -2.40
CA ASP A 332 33.18 -15.41 -2.56
C ASP A 332 32.33 -14.29 -1.98
N VAL A 333 32.92 -13.51 -1.08
CA VAL A 333 32.19 -12.39 -0.50
C VAL A 333 32.11 -11.21 -1.45
N GLU A 334 32.97 -11.14 -2.46
CA GLU A 334 32.83 -10.11 -3.47
C GLU A 334 31.60 -10.35 -4.34
N THR A 335 31.25 -11.61 -4.56
CA THR A 335 29.98 -11.92 -5.21
C THR A 335 28.81 -11.62 -4.28
N PHE A 336 29.01 -11.82 -2.97
CA PHE A 336 27.99 -11.49 -1.98
C PHE A 336 27.73 -9.99 -1.91
N GLN A 337 28.73 -9.17 -2.26
CA GLN A 337 28.59 -7.72 -2.16
C GLN A 337 27.58 -7.18 -3.17
N ASN A 338 27.60 -7.69 -4.40
CA ASN A 338 26.85 -7.07 -5.48
C ASN A 338 25.80 -8.00 -6.08
N THR A 339 25.20 -8.87 -5.26
CA THR A 339 24.08 -9.71 -5.68
C THR A 339 23.01 -9.81 -4.61
N VAL A 340 22.88 -8.80 -3.77
CA VAL A 340 21.97 -8.91 -2.62
C VAL A 340 20.52 -8.76 -3.05
N GLY A 341 20.23 -7.74 -3.86
CA GLY A 341 18.90 -7.53 -4.37
C GLY A 341 18.42 -8.61 -5.31
N ASP A 342 19.35 -9.36 -5.92
CA ASP A 342 18.96 -10.49 -6.72
C ASP A 342 18.63 -11.70 -5.85
N CYS A 343 19.44 -11.92 -4.80
CA CYS A 343 19.25 -13.07 -3.94
C CYS A 343 18.00 -12.96 -3.09
N PHE A 344 17.60 -11.73 -2.73
CA PHE A 344 16.33 -11.54 -2.04
C PHE A 344 15.15 -11.97 -2.89
N GLY A 345 15.15 -11.56 -4.17
CA GLY A 345 14.09 -11.96 -5.07
C GLY A 345 14.09 -13.44 -5.36
N ILE A 346 15.28 -14.05 -5.46
CA ILE A 346 15.38 -15.48 -5.70
C ILE A 346 14.81 -16.27 -4.52
N ALA A 347 15.16 -15.88 -3.30
CA ALA A 347 14.66 -16.55 -2.10
C ALA A 347 13.16 -16.41 -1.96
N MET A 348 12.63 -15.21 -2.21
CA MET A 348 11.19 -15.00 -2.07
C MET A 348 10.39 -15.76 -3.11
N VAL A 349 10.86 -15.76 -4.36
CA VAL A 349 10.15 -16.47 -5.43
C VAL A 349 10.19 -17.97 -5.20
N ALA A 350 11.33 -18.49 -4.73
CA ALA A 350 11.45 -19.93 -4.48
C ALA A 350 10.52 -20.38 -3.35
N PHE A 351 10.47 -19.62 -2.26
CA PHE A 351 9.59 -20.00 -1.16
C PHE A 351 8.11 -19.87 -1.53
N ALA A 352 7.75 -18.82 -2.28
CA ALA A 352 6.35 -18.62 -2.65
C ALA A 352 5.86 -19.73 -3.58
N VAL A 353 6.68 -20.11 -4.57
CA VAL A 353 6.30 -21.18 -5.48
C VAL A 353 6.18 -22.51 -4.74
N ALA A 354 7.14 -22.81 -3.85
CA ALA A 354 7.11 -24.09 -3.14
C ALA A 354 5.93 -24.18 -2.19
N PHE A 355 5.59 -23.09 -1.50
CA PHE A 355 4.47 -23.11 -0.58
C PHE A 355 3.14 -23.22 -1.32
N SER A 356 3.00 -22.53 -2.45
CA SER A 356 1.74 -22.63 -3.20
C SER A 356 1.55 -24.00 -3.82
N VAL A 357 2.63 -24.66 -4.24
CA VAL A 357 2.46 -26.00 -4.80
C VAL A 357 2.20 -27.02 -3.70
N ALA A 358 2.81 -26.85 -2.53
CA ALA A 358 2.60 -27.82 -1.44
C ALA A 358 1.24 -27.67 -0.79
N SER A 359 0.66 -26.47 -0.82
CA SER A 359 -0.64 -26.24 -0.19
C SER A 359 -1.76 -26.98 -0.91
N VAL A 360 -1.62 -27.21 -2.21
CA VAL A 360 -2.64 -27.93 -2.98
C VAL A 360 -2.77 -29.37 -2.49
N TYR A 361 -1.64 -30.06 -2.35
CA TYR A 361 -1.69 -31.44 -1.91
C TYR A 361 -1.95 -31.55 -0.41
N SER A 362 -1.56 -30.53 0.36
CA SER A 362 -1.90 -30.51 1.77
C SER A 362 -3.40 -30.37 1.98
N LEU A 363 -4.07 -29.60 1.12
CA LEU A 363 -5.52 -29.52 1.18
C LEU A 363 -6.17 -30.78 0.63
N LYS A 364 -5.55 -31.39 -0.38
CA LYS A 364 -6.15 -32.56 -1.03
C LYS A 364 -6.08 -33.81 -0.15
N TYR A 365 -5.03 -33.96 0.67
CA TYR A 365 -4.87 -35.17 1.45
C TYR A 365 -5.01 -34.95 2.95
N ASP A 366 -5.32 -33.72 3.38
CA ASP A 366 -5.69 -33.37 4.76
C ASP A 366 -4.57 -33.71 5.75
N TYR A 367 -3.46 -32.98 5.60
CA TYR A 367 -2.40 -33.00 6.60
C TYR A 367 -1.89 -31.57 6.77
N PRO A 368 -1.42 -31.22 7.97
CA PRO A 368 -0.98 -29.83 8.19
C PRO A 368 0.37 -29.52 7.56
N LEU A 369 0.55 -28.25 7.23
CA LEU A 369 1.75 -27.79 6.53
C LEU A 369 2.31 -26.59 7.28
N ASP A 370 3.50 -26.73 7.82
CA ASP A 370 4.15 -25.67 8.57
C ASP A 370 4.87 -24.72 7.61
N GLY A 371 4.47 -23.46 7.59
CA GLY A 371 5.06 -22.51 6.67
C GLY A 371 6.46 -22.06 7.07
N ASN A 372 6.79 -22.13 8.36
CA ASN A 372 8.10 -21.72 8.82
C ASN A 372 9.13 -22.83 8.71
N GLN A 373 8.70 -24.09 8.68
CA GLN A 373 9.62 -25.20 8.52
C GLN A 373 10.04 -25.39 7.08
N GLU A 374 9.18 -24.97 6.14
CA GLU A 374 9.52 -25.01 4.73
C GLU A 374 10.70 -24.10 4.42
N LEU A 375 10.74 -22.93 5.05
CA LEU A 375 11.84 -21.99 4.83
C LEU A 375 13.15 -22.54 5.37
N ILE A 376 13.13 -23.20 6.52
CA ILE A 376 14.34 -23.78 7.09
C ILE A 376 14.84 -24.95 6.24
N ALA A 377 13.91 -25.81 5.77
CA ALA A 377 14.30 -26.94 4.94
C ALA A 377 14.86 -26.50 3.60
N LEU A 378 14.21 -25.53 2.94
CA LEU A 378 14.67 -25.07 1.65
C LEU A 378 15.97 -24.29 1.76
N GLY A 379 16.14 -23.52 2.84
CA GLY A 379 17.39 -22.79 3.03
C GLY A 379 18.56 -23.70 3.32
N LEU A 380 18.36 -24.73 4.14
CA LEU A 380 19.43 -25.69 4.38
C LEU A 380 19.78 -26.47 3.13
N GLY A 381 18.77 -26.85 2.34
CA GLY A 381 19.04 -27.54 1.09
C GLY A 381 19.79 -26.68 0.09
N ASN A 382 19.45 -25.39 0.03
CA ASN A 382 20.14 -24.48 -0.88
C ASN A 382 21.58 -24.21 -0.44
N ILE A 383 21.82 -24.13 0.87
CA ILE A 383 23.18 -23.92 1.37
C ILE A 383 24.06 -25.13 1.06
N VAL A 384 23.56 -26.33 1.34
CA VAL A 384 24.33 -27.54 1.07
C VAL A 384 24.51 -27.75 -0.44
N CYS A 385 23.53 -27.35 -1.24
CA CYS A 385 23.67 -27.47 -2.69
C CYS A 385 24.69 -26.47 -3.24
N GLY A 386 24.70 -25.26 -2.71
CA GLY A 386 25.64 -24.26 -3.20
C GLY A 386 27.07 -24.46 -2.74
N VAL A 387 27.28 -25.15 -1.61
CA VAL A 387 28.64 -25.48 -1.21
C VAL A 387 29.25 -26.48 -2.18
N PHE A 388 28.48 -27.48 -2.61
CA PHE A 388 28.97 -28.50 -3.55
C PHE A 388 28.68 -28.16 -5.00
N ARG A 389 28.62 -26.86 -5.34
CA ARG A 389 28.65 -26.32 -6.70
C ARG A 389 27.40 -26.63 -7.51
N GLY A 390 26.25 -26.82 -6.86
CA GLY A 390 24.99 -26.81 -7.56
C GLY A 390 24.42 -25.40 -7.61
N PHE A 391 23.23 -25.28 -8.19
CA PHE A 391 22.54 -24.00 -8.18
C PHE A 391 21.17 -24.16 -7.53
N ALA A 392 20.54 -23.02 -7.26
CA ALA A 392 19.41 -22.93 -6.35
C ALA A 392 18.15 -23.55 -6.96
N GLY A 393 17.21 -23.87 -6.09
CA GLY A 393 15.94 -24.39 -6.54
C GLY A 393 15.00 -24.72 -5.40
N SER A 394 13.77 -25.02 -5.79
CA SER A 394 12.68 -25.49 -4.94
C SER A 394 11.85 -26.42 -5.82
N THR A 395 10.60 -26.68 -5.46
CA THR A 395 9.83 -27.61 -6.25
C THR A 395 9.45 -27.05 -7.62
N ALA A 396 9.22 -27.97 -8.55
CA ALA A 396 8.65 -27.66 -9.85
C ALA A 396 7.26 -28.26 -9.91
N LEU A 397 6.36 -27.59 -10.62
CA LEU A 397 4.95 -28.01 -10.62
C LEU A 397 4.76 -29.27 -11.44
N SER A 398 5.48 -29.40 -12.56
CA SER A 398 5.31 -30.56 -13.42
C SER A 398 5.93 -31.82 -12.81
N ARG A 399 7.09 -31.68 -12.16
CA ARG A 399 7.73 -32.82 -11.53
C ARG A 399 6.96 -33.27 -10.31
N SER A 400 6.38 -32.33 -9.56
CA SER A 400 5.55 -32.69 -8.42
C SER A 400 4.26 -33.36 -8.87
N ALA A 401 3.71 -32.93 -10.01
CA ALA A 401 2.53 -33.59 -10.54
C ALA A 401 2.84 -35.00 -11.04
N VAL A 402 4.06 -35.21 -11.57
CA VAL A 402 4.48 -36.55 -11.97
C VAL A 402 4.65 -37.44 -10.75
N GLN A 403 5.22 -36.90 -9.67
CA GLN A 403 5.40 -37.69 -8.46
C GLN A 403 4.09 -38.01 -7.78
N GLU A 404 3.12 -37.09 -7.81
CA GLU A 404 1.85 -37.34 -7.15
C GLU A 404 0.94 -38.24 -7.99
N SER A 405 0.92 -38.07 -9.31
CA SER A 405 0.00 -38.83 -10.14
C SER A 405 0.46 -40.26 -10.37
N THR A 406 1.66 -40.64 -9.95
CA THR A 406 2.12 -42.01 -10.08
C THR A 406 1.84 -42.82 -8.82
N GLY A 407 1.52 -42.16 -7.72
CA GLY A 407 1.17 -42.87 -6.50
C GLY A 407 2.09 -42.55 -5.34
N GLY A 408 2.71 -41.37 -5.37
CA GLY A 408 3.64 -41.00 -4.32
C GLY A 408 2.90 -40.71 -3.04
N LYS A 409 3.22 -41.46 -1.98
CA LYS A 409 2.55 -41.31 -0.71
C LYS A 409 3.34 -40.48 0.29
N THR A 410 4.66 -40.51 0.22
CA THR A 410 5.50 -39.79 1.18
C THR A 410 6.81 -39.41 0.50
N GLN A 411 7.79 -39.00 1.28
CA GLN A 411 9.07 -38.54 0.76
C GLN A 411 10.09 -39.64 0.61
N ILE A 412 9.68 -40.91 0.63
CA ILE A 412 10.57 -41.98 0.21
C ILE A 412 10.74 -41.97 -1.30
N ALA A 413 9.73 -41.45 -2.01
CA ALA A 413 9.83 -41.30 -3.46
C ALA A 413 10.89 -40.28 -3.85
N GLY A 414 11.03 -39.22 -3.06
CA GLY A 414 12.13 -38.29 -3.28
C GLY A 414 13.48 -38.90 -3.01
N LEU A 415 13.56 -39.81 -2.04
CA LEU A 415 14.81 -40.51 -1.77
C LEU A 415 15.19 -41.44 -2.92
N ILE A 416 14.22 -42.13 -3.50
CA ILE A 416 14.54 -43.01 -4.62
C ILE A 416 14.85 -42.22 -5.89
N GLY A 417 14.22 -41.05 -6.06
CA GLY A 417 14.62 -40.17 -7.14
C GLY A 417 16.03 -39.66 -7.00
N ALA A 418 16.44 -39.30 -5.78
CA ALA A 418 17.82 -38.91 -5.54
C ALA A 418 18.79 -40.06 -5.73
N ILE A 419 18.37 -41.30 -5.44
CA ILE A 419 19.21 -42.47 -5.68
C ILE A 419 19.44 -42.66 -7.18
N ILE A 420 18.42 -42.42 -7.99
CA ILE A 420 18.58 -42.55 -9.44
C ILE A 420 19.46 -41.45 -10.01
N VAL A 421 19.33 -40.23 -9.47
CA VAL A 421 20.23 -39.13 -9.87
C VAL A 421 21.68 -39.45 -9.50
N LEU A 422 21.88 -40.06 -8.33
CA LEU A 422 23.22 -40.47 -7.91
C LEU A 422 23.79 -41.55 -8.80
N ILE A 423 22.97 -42.51 -9.22
CA ILE A 423 23.47 -43.57 -10.09
C ILE A 423 23.71 -43.07 -11.50
N VAL A 424 23.11 -41.94 -11.90
CA VAL A 424 23.47 -41.34 -13.18
C VAL A 424 24.78 -40.58 -13.06
N VAL A 425 24.99 -39.88 -11.95
CA VAL A 425 26.22 -39.11 -11.74
C VAL A 425 27.44 -40.03 -11.63
N LEU A 426 27.32 -41.12 -10.87
CA LEU A 426 28.50 -41.94 -10.61
C LEU A 426 28.79 -42.93 -11.73
N ALA A 427 27.76 -43.50 -12.37
CA ALA A 427 27.98 -44.70 -13.17
C ALA A 427 27.67 -44.52 -14.65
N ILE A 428 26.47 -44.05 -15.01
CA ILE A 428 26.01 -44.17 -16.39
C ILE A 428 25.88 -42.81 -17.06
N GLY A 429 26.76 -41.88 -16.69
CA GLY A 429 26.81 -40.63 -17.41
C GLY A 429 27.50 -40.67 -18.76
N PHE A 430 28.02 -41.84 -19.18
CA PHE A 430 28.56 -41.96 -20.52
C PHE A 430 27.47 -42.11 -21.57
N LEU A 431 26.29 -42.57 -21.18
CA LEU A 431 25.08 -42.32 -21.94
C LEU A 431 24.70 -40.84 -21.79
N LEU A 432 23.71 -40.42 -22.57
CA LEU A 432 23.28 -39.02 -22.73
C LEU A 432 24.38 -38.11 -23.26
N ALA A 433 25.45 -38.66 -23.79
CA ALA A 433 26.45 -37.92 -24.57
C ALA A 433 26.02 -37.66 -26.01
N PRO A 434 25.29 -38.53 -26.71
CA PRO A 434 24.70 -38.09 -27.99
C PRO A 434 23.37 -37.36 -27.87
N LEU A 435 22.95 -36.90 -26.69
CA LEU A 435 21.69 -36.17 -26.60
C LEU A 435 21.85 -34.77 -27.19
N GLN A 436 20.83 -34.32 -27.92
CA GLN A 436 21.01 -33.35 -28.99
C GLN A 436 20.76 -31.91 -28.57
N LYS A 437 20.55 -31.63 -27.27
CA LYS A 437 20.57 -30.30 -26.67
C LYS A 437 19.48 -29.33 -27.14
N SER A 438 18.70 -29.72 -28.15
CA SER A 438 17.46 -29.04 -28.50
C SER A 438 16.26 -29.91 -28.21
N VAL A 439 16.47 -31.22 -28.04
CA VAL A 439 15.48 -32.07 -27.40
C VAL A 439 15.27 -31.64 -25.96
N LEU A 440 16.36 -31.27 -25.29
CA LEU A 440 16.26 -30.76 -23.92
C LEU A 440 15.57 -29.41 -23.86
N ALA A 441 15.70 -28.59 -24.90
CA ALA A 441 14.97 -27.34 -24.94
C ALA A 441 13.52 -27.55 -25.32
N ALA A 442 13.22 -28.59 -26.09
CA ALA A 442 11.84 -28.85 -26.48
C ALA A 442 11.07 -29.54 -25.36
N LEU A 443 11.77 -30.23 -24.45
CA LEU A 443 11.07 -30.81 -23.30
C LEU A 443 10.65 -29.75 -22.30
N ALA A 444 11.40 -28.65 -22.21
CA ALA A 444 11.04 -27.58 -21.30
C ALA A 444 9.91 -26.71 -21.81
N LEU A 445 9.62 -26.76 -23.11
CA LEU A 445 8.52 -26.01 -23.69
C LEU A 445 7.19 -26.75 -23.61
N GLY A 446 7.21 -28.04 -23.26
CA GLY A 446 5.97 -28.78 -23.15
C GLY A 446 5.17 -28.47 -21.91
N ASN A 447 5.73 -27.74 -20.97
CA ASN A 447 5.04 -27.37 -19.74
C ASN A 447 4.61 -25.91 -19.72
N LEU A 448 4.50 -25.28 -20.88
CA LEU A 448 4.11 -23.88 -20.97
C LEU A 448 2.64 -23.68 -21.31
N LYS A 449 1.88 -24.77 -21.47
CA LYS A 449 0.49 -24.65 -21.91
C LYS A 449 -0.38 -24.03 -20.82
N GLY A 450 -0.24 -24.50 -19.58
CA GLY A 450 -1.07 -24.00 -18.50
C GLY A 450 -0.71 -22.58 -18.08
N MET A 451 0.52 -22.15 -18.36
CA MET A 451 0.90 -20.78 -18.06
C MET A 451 0.47 -19.82 -19.16
N LEU A 452 0.48 -20.26 -20.41
CA LEU A 452 0.07 -19.41 -21.52
C LEU A 452 -1.43 -19.38 -21.71
N MET A 453 -2.17 -20.35 -21.15
CA MET A 453 -3.61 -20.32 -21.20
C MET A 453 -4.23 -19.30 -20.25
N GLN A 454 -3.42 -18.62 -19.44
CA GLN A 454 -3.90 -17.59 -18.54
C GLN A 454 -4.02 -16.22 -19.19
N PHE A 455 -3.87 -16.15 -20.51
CA PHE A 455 -4.18 -14.92 -21.22
C PHE A 455 -5.67 -14.66 -21.28
N ALA A 456 -6.49 -15.68 -21.09
CA ALA A 456 -7.94 -15.52 -21.01
C ALA A 456 -8.39 -15.22 -19.59
N GLU A 457 -7.71 -14.27 -18.96
CA GLU A 457 -8.09 -13.76 -17.66
C GLU A 457 -8.21 -12.25 -17.65
N ILE A 458 -7.74 -11.57 -18.69
CA ILE A 458 -8.03 -10.15 -18.83
C ILE A 458 -9.50 -9.94 -19.10
N GLY A 459 -10.10 -10.75 -19.96
CA GLY A 459 -11.50 -10.61 -20.27
C GLY A 459 -12.41 -11.05 -19.15
N ARG A 460 -11.98 -12.03 -18.35
CA ARG A 460 -12.77 -12.45 -17.21
C ARG A 460 -12.72 -11.42 -16.10
N LEU A 461 -11.52 -10.90 -15.80
CA LEU A 461 -11.38 -9.91 -14.74
C LEU A 461 -11.87 -8.54 -15.16
N TRP A 462 -12.06 -8.30 -16.46
CA TRP A 462 -12.56 -7.00 -16.90
C TRP A 462 -14.00 -6.80 -16.50
N ARG A 463 -14.81 -7.83 -16.59
CA ARG A 463 -16.23 -7.71 -16.30
C ARG A 463 -16.58 -8.10 -14.87
N LYS A 464 -15.58 -8.27 -14.00
CA LYS A 464 -15.83 -8.64 -12.62
C LYS A 464 -15.39 -7.57 -11.63
N ASP A 465 -14.13 -7.14 -11.65
CA ASP A 465 -13.67 -6.19 -10.65
C ASP A 465 -13.17 -4.87 -11.21
N LYS A 466 -12.32 -4.92 -12.25
CA LYS A 466 -11.61 -3.79 -12.91
C LYS A 466 -10.53 -3.15 -12.04
N TYR A 467 -10.41 -3.54 -10.78
CA TYR A 467 -9.24 -3.19 -10.00
C TYR A 467 -8.20 -4.30 -10.00
N ASP A 468 -8.62 -5.52 -10.28
CA ASP A 468 -7.72 -6.64 -10.44
C ASP A 468 -7.28 -6.85 -11.88
N CYS A 469 -8.07 -6.38 -12.85
CA CYS A 469 -7.60 -6.30 -14.22
C CYS A 469 -6.42 -5.36 -14.35
N LEU A 470 -6.47 -4.25 -13.61
CA LEU A 470 -5.37 -3.30 -13.58
C LEU A 470 -4.11 -3.91 -12.96
N ILE A 471 -4.29 -4.71 -11.91
CA ILE A 471 -3.18 -5.41 -11.28
C ILE A 471 -2.56 -6.42 -12.23
N TRP A 472 -3.41 -7.14 -12.98
CA TRP A 472 -2.93 -8.09 -13.99
C TRP A 472 -2.10 -7.40 -15.06
N ILE A 473 -2.63 -6.32 -15.61
CA ILE A 473 -1.96 -5.66 -16.73
C ILE A 473 -0.66 -4.98 -16.27
N MET A 474 -0.67 -4.38 -15.09
CA MET A 474 0.56 -3.74 -14.60
C MET A 474 1.61 -4.77 -14.20
N THR A 475 1.20 -5.93 -13.68
CA THR A 475 2.17 -6.98 -13.38
C THR A 475 2.79 -7.55 -14.64
N PHE A 476 1.98 -7.75 -15.69
CA PHE A 476 2.51 -8.22 -16.96
C PHE A 476 3.48 -7.22 -17.57
N ILE A 477 3.14 -5.93 -17.55
CA ILE A 477 3.98 -4.93 -18.18
C ILE A 477 5.27 -4.72 -17.40
N PHE A 478 5.19 -4.70 -16.06
CA PHE A 478 6.38 -4.54 -15.24
C PHE A 478 7.32 -5.74 -15.35
N THR A 479 6.77 -6.95 -15.45
CA THR A 479 7.62 -8.12 -15.56
C THR A 479 8.26 -8.24 -16.94
N ILE A 480 7.53 -7.85 -18.00
CA ILE A 480 8.11 -7.90 -19.33
C ILE A 480 9.19 -6.83 -19.49
N VAL A 481 8.92 -5.61 -19.01
CA VAL A 481 9.82 -4.50 -19.28
C VAL A 481 10.98 -4.48 -18.31
N LEU A 482 10.73 -4.67 -17.02
CA LEU A 482 11.79 -4.52 -16.02
C LEU A 482 12.50 -5.82 -15.67
N GLY A 483 11.93 -6.97 -16.02
CA GLY A 483 12.55 -8.24 -15.68
C GLY A 483 11.86 -8.93 -14.52
N LEU A 484 12.35 -10.13 -14.21
CA LEU A 484 11.68 -10.99 -13.25
C LEU A 484 11.92 -10.56 -11.81
N GLY A 485 13.06 -9.96 -11.50
CA GLY A 485 13.35 -9.59 -10.13
C GLY A 485 12.77 -8.27 -9.70
N LEU A 486 12.94 -7.24 -10.53
CA LEU A 486 12.47 -5.91 -10.18
C LEU A 486 11.01 -5.70 -10.53
N GLY A 487 10.50 -6.44 -11.51
CA GLY A 487 9.10 -6.33 -11.87
C GLY A 487 8.16 -6.84 -10.80
N LEU A 488 8.58 -7.86 -10.05
CA LEU A 488 7.76 -8.34 -8.93
C LEU A 488 7.72 -7.31 -7.81
N ALA A 489 8.85 -6.67 -7.53
CA ALA A 489 8.91 -5.64 -6.50
C ALA A 489 8.08 -4.42 -6.88
N ALA A 490 8.03 -4.08 -8.18
CA ALA A 490 7.17 -2.98 -8.60
C ALA A 490 5.69 -3.37 -8.54
N SER A 491 5.39 -4.63 -8.86
CA SER A 491 4.01 -5.09 -8.91
C SER A 491 3.38 -5.16 -7.53
N VAL A 492 4.17 -5.54 -6.51
CA VAL A 492 3.66 -5.59 -5.14
C VAL A 492 3.30 -4.19 -4.65
N ALA A 493 4.11 -3.20 -5.01
CA ALA A 493 3.83 -1.82 -4.61
C ALA A 493 2.59 -1.27 -5.32
N PHE A 494 2.41 -1.60 -6.61
CA PHE A 494 1.21 -1.14 -7.29
C PHE A 494 -0.05 -1.82 -6.75
N GLN A 495 0.07 -3.10 -6.39
CA GLN A 495 -1.05 -3.82 -5.79
C GLN A 495 -1.42 -3.23 -4.44
N LEU A 496 -0.44 -2.72 -3.69
CA LEU A 496 -0.76 -1.97 -2.48
C LEU A 496 -1.38 -0.60 -2.78
N LEU A 497 -1.03 0.02 -3.91
CA LEU A 497 -1.72 1.26 -4.29
C LEU A 497 -3.19 1.05 -4.60
N THR A 498 -3.56 -0.10 -5.16
CA THR A 498 -4.96 -0.32 -5.53
C THR A 498 -5.89 -0.39 -4.31
N ILE A 499 -5.37 -0.73 -3.13
CA ILE A 499 -6.18 -0.72 -1.92
C ILE A 499 -6.56 0.70 -1.55
N VAL A 500 -5.63 1.65 -1.72
CA VAL A 500 -5.94 3.05 -1.50
C VAL A 500 -6.86 3.57 -2.60
N PHE A 501 -6.71 3.06 -3.84
CA PHE A 501 -7.58 3.46 -4.93
C PHE A 501 -9.03 3.04 -4.69
N ARG A 502 -9.24 1.90 -4.02
CA ARG A 502 -10.59 1.43 -3.76
C ARG A 502 -11.33 2.29 -2.75
N THR A 503 -10.63 3.06 -1.92
CA THR A 503 -11.25 3.76 -0.80
C THR A 503 -10.98 5.26 -0.82
N GLN A 504 -10.59 5.82 -1.96
CA GLN A 504 -10.33 7.25 -2.03
C GLN A 504 -11.62 8.07 -1.98
N PHE A 505 -12.56 7.74 -2.86
CA PHE A 505 -13.82 8.46 -2.99
C PHE A 505 -14.97 7.51 -2.72
N PRO A 506 -15.29 7.24 -1.45
CA PRO A 506 -16.41 6.35 -1.18
C PRO A 506 -17.75 7.03 -1.45
N LYS A 507 -18.73 6.22 -1.84
CA LYS A 507 -20.04 6.74 -2.20
C LYS A 507 -20.82 7.02 -0.92
N CYS A 508 -20.68 8.23 -0.41
CA CYS A 508 -21.39 8.63 0.80
C CYS A 508 -22.80 9.08 0.47
N SER A 509 -23.75 8.73 1.33
CA SER A 509 -25.16 8.95 1.05
C SER A 509 -25.88 9.41 2.30
N THR A 510 -27.08 9.94 2.11
CA THR A 510 -27.98 10.30 3.20
C THR A 510 -29.10 9.27 3.27
N LEU A 511 -29.58 9.01 4.48
CA LEU A 511 -30.55 7.96 4.70
C LEU A 511 -31.91 8.54 5.09
N ALA A 512 -32.94 7.72 4.95
CA ALA A 512 -34.29 8.08 5.33
C ALA A 512 -35.06 6.83 5.71
N ASN A 513 -36.22 7.03 6.33
CA ASN A 513 -36.98 5.95 6.94
C ASN A 513 -38.02 5.41 5.97
N ILE A 514 -38.11 4.08 5.85
CA ILE A 514 -39.07 3.43 4.97
C ILE A 514 -40.07 2.65 5.82
N GLY A 515 -41.35 2.93 5.63
CA GLY A 515 -42.40 2.11 6.21
C GLY A 515 -42.75 2.40 7.64
N ARG A 516 -42.24 3.50 8.21
CA ARG A 516 -42.50 3.94 9.59
C ARG A 516 -42.12 2.87 10.61
N THR A 517 -40.92 2.31 10.42
CA THR A 517 -40.37 1.24 11.25
C THR A 517 -38.92 1.58 11.50
N ASN A 518 -38.10 0.60 11.90
CA ASN A 518 -36.70 0.86 12.21
C ASN A 518 -35.78 0.51 11.04
N ILE A 519 -36.19 0.74 9.81
CA ILE A 519 -35.37 0.47 8.63
C ILE A 519 -35.01 1.80 7.97
N TYR A 520 -33.72 2.01 7.75
CA TYR A 520 -33.23 3.26 7.17
C TYR A 520 -32.33 2.95 5.99
N LYS A 521 -32.72 3.40 4.80
CA LYS A 521 -31.96 3.14 3.58
C LYS A 521 -31.76 4.43 2.81
N ASN A 522 -31.15 4.29 1.64
CA ASN A 522 -30.69 5.43 0.84
C ASN A 522 -31.86 6.27 0.35
N LYS A 523 -31.69 7.58 0.48
CA LYS A 523 -32.77 8.55 0.26
C LYS A 523 -33.18 8.65 -1.21
N LYS A 524 -32.30 8.27 -2.13
CA LYS A 524 -32.59 8.38 -3.55
C LYS A 524 -33.19 7.12 -4.15
N ASP A 525 -33.34 6.05 -3.37
CA ASP A 525 -33.58 4.73 -3.95
C ASP A 525 -35.02 4.28 -3.91
N TYR A 526 -35.84 4.79 -3.00
CA TYR A 526 -37.20 4.32 -2.84
C TYR A 526 -38.15 5.50 -2.96
N TYR A 527 -39.46 5.24 -2.87
CA TYR A 527 -40.43 6.24 -3.29
C TYR A 527 -41.02 7.07 -2.17
N ASP A 528 -41.54 6.46 -1.11
CA ASP A 528 -42.24 7.26 -0.10
C ASP A 528 -41.51 7.28 1.23
N MET A 529 -40.21 7.53 1.18
CA MET A 529 -39.40 7.57 2.37
C MET A 529 -39.66 8.83 3.18
N TYR A 530 -39.69 8.68 4.50
CA TYR A 530 -39.89 9.76 5.42
C TYR A 530 -38.57 10.23 6.01
N GLU A 531 -38.48 11.52 6.25
CA GLU A 531 -37.29 12.10 6.84
C GLU A 531 -37.74 13.10 7.90
N PRO A 532 -37.34 12.92 9.16
CA PRO A 532 -37.88 13.77 10.23
C PRO A 532 -37.36 15.20 10.13
N GLU A 533 -38.16 16.12 10.68
CA GLU A 533 -37.92 17.54 10.49
C GLU A 533 -36.72 17.98 11.32
N GLY A 534 -35.66 18.43 10.64
CA GLY A 534 -34.47 18.91 11.29
C GLY A 534 -33.41 17.88 11.55
N VAL A 535 -33.61 16.64 11.12
CA VAL A 535 -32.66 15.56 11.36
C VAL A 535 -32.02 15.19 10.03
N LYS A 536 -30.71 14.96 10.05
CA LYS A 536 -29.96 14.54 8.87
C LYS A 536 -29.13 13.33 9.23
N ILE A 537 -29.30 12.24 8.48
CA ILE A 537 -28.58 11.00 8.70
C ILE A 537 -27.59 10.82 7.55
N PHE A 538 -26.33 10.57 7.88
CA PHE A 538 -25.27 10.54 6.89
C PHE A 538 -24.43 9.30 7.07
N ARG A 539 -24.14 8.59 5.98
CA ARG A 539 -23.44 7.33 6.03
C ARG A 539 -22.20 7.36 5.15
N CYS A 540 -21.07 6.95 5.70
CA CYS A 540 -19.83 6.74 4.95
C CYS A 540 -19.47 5.27 4.98
N PRO A 541 -19.50 4.56 3.86
CA PRO A 541 -19.36 3.10 3.87
C PRO A 541 -17.92 2.61 3.71
N SER A 542 -17.00 3.16 4.51
CA SER A 542 -15.58 2.88 4.32
C SER A 542 -14.85 3.26 5.59
N PRO A 543 -13.70 2.65 5.88
CA PRO A 543 -12.85 3.18 6.94
C PRO A 543 -12.26 4.51 6.55
N ILE A 544 -12.13 5.40 7.53
CA ILE A 544 -11.70 6.76 7.29
C ILE A 544 -10.25 6.88 7.76
N TYR A 545 -9.36 7.24 6.84
CA TYR A 545 -7.93 7.33 7.14
C TYR A 545 -7.43 8.58 6.43
N PHE A 546 -6.10 8.69 6.27
CA PHE A 546 -5.48 9.94 5.83
C PHE A 546 -5.83 10.31 4.41
N ALA A 547 -6.07 9.33 3.54
CA ALA A 547 -6.40 9.59 2.15
C ALA A 547 -7.89 9.77 1.93
N ASN A 548 -8.64 9.99 3.01
CA ASN A 548 -10.09 9.86 2.97
C ASN A 548 -10.83 10.98 3.69
N ILE A 549 -10.16 11.77 4.52
CA ILE A 549 -10.88 12.60 5.49
C ILE A 549 -11.32 13.94 4.90
N GLY A 550 -10.57 14.50 3.96
CA GLY A 550 -11.00 15.73 3.30
C GLY A 550 -12.19 15.49 2.39
N PHE A 551 -12.22 14.34 1.73
CA PHE A 551 -13.37 13.95 0.93
C PHE A 551 -14.61 13.76 1.79
N PHE A 552 -14.43 13.16 2.98
CA PHE A 552 -15.52 12.97 3.93
C PHE A 552 -16.07 14.30 4.41
N ARG A 553 -15.19 15.25 4.74
CA ARG A 553 -15.64 16.55 5.22
C ARG A 553 -16.35 17.33 4.12
N ARG A 554 -15.84 17.25 2.89
CA ARG A 554 -16.47 17.93 1.76
C ARG A 554 -17.86 17.36 1.47
N LYS A 555 -17.97 16.03 1.44
CA LYS A 555 -19.26 15.41 1.16
C LYS A 555 -20.25 15.62 2.29
N LEU A 556 -19.76 15.71 3.53
CA LEU A 556 -20.66 15.96 4.65
C LEU A 556 -21.19 17.39 4.63
N ILE A 557 -20.33 18.38 4.35
CA ILE A 557 -20.86 19.74 4.35
C ILE A 557 -21.58 20.10 3.06
N ASP A 558 -21.48 19.29 2.01
CA ASP A 558 -22.40 19.47 0.89
C ASP A 558 -23.69 18.67 1.05
N ALA A 559 -23.69 17.62 1.88
CA ALA A 559 -24.91 16.88 2.13
C ALA A 559 -25.82 17.56 3.15
N VAL A 560 -25.28 18.44 3.97
CA VAL A 560 -26.05 19.07 5.03
C VAL A 560 -26.56 20.44 4.62
N GLY A 561 -25.98 21.06 3.60
CA GLY A 561 -26.51 22.26 3.00
C GLY A 561 -25.71 23.51 3.25
N PHE A 562 -24.75 23.49 4.18
CA PHE A 562 -24.03 24.71 4.56
C PHE A 562 -22.69 24.31 5.15
N SER A 563 -21.92 25.30 5.56
CA SER A 563 -20.68 25.10 6.26
C SER A 563 -20.81 25.67 7.66
N PRO A 564 -20.50 24.90 8.71
CA PRO A 564 -20.73 25.40 10.08
C PRO A 564 -19.74 26.47 10.51
N LEU A 565 -18.54 26.49 9.96
CA LEU A 565 -17.56 27.49 10.34
C LEU A 565 -17.94 28.87 9.81
N ARG A 566 -18.51 28.92 8.61
CA ARG A 566 -18.92 30.18 8.01
C ARG A 566 -20.08 30.82 8.78
N ILE A 567 -21.04 30.00 9.20
CA ILE A 567 -22.17 30.55 9.95
C ILE A 567 -21.77 30.87 11.39
N LEU A 568 -20.77 30.17 11.94
CA LEU A 568 -20.22 30.59 13.23
C LEU A 568 -19.54 31.95 13.14
N ARG A 569 -18.80 32.19 12.05
CA ARG A 569 -18.14 33.48 11.86
C ARG A 569 -19.13 34.60 11.65
N LYS A 570 -20.21 34.35 10.90
CA LYS A 570 -21.22 35.38 10.71
C LYS A 570 -22.00 35.67 11.99
N ARG A 571 -22.23 34.64 12.81
CA ARG A 571 -22.88 34.88 14.11
C ARG A 571 -21.98 35.69 15.03
N ASN A 572 -20.68 35.46 15.00
CA ASN A 572 -19.76 36.23 15.84
C ASN A 572 -19.67 37.68 15.38
N LYS A 573 -19.72 37.92 14.06
CA LYS A 573 -19.75 39.28 13.54
C LYS A 573 -21.02 40.01 13.96
N ALA A 574 -22.17 39.34 13.88
CA ALA A 574 -23.42 39.94 14.32
C ALA A 574 -23.42 40.24 15.81
N LEU A 575 -22.81 39.36 16.61
CA LEU A 575 -22.74 39.60 18.04
C LEU A 575 -21.82 40.76 18.37
N ARG A 576 -20.73 40.93 17.61
CA ARG A 576 -19.83 42.06 17.83
C ARG A 576 -20.51 43.38 17.49
N LYS A 577 -21.28 43.41 16.39
CA LYS A 577 -22.02 44.62 16.06
C LYS A 577 -23.12 44.91 17.08
N ILE A 578 -23.74 43.86 17.64
CA ILE A 578 -24.76 44.05 18.65
C ILE A 578 -24.17 44.63 19.93
N ARG A 579 -23.01 44.13 20.36
CA ARG A 579 -22.36 44.68 21.54
C ARG A 579 -21.88 46.10 21.33
N LYS A 580 -21.38 46.41 20.12
CA LYS A 580 -20.91 47.75 19.82
C LYS A 580 -22.04 48.76 19.81
N LEU A 581 -23.20 48.38 19.24
CA LEU A 581 -24.36 49.27 19.34
C LEU A 581 -24.94 49.31 20.74
N GLN A 582 -24.71 48.26 21.54
CA GLN A 582 -25.29 48.20 22.87
C GLN A 582 -24.58 49.13 23.84
N LYS A 583 -23.25 49.09 23.89
CA LYS A 583 -22.60 49.88 24.94
C LYS A 583 -22.36 51.33 24.50
N GLN A 584 -22.84 51.71 23.31
CA GLN A 584 -23.10 53.12 23.03
C GLN A 584 -24.40 53.61 23.64
N GLY A 585 -25.18 52.71 24.25
CA GLY A 585 -26.47 53.08 24.79
C GLY A 585 -27.54 53.31 23.75
N LEU A 586 -27.36 52.79 22.54
CA LEU A 586 -28.38 53.01 21.52
C LEU A 586 -29.54 52.04 21.68
N LEU A 587 -29.32 50.75 21.49
CA LEU A 587 -30.39 49.77 21.55
C LEU A 587 -30.61 49.35 23.00
N GLN A 588 -31.87 49.26 23.40
CA GLN A 588 -32.21 48.88 24.76
C GLN A 588 -32.02 47.38 24.93
N VAL A 589 -31.80 46.94 26.16
CA VAL A 589 -31.74 45.52 26.45
C VAL A 589 -32.76 45.18 27.53
N THR A 590 -33.60 44.21 27.24
CA THR A 590 -34.68 43.74 28.11
C THR A 590 -34.47 42.27 28.40
N PRO A 591 -35.13 41.75 29.45
CA PRO A 591 -35.24 40.29 29.58
C PRO A 591 -36.08 39.62 28.49
N LYS A 592 -36.88 40.38 27.75
CA LYS A 592 -37.67 39.84 26.64
C LYS A 592 -38.00 41.00 25.70
N GLY A 593 -37.50 40.93 24.47
CA GLY A 593 -37.94 41.86 23.44
C GLY A 593 -36.96 42.52 22.49
N PHE A 594 -35.77 42.95 22.96
CA PHE A 594 -34.81 43.77 22.18
C PHE A 594 -35.46 44.99 21.53
N ILE A 595 -35.92 45.91 22.37
CA ILE A 595 -36.47 47.17 21.86
C ILE A 595 -35.35 48.06 21.36
N CYS A 596 -35.54 48.63 20.17
CA CYS A 596 -34.54 49.48 19.53
C CYS A 596 -34.82 50.94 19.86
N THR A 597 -33.94 51.83 19.38
CA THR A 597 -34.15 53.26 19.51
C THR A 597 -34.32 53.96 18.18
N VAL A 598 -33.38 53.80 17.24
CA VAL A 598 -33.46 54.46 15.95
C VAL A 598 -33.78 53.43 14.88
N ASP A 599 -34.17 53.93 13.71
CA ASP A 599 -34.54 53.05 12.61
C ASP A 599 -33.32 52.53 11.87
N THR A 600 -32.45 53.43 11.45
CA THR A 600 -31.28 53.08 10.64
C THR A 600 -30.03 53.67 11.27
N ILE A 601 -28.93 52.92 11.19
CA ILE A 601 -27.62 53.44 11.57
C ILE A 601 -26.81 53.57 10.29
N LYS A 602 -25.55 53.99 10.41
CA LYS A 602 -24.70 54.24 9.24
C LYS A 602 -24.34 52.98 8.46
N ASP A 603 -24.55 51.79 9.05
CA ASP A 603 -24.41 50.48 8.38
C ASP A 603 -23.00 50.26 7.83
N SER A 604 -22.03 50.38 8.73
CA SER A 604 -20.68 50.03 8.37
C SER A 604 -20.53 48.52 8.26
N ASP A 605 -19.41 48.10 7.67
CA ASP A 605 -19.11 46.71 7.42
C ASP A 605 -17.76 46.38 8.03
N GLU A 606 -17.62 46.72 9.32
CA GLU A 606 -16.36 46.89 10.05
C GLU A 606 -15.36 45.76 9.83
N GLU A 607 -14.19 46.14 9.33
CA GLU A 607 -13.18 45.19 8.90
C GLU A 607 -12.08 45.12 9.95
N LEU A 608 -11.85 43.93 10.46
CA LEU A 608 -10.80 43.70 11.44
C LEU A 608 -9.67 42.93 10.76
N ASP A 609 -8.45 43.34 11.05
CA ASP A 609 -7.28 42.97 10.26
C ASP A 609 -6.82 41.56 10.59
N ASN A 610 -5.68 41.16 10.02
CA ASN A 610 -4.98 39.98 10.47
C ASN A 610 -4.44 40.22 11.87
N ASN A 611 -4.10 39.12 12.55
CA ASN A 611 -3.78 38.98 13.97
C ASN A 611 -4.98 39.19 14.88
N GLN A 612 -6.16 39.45 14.31
CA GLN A 612 -7.40 39.58 15.04
C GLN A 612 -8.56 38.84 14.41
N ILE A 613 -8.41 38.31 13.19
CA ILE A 613 -9.51 37.67 12.50
C ILE A 613 -9.88 36.33 13.10
N GLU A 614 -9.02 35.76 13.95
CA GLU A 614 -9.29 34.46 14.54
C GLU A 614 -10.01 34.56 15.88
N VAL A 615 -10.57 35.73 16.21
CA VAL A 615 -11.52 35.81 17.33
C VAL A 615 -12.94 35.50 16.87
N LEU A 616 -13.15 35.32 15.57
CA LEU A 616 -14.46 34.97 15.04
C LEU A 616 -14.73 33.48 15.07
N ASP A 617 -13.75 32.66 15.44
CA ASP A 617 -13.95 31.22 15.57
C ASP A 617 -14.17 30.80 17.01
N GLN A 618 -14.24 31.75 17.94
CA GLN A 618 -14.46 31.40 19.34
C GLN A 618 -15.92 31.02 19.55
N PRO A 619 -16.20 30.13 20.51
CA PRO A 619 -17.59 29.80 20.83
C PRO A 619 -18.32 30.98 21.46
N ILE A 620 -19.59 31.11 21.12
CA ILE A 620 -20.40 32.24 21.55
C ILE A 620 -20.81 32.03 23.01
N ASN A 621 -20.55 33.03 23.84
CA ASN A 621 -20.93 33.00 25.25
C ASN A 621 -21.68 34.30 25.55
N THR A 622 -23.01 34.27 25.41
CA THR A 622 -23.83 35.45 25.58
C THR A 622 -24.53 35.46 26.94
N THR A 623 -23.92 34.85 27.95
CA THR A 623 -24.50 34.82 29.28
C THR A 623 -24.43 36.16 30.00
N ASP A 624 -23.61 37.09 29.53
CA ASP A 624 -23.59 38.44 30.08
C ASP A 624 -24.84 39.22 29.73
N LEU A 625 -25.57 38.79 28.71
CA LEU A 625 -26.80 39.40 28.24
C LEU A 625 -27.98 38.61 28.74
N PRO A 626 -29.00 39.23 29.32
CA PRO A 626 -30.09 38.45 29.92
C PRO A 626 -31.02 37.81 28.90
N PHE A 627 -31.33 38.48 27.79
CA PHE A 627 -32.22 37.95 26.78
C PHE A 627 -31.53 36.88 25.95
N HIS A 628 -32.19 35.74 25.80
CA HIS A 628 -31.65 34.66 24.98
C HIS A 628 -31.80 34.99 23.51
N ILE A 629 -30.70 34.93 22.77
CA ILE A 629 -30.69 35.23 21.35
C ILE A 629 -31.06 33.96 20.59
N ASP A 630 -31.77 34.11 19.47
CA ASP A 630 -32.34 32.99 18.74
C ASP A 630 -31.49 32.50 17.58
N TRP A 631 -30.90 33.42 16.81
CA TRP A 631 -30.17 33.17 15.56
C TRP A 631 -31.03 32.52 14.48
N ASN A 632 -32.36 32.53 14.62
CA ASN A 632 -33.23 31.99 13.60
C ASN A 632 -34.48 32.83 13.37
N ASP A 633 -34.72 33.85 14.18
CA ASP A 633 -35.62 34.92 13.79
C ASP A 633 -34.79 36.10 13.33
N ASP A 634 -35.44 37.19 12.96
CA ASP A 634 -34.72 38.36 12.46
C ASP A 634 -34.15 39.17 13.62
N LEU A 635 -32.89 39.56 13.48
CA LEU A 635 -32.20 40.39 14.45
C LEU A 635 -32.78 41.81 14.41
N PRO A 636 -32.70 42.57 15.52
CA PRO A 636 -33.59 43.75 15.69
C PRO A 636 -33.40 44.87 14.68
N LEU A 637 -32.20 45.08 14.17
CA LEU A 637 -31.97 46.02 13.08
C LEU A 637 -31.49 45.21 11.88
N ASN A 638 -31.03 45.90 10.83
CA ASN A 638 -30.71 45.23 9.58
C ASN A 638 -29.42 44.41 9.66
N ILE A 639 -29.45 43.35 10.46
CA ILE A 639 -28.34 42.40 10.58
C ILE A 639 -28.82 41.08 9.99
N GLU A 640 -27.99 40.45 9.17
CA GLU A 640 -28.45 39.45 8.22
C GLU A 640 -27.61 38.18 8.32
N VAL A 641 -27.49 37.64 9.53
CA VAL A 641 -26.93 36.30 9.72
C VAL A 641 -27.80 35.26 9.01
N PRO A 642 -27.22 34.27 8.33
CA PRO A 642 -28.05 33.24 7.69
C PRO A 642 -28.73 32.33 8.70
N LYS A 643 -29.76 31.64 8.22
CA LYS A 643 -30.60 30.81 9.06
C LYS A 643 -30.52 29.36 8.59
N ILE A 644 -30.54 28.44 9.55
CA ILE A 644 -30.49 27.01 9.26
C ILE A 644 -31.69 26.33 9.90
N SER A 645 -32.07 25.20 9.33
CA SER A 645 -33.18 24.41 9.83
C SER A 645 -32.72 23.18 10.60
N LEU A 646 -31.45 22.84 10.52
CA LEU A 646 -30.93 21.64 11.16
C LEU A 646 -30.78 21.84 12.66
N HIS A 647 -31.08 20.79 13.43
CA HIS A 647 -30.71 20.78 14.84
C HIS A 647 -30.13 19.46 15.31
N SER A 648 -30.08 18.42 14.47
CA SER A 648 -29.55 17.14 14.87
C SER A 648 -28.91 16.46 13.68
N LEU A 649 -27.82 15.74 13.93
CA LEU A 649 -27.07 15.09 12.85
C LEU A 649 -26.62 13.71 13.32
N ILE A 650 -27.06 12.67 12.62
CA ILE A 650 -26.66 11.30 12.91
C ILE A 650 -25.55 10.91 11.95
N LEU A 651 -24.51 10.29 12.47
CA LEU A 651 -23.44 9.73 11.66
C LEU A 651 -23.48 8.22 11.78
N ASP A 652 -23.74 7.54 10.68
CA ASP A 652 -23.81 6.08 10.65
C ASP A 652 -22.41 5.52 10.43
N PHE A 653 -21.83 4.95 11.47
CA PHE A 653 -20.45 4.48 11.46
C PHE A 653 -20.36 2.97 11.50
N SER A 654 -21.30 2.28 10.84
CA SER A 654 -21.33 0.83 10.88
C SER A 654 -20.20 0.23 10.07
N ALA A 655 -19.98 0.73 8.86
CA ALA A 655 -18.97 0.20 7.96
C ALA A 655 -17.61 0.83 8.17
N VAL A 656 -17.46 1.73 9.13
CA VAL A 656 -16.17 2.36 9.39
C VAL A 656 -15.34 1.41 10.24
N SER A 657 -14.35 0.76 9.63
CA SER A 657 -13.62 -0.30 10.30
C SER A 657 -12.60 0.26 11.28
N PHE A 658 -11.78 1.21 10.86
CA PHE A 658 -10.77 1.77 11.72
C PHE A 658 -10.64 3.27 11.47
N LEU A 659 -9.92 3.92 12.37
CA LEU A 659 -9.54 5.32 12.28
C LEU A 659 -8.03 5.42 12.45
N ASP A 660 -7.49 6.61 12.22
CA ASP A 660 -6.09 6.87 12.53
C ASP A 660 -6.00 8.30 13.07
N VAL A 661 -4.78 8.83 13.17
CA VAL A 661 -4.57 10.11 13.83
C VAL A 661 -5.12 11.26 13.01
N SER A 662 -4.94 11.21 11.68
CA SER A 662 -5.46 12.24 10.79
C SER A 662 -6.99 12.26 10.80
N SER A 663 -7.62 11.10 10.86
CA SER A 663 -9.07 11.00 10.91
C SER A 663 -9.60 11.51 12.23
N VAL A 664 -8.93 11.21 13.33
CA VAL A 664 -9.41 11.64 14.63
C VAL A 664 -9.30 13.16 14.75
N ARG A 665 -8.23 13.74 14.20
CA ARG A 665 -8.12 15.19 14.20
C ARG A 665 -9.16 15.87 13.32
N GLY A 666 -9.40 15.32 12.12
CA GLY A 666 -10.40 15.90 11.24
C GLY A 666 -11.81 15.76 11.76
N LEU A 667 -12.13 14.60 12.32
CA LEU A 667 -13.45 14.37 12.90
C LEU A 667 -13.66 15.22 14.14
N LYS A 668 -12.60 15.44 14.92
CA LYS A 668 -12.69 16.30 16.08
C LYS A 668 -12.99 17.74 15.68
N SER A 669 -12.35 18.21 14.62
CA SER A 669 -12.63 19.56 14.11
C SER A 669 -14.04 19.69 13.58
N ILE A 670 -14.53 18.68 12.86
CA ILE A 670 -15.88 18.70 12.31
C ILE A 670 -16.93 18.73 13.42
N LEU A 671 -16.76 17.88 14.44
CA LEU A 671 -17.74 17.82 15.51
C LEU A 671 -17.69 19.05 16.39
N GLN A 672 -16.50 19.63 16.59
CA GLN A 672 -16.43 20.88 17.35
C GLN A 672 -17.08 22.03 16.60
N GLU A 673 -16.97 22.04 15.27
CA GLU A 673 -17.64 23.09 14.51
C GLU A 673 -19.15 22.91 14.52
N PHE A 674 -19.64 21.67 14.53
CA PHE A 674 -21.09 21.47 14.58
C PHE A 674 -21.67 21.71 15.98
N ILE A 675 -20.91 21.46 17.04
CA ILE A 675 -21.46 21.62 18.38
C ILE A 675 -21.57 23.10 18.74
N ARG A 676 -20.61 23.91 18.29
CA ARG A 676 -20.62 25.34 18.60
C ARG A 676 -21.72 26.10 17.88
N ILE A 677 -22.30 25.54 16.82
CA ILE A 677 -23.40 26.17 16.12
C ILE A 677 -24.75 25.66 16.63
N LYS A 678 -24.74 24.95 17.77
CA LYS A 678 -25.91 24.40 18.47
C LYS A 678 -26.64 23.35 17.63
N VAL A 679 -25.88 22.39 17.14
CA VAL A 679 -26.40 21.23 16.44
C VAL A 679 -25.90 19.99 17.17
N ASP A 680 -26.83 19.17 17.65
CA ASP A 680 -26.46 17.96 18.39
C ASP A 680 -25.96 16.88 17.43
N VAL A 681 -24.88 16.21 17.82
CA VAL A 681 -24.24 15.21 16.98
C VAL A 681 -24.35 13.85 17.65
N TYR A 682 -24.72 12.83 16.87
CA TYR A 682 -24.83 11.46 17.35
C TYR A 682 -24.04 10.54 16.43
N ILE A 683 -23.22 9.68 17.02
CA ILE A 683 -22.49 8.65 16.28
C ILE A 683 -23.10 7.31 16.64
N VAL A 684 -23.33 6.47 15.64
CA VAL A 684 -24.27 5.36 15.72
C VAL A 684 -23.69 4.16 14.98
N GLY A 685 -23.72 3.00 15.62
CA GLY A 685 -23.47 1.74 14.94
C GLY A 685 -22.12 1.11 15.17
N THR A 686 -21.41 1.50 16.21
CA THR A 686 -20.06 1.03 16.47
C THR A 686 -20.06 -0.01 17.58
N ASP A 687 -19.08 -0.91 17.52
CA ASP A 687 -18.92 -1.91 18.57
C ASP A 687 -18.05 -1.34 19.67
N ASP A 688 -17.73 -2.15 20.68
CA ASP A 688 -17.05 -1.65 21.86
C ASP A 688 -15.56 -1.46 21.65
N ASP A 689 -14.97 -2.19 20.69
CA ASP A 689 -13.57 -2.02 20.38
C ASP A 689 -13.29 -0.65 19.77
N PHE A 690 -14.23 -0.13 18.98
CA PHE A 690 -14.11 1.19 18.37
C PHE A 690 -14.08 2.28 19.44
N ILE A 691 -15.04 2.23 20.36
CA ILE A 691 -15.13 3.26 21.39
C ILE A 691 -14.03 3.10 22.42
N GLU A 692 -13.49 1.89 22.57
CA GLU A 692 -12.33 1.72 23.43
C GLU A 692 -11.07 2.29 22.79
N LYS A 693 -10.94 2.13 21.47
CA LYS A 693 -9.80 2.73 20.78
C LYS A 693 -9.90 4.25 20.72
N LEU A 694 -11.11 4.80 20.69
CA LEU A 694 -11.25 6.26 20.69
C LEU A 694 -10.88 6.91 22.00
N ASN A 695 -10.86 6.15 23.10
CA ASN A 695 -10.44 6.72 24.37
C ASN A 695 -8.94 6.94 24.44
N ARG A 696 -8.17 6.23 23.63
CA ARG A 696 -6.73 6.38 23.64
C ARG A 696 -6.26 7.59 22.86
N TYR A 697 -7.07 8.10 21.94
CA TYR A 697 -6.70 9.26 21.14
C TYR A 697 -6.94 10.57 21.85
N GLU A 698 -7.43 10.54 23.09
CA GLU A 698 -7.89 11.70 23.84
C GLU A 698 -8.91 12.50 23.03
N PHE A 699 -9.95 11.79 22.61
CA PHE A 699 -10.97 12.36 21.73
C PHE A 699 -12.03 13.11 22.52
N PHE A 700 -12.31 12.69 23.75
CA PHE A 700 -13.38 13.27 24.53
C PHE A 700 -12.86 14.33 25.48
N ASP A 701 -13.64 15.39 25.66
CA ASP A 701 -13.31 16.47 26.57
C ASP A 701 -14.62 17.06 27.09
N GLY A 702 -14.56 18.28 27.61
CA GLY A 702 -15.76 18.91 28.15
C GLY A 702 -16.76 19.35 27.10
N GLU A 703 -16.35 19.42 25.84
CA GLU A 703 -17.25 19.80 24.76
C GLU A 703 -17.79 18.61 23.99
N VAL A 704 -16.91 17.75 23.48
CA VAL A 704 -17.31 16.51 22.83
C VAL A 704 -17.32 15.43 23.92
N LYS A 705 -18.51 15.07 24.37
CA LYS A 705 -18.63 14.09 25.44
C LYS A 705 -18.76 12.69 24.86
N SER A 706 -18.87 11.69 25.74
CA SER A 706 -19.08 10.32 25.31
C SER A 706 -20.56 9.96 25.28
N SER A 707 -21.44 10.89 25.57
CA SER A 707 -22.88 10.69 25.50
C SER A 707 -23.42 10.68 24.09
N ILE A 708 -22.56 10.91 23.09
CA ILE A 708 -23.01 11.03 21.70
C ILE A 708 -23.11 9.69 20.99
N PHE A 709 -22.72 8.60 21.64
CA PHE A 709 -22.72 7.29 21.02
C PHE A 709 -24.02 6.56 21.36
N PHE A 710 -24.67 6.00 20.34
CA PHE A 710 -25.91 5.26 20.50
C PHE A 710 -25.79 3.91 19.83
N LEU A 711 -26.77 3.04 20.08
CA LEU A 711 -26.69 1.68 19.56
C LEU A 711 -27.05 1.63 18.08
N THR A 712 -28.27 2.01 17.73
CA THR A 712 -28.75 1.98 16.36
C THR A 712 -29.31 3.36 15.99
N ILE A 713 -29.65 3.51 14.71
CA ILE A 713 -30.18 4.77 14.20
C ILE A 713 -31.53 5.08 14.82
N HIS A 714 -32.36 4.05 15.02
CA HIS A 714 -33.69 4.27 15.55
C HIS A 714 -33.64 4.68 17.02
N ASP A 715 -32.60 4.25 17.75
CA ASP A 715 -32.39 4.72 19.12
C ASP A 715 -32.14 6.22 19.15
N ALA A 716 -31.28 6.71 18.26
CA ALA A 716 -30.97 8.13 18.22
C ALA A 716 -32.16 8.95 17.75
N VAL A 717 -32.92 8.44 16.78
CA VAL A 717 -34.09 9.17 16.29
C VAL A 717 -35.17 9.23 17.36
N LEU A 718 -35.38 8.14 18.09
CA LEU A 718 -36.36 8.15 19.17
C LEU A 718 -35.91 8.99 20.34
N HIS A 719 -34.59 9.14 20.54
CA HIS A 719 -34.10 10.04 21.57
C HIS A 719 -34.33 11.50 21.18
N ILE A 720 -34.10 11.82 19.91
CA ILE A 720 -34.30 13.18 19.41
C ILE A 720 -35.78 13.55 19.47
N LEU A 721 -36.66 12.66 19.05
CA LEU A 721 -38.08 12.98 18.94
C LEU A 721 -38.78 13.12 20.28
N MET A 722 -38.12 12.77 21.38
CA MET A 722 -38.67 13.05 22.70
C MET A 722 -37.82 14.05 23.49
N LYS A 723 -36.61 14.36 23.04
CA LYS A 723 -35.87 15.46 23.63
C LYS A 723 -36.43 16.80 23.19
N LYS A 724 -36.84 16.90 21.92
CA LYS A 724 -37.32 18.16 21.37
C LYS A 724 -38.80 18.41 21.64
N ASP A 725 -39.43 17.64 22.52
CA ASP A 725 -40.78 17.95 22.96
C ASP A 725 -40.84 17.98 24.47
N GLN B 8 -39.43 4.75 24.88
CA GLN B 8 -39.59 3.34 24.60
C GLN B 8 -39.42 3.05 23.12
N TYR B 9 -38.87 1.87 22.84
CA TYR B 9 -38.55 1.40 21.50
C TYR B 9 -39.55 0.30 21.18
N ILE B 10 -40.55 0.61 20.37
CA ILE B 10 -41.61 -0.34 20.05
C ILE B 10 -41.67 -0.49 18.54
N VAL B 11 -41.49 -1.71 18.06
CA VAL B 11 -41.46 -2.02 16.64
C VAL B 11 -42.33 -3.27 16.40
N ALA B 12 -43.28 -3.17 15.47
CA ALA B 12 -44.07 -4.31 15.02
C ALA B 12 -43.96 -4.37 13.51
N ARG B 13 -43.40 -5.46 12.98
CA ARG B 13 -42.90 -5.47 11.62
C ARG B 13 -42.97 -6.89 11.09
N PRO B 14 -43.01 -7.07 9.77
CA PRO B 14 -42.75 -8.40 9.22
C PRO B 14 -41.26 -8.68 9.11
N VAL B 15 -40.94 -9.95 8.89
CA VAL B 15 -39.55 -10.40 8.81
C VAL B 15 -39.13 -10.32 7.35
N TYR B 16 -38.17 -9.45 7.06
CA TYR B 16 -37.77 -9.16 5.69
C TYR B 16 -36.45 -9.83 5.37
N SER B 17 -36.23 -10.10 4.09
CA SER B 17 -35.11 -10.92 3.68
C SER B 17 -34.43 -10.42 2.42
N THR B 18 -34.47 -9.11 2.18
CA THR B 18 -33.72 -8.36 1.15
C THR B 18 -34.20 -8.67 -0.28
N ASN B 19 -34.92 -9.77 -0.46
CA ASN B 19 -35.64 -10.08 -1.68
C ASN B 19 -37.13 -9.87 -1.48
N ALA B 20 -37.65 -10.25 -0.32
CA ALA B 20 -39.02 -9.93 0.03
C ALA B 20 -39.18 -8.46 0.39
N PHE B 21 -38.10 -7.76 0.69
CA PHE B 21 -38.20 -6.33 0.95
C PHE B 21 -38.42 -5.56 -0.33
N GLU B 22 -37.73 -5.94 -1.40
CA GLU B 22 -37.82 -5.21 -2.65
C GLU B 22 -39.04 -5.60 -3.47
N GLU B 23 -39.72 -6.68 -3.11
CA GLU B 23 -41.01 -6.95 -3.71
C GLU B 23 -42.08 -6.00 -3.19
N ASN B 24 -41.94 -5.58 -1.94
CA ASN B 24 -42.95 -4.79 -1.26
C ASN B 24 -42.73 -3.29 -1.39
N HIS B 25 -41.57 -2.86 -1.84
CA HIS B 25 -41.22 -1.45 -1.90
C HIS B 25 -40.67 -1.14 -3.28
N LYS B 26 -41.36 -0.28 -4.01
CA LYS B 26 -40.97 0.06 -5.37
C LYS B 26 -39.71 0.90 -5.36
N LYS B 27 -38.70 0.47 -6.10
CA LYS B 27 -37.50 1.28 -6.24
C LYS B 27 -37.71 2.31 -7.34
N THR B 28 -36.88 3.35 -7.32
CA THR B 28 -37.07 4.45 -8.26
C THR B 28 -36.57 4.08 -9.65
N GLY B 29 -35.34 3.60 -9.75
CA GLY B 29 -34.78 3.26 -11.05
C GLY B 29 -33.98 4.42 -11.60
N ARG B 30 -32.67 4.32 -11.54
CA ARG B 30 -31.78 5.40 -11.94
C ARG B 30 -30.93 4.95 -13.12
N HIS B 31 -30.74 5.85 -14.07
CA HIS B 31 -30.04 5.50 -15.31
C HIS B 31 -28.55 5.45 -15.06
N HIS B 32 -27.92 4.38 -15.53
CA HIS B 32 -26.48 4.20 -15.38
C HIS B 32 -25.73 5.04 -16.42
N LYS B 33 -24.65 5.67 -15.98
CA LYS B 33 -23.82 6.48 -16.86
C LYS B 33 -22.58 5.69 -17.27
N THR B 34 -22.46 5.42 -18.56
CA THR B 34 -21.39 4.62 -19.13
C THR B 34 -20.24 5.54 -19.56
N PHE B 35 -19.34 5.05 -20.42
CA PHE B 35 -18.13 5.78 -20.79
C PHE B 35 -18.40 6.91 -21.78
N LEU B 36 -19.46 6.84 -22.59
CA LEU B 36 -19.58 7.74 -23.73
C LEU B 36 -20.39 8.99 -23.41
N ASP B 37 -21.40 8.90 -22.55
CA ASP B 37 -22.17 10.09 -22.22
C ASP B 37 -21.35 11.05 -21.37
N HIS B 38 -20.37 10.54 -20.60
CA HIS B 38 -19.37 11.41 -19.99
C HIS B 38 -18.60 12.20 -21.04
N LEU B 39 -18.27 11.55 -22.16
CA LEU B 39 -17.53 12.22 -23.22
C LEU B 39 -18.38 13.27 -23.91
N LYS B 40 -19.65 12.99 -24.18
CA LYS B 40 -20.46 14.03 -24.80
C LYS B 40 -20.82 15.14 -23.82
N VAL B 41 -20.90 14.85 -22.52
CA VAL B 41 -21.02 15.91 -21.52
C VAL B 41 -19.79 16.81 -21.45
N CYS B 42 -18.58 16.24 -21.47
CA CYS B 42 -17.39 17.07 -21.29
C CYS B 42 -17.06 17.89 -22.53
N CYS B 43 -16.76 17.24 -23.66
CA CYS B 43 -16.32 17.98 -24.84
C CYS B 43 -17.53 18.39 -25.67
N SER B 44 -18.23 19.40 -25.15
CA SER B 44 -19.33 20.04 -25.86
C SER B 44 -19.39 21.49 -25.39
N CYS B 45 -18.91 22.40 -26.24
CA CYS B 45 -18.68 23.78 -25.82
C CYS B 45 -19.98 24.55 -25.68
N SER B 46 -19.87 25.72 -25.05
CA SER B 46 -20.98 26.64 -24.82
C SER B 46 -20.40 28.03 -24.63
N PRO B 47 -21.15 29.08 -24.95
CA PRO B 47 -20.60 30.44 -24.76
C PRO B 47 -20.45 30.84 -23.30
N GLN B 48 -21.02 30.10 -22.36
CA GLN B 48 -20.73 30.29 -20.94
C GLN B 48 -19.94 29.13 -20.35
N LYS B 49 -19.35 28.29 -21.19
CA LYS B 49 -18.46 27.22 -20.75
C LYS B 49 -17.00 27.57 -20.96
N ALA B 50 -16.66 28.12 -22.12
CA ALA B 50 -15.30 28.59 -22.36
C ALA B 50 -14.99 29.81 -21.52
N LYS B 51 -15.99 30.61 -21.18
CA LYS B 51 -15.78 31.78 -20.33
C LYS B 51 -15.62 31.41 -18.86
N ARG B 52 -15.79 30.14 -18.50
CA ARG B 52 -15.41 29.65 -17.19
C ARG B 52 -14.00 29.08 -17.20
N ILE B 53 -13.62 28.40 -18.28
CA ILE B 53 -12.30 27.78 -18.36
C ILE B 53 -11.23 28.85 -18.54
N VAL B 54 -11.52 29.88 -19.33
CA VAL B 54 -10.56 30.98 -19.51
C VAL B 54 -10.36 31.77 -18.23
N LEU B 55 -11.44 32.06 -17.49
CA LEU B 55 -11.30 32.70 -16.20
C LEU B 55 -10.72 31.78 -15.13
N SER B 56 -10.75 30.47 -15.33
CA SER B 56 -10.03 29.58 -14.44
C SER B 56 -8.55 29.57 -14.75
N LEU B 57 -8.17 29.80 -16.01
CA LEU B 57 -6.75 29.80 -16.35
C LEU B 57 -6.08 31.13 -16.05
N PHE B 58 -6.84 32.23 -16.00
CA PHE B 58 -6.31 33.56 -15.69
C PHE B 58 -7.13 34.16 -14.55
N PRO B 59 -6.81 33.82 -13.31
CA PRO B 59 -7.59 34.37 -12.18
C PRO B 59 -7.38 35.87 -11.94
N ILE B 60 -6.35 36.47 -12.53
CA ILE B 60 -6.12 37.89 -12.38
C ILE B 60 -7.19 38.69 -13.12
N ALA B 61 -7.86 38.09 -14.10
CA ALA B 61 -9.00 38.75 -14.72
C ALA B 61 -10.21 38.77 -13.80
N SER B 62 -10.20 37.96 -12.75
CA SER B 62 -11.30 37.91 -11.80
C SER B 62 -11.03 38.69 -10.53
N TRP B 63 -9.82 38.64 -9.96
CA TRP B 63 -9.66 39.35 -8.69
C TRP B 63 -9.31 40.82 -8.84
N LEU B 64 -8.65 41.20 -9.95
CA LEU B 64 -8.15 42.57 -10.06
C LEU B 64 -9.22 43.63 -10.30
N PRO B 65 -10.28 43.43 -11.09
CA PRO B 65 -11.35 44.43 -11.08
C PRO B 65 -12.15 44.46 -9.80
N ALA B 66 -12.16 43.38 -9.02
CA ALA B 66 -12.82 43.38 -7.72
C ALA B 66 -11.84 43.73 -6.61
N TYR B 67 -11.12 44.83 -6.77
CA TYR B 67 -10.07 45.23 -5.84
C TYR B 67 -10.57 46.39 -5.00
N ARG B 68 -10.68 46.16 -3.70
CA ARG B 68 -11.07 47.22 -2.78
C ARG B 68 -9.86 48.09 -2.53
N LEU B 69 -9.85 49.28 -3.12
CA LEU B 69 -8.67 50.15 -3.09
C LEU B 69 -8.43 50.71 -1.69
N LYS B 70 -9.47 51.31 -1.11
CA LYS B 70 -9.36 52.08 0.12
C LYS B 70 -9.06 51.20 1.32
N GLU B 71 -9.38 49.92 1.26
CA GLU B 71 -9.12 49.04 2.38
C GLU B 71 -7.80 48.30 2.27
N TRP B 72 -7.28 48.12 1.06
CA TRP B 72 -6.21 47.15 0.83
C TRP B 72 -4.91 47.73 0.31
N LEU B 73 -4.91 48.92 -0.30
CA LEU B 73 -3.72 49.38 -1.01
C LEU B 73 -2.58 49.70 -0.05
N LEU B 74 -2.89 50.44 1.02
CA LEU B 74 -1.86 50.84 1.97
C LEU B 74 -1.35 49.67 2.79
N SER B 75 -2.14 48.61 2.94
CA SER B 75 -1.65 47.41 3.60
C SER B 75 -0.76 46.61 2.68
N ASP B 76 -1.11 46.54 1.39
CA ASP B 76 -0.31 45.77 0.45
C ASP B 76 1.05 46.41 0.20
N ILE B 77 1.13 47.75 0.23
CA ILE B 77 2.42 48.44 0.06
C ILE B 77 3.39 48.05 1.18
N VAL B 78 2.93 48.15 2.43
CA VAL B 78 3.78 47.89 3.59
C VAL B 78 4.17 46.42 3.65
N SER B 79 3.21 45.53 3.38
CA SER B 79 3.50 44.10 3.36
C SER B 79 4.49 43.74 2.27
N GLY B 80 4.37 44.36 1.10
CA GLY B 80 5.26 44.06 0.00
C GLY B 80 6.69 44.51 0.24
N ILE B 81 6.86 45.69 0.85
CA ILE B 81 8.20 46.17 1.17
C ILE B 81 8.86 45.26 2.21
N SER B 82 8.13 44.97 3.29
CA SER B 82 8.70 44.20 4.38
C SER B 82 8.95 42.75 4.01
N THR B 83 8.24 42.20 3.02
CA THR B 83 8.58 40.85 2.57
C THR B 83 9.59 40.86 1.42
N GLY B 84 9.75 41.96 0.70
CA GLY B 84 10.78 42.02 -0.33
C GLY B 84 12.17 42.08 0.25
N ILE B 85 12.33 42.71 1.41
CA ILE B 85 13.64 42.72 2.09
C ILE B 85 14.06 41.29 2.47
N VAL B 86 13.13 40.54 3.07
CA VAL B 86 13.38 39.16 3.47
C VAL B 86 13.59 38.28 2.25
N ALA B 87 12.92 38.58 1.14
CA ALA B 87 13.13 37.81 -0.08
C ALA B 87 14.53 38.01 -0.64
N VAL B 88 15.05 39.24 -0.57
CA VAL B 88 16.41 39.53 -1.01
C VAL B 88 17.42 38.74 -0.16
N LEU B 89 17.27 38.81 1.17
CA LEU B 89 18.24 38.17 2.04
C LEU B 89 18.19 36.66 1.96
N GLN B 90 16.98 36.08 1.87
CA GLN B 90 16.86 34.64 1.76
C GLN B 90 17.30 34.14 0.40
N GLY B 91 17.12 34.94 -0.66
CA GLY B 91 17.63 34.53 -1.95
C GLY B 91 19.14 34.53 -2.02
N LEU B 92 19.77 35.49 -1.35
CA LEU B 92 21.23 35.46 -1.24
C LEU B 92 21.70 34.28 -0.40
N ALA B 93 20.95 33.94 0.65
CA ALA B 93 21.40 32.88 1.55
C ALA B 93 21.23 31.49 0.94
N PHE B 94 20.14 31.27 0.20
CA PHE B 94 19.87 29.91 -0.26
C PHE B 94 20.64 29.55 -1.52
N ALA B 95 21.28 30.53 -2.18
CA ALA B 95 22.12 30.21 -3.32
C ALA B 95 23.42 29.55 -2.90
N LEU B 96 23.85 29.72 -1.65
CA LEU B 96 25.04 29.03 -1.16
C LEU B 96 24.79 27.55 -0.93
N LEU B 97 23.54 27.15 -0.75
CA LEU B 97 23.19 25.75 -0.57
C LEU B 97 23.17 24.97 -1.87
N VAL B 98 23.19 25.66 -3.01
CA VAL B 98 23.34 25.03 -4.31
C VAL B 98 24.79 25.12 -4.78
N ASP B 99 25.62 25.91 -4.08
CA ASP B 99 27.03 26.18 -4.39
C ASP B 99 27.17 26.79 -5.78
N ILE B 100 26.47 27.88 -6.00
CA ILE B 100 26.58 28.71 -7.20
C ILE B 100 26.89 30.13 -6.68
N PRO B 101 27.24 31.10 -7.53
CA PRO B 101 27.40 32.47 -7.03
C PRO B 101 26.10 33.01 -6.49
N PRO B 102 26.16 33.98 -5.55
CA PRO B 102 24.95 34.40 -4.85
C PRO B 102 23.99 35.25 -5.67
N VAL B 103 24.40 35.77 -6.82
CA VAL B 103 23.48 36.60 -7.60
C VAL B 103 22.42 35.75 -8.28
N TYR B 104 22.64 34.45 -8.42
CA TYR B 104 21.66 33.57 -9.04
C TYR B 104 20.55 33.17 -8.09
N GLY B 105 20.58 33.64 -6.85
CA GLY B 105 19.48 33.44 -5.93
C GLY B 105 18.53 34.60 -5.98
N LEU B 106 19.02 35.74 -6.44
CA LEU B 106 18.15 36.89 -6.68
C LEU B 106 17.27 36.69 -7.90
N TYR B 107 17.70 35.89 -8.86
CA TYR B 107 16.86 35.61 -10.02
C TYR B 107 15.77 34.62 -9.67
N ALA B 108 16.00 33.77 -8.67
CA ALA B 108 14.99 32.85 -8.21
C ALA B 108 13.91 33.52 -7.38
N SER B 109 14.16 34.73 -6.89
CA SER B 109 13.20 35.48 -6.11
C SER B 109 12.43 36.48 -6.94
N PHE B 110 12.64 36.53 -8.26
CA PHE B 110 12.02 37.53 -9.10
C PHE B 110 11.03 36.94 -10.09
N PHE B 111 11.45 35.98 -10.91
CA PHE B 111 10.60 35.45 -11.98
C PHE B 111 9.38 34.64 -11.54
N PRO B 112 9.47 33.71 -10.57
CA PRO B 112 8.23 33.01 -10.16
C PRO B 112 7.23 33.92 -9.48
N ALA B 113 7.69 34.96 -8.78
CA ALA B 113 6.77 35.91 -8.18
C ALA B 113 6.05 36.77 -9.22
N ILE B 114 6.60 36.89 -10.43
CA ILE B 114 5.92 37.60 -11.49
C ILE B 114 4.95 36.68 -12.24
N ILE B 115 5.33 35.43 -12.45
CA ILE B 115 4.42 34.50 -13.15
C ILE B 115 3.23 34.13 -12.26
N TYR B 116 3.44 33.98 -10.95
CA TYR B 116 2.36 33.64 -10.04
C TYR B 116 1.38 34.79 -9.87
N LEU B 117 1.79 36.03 -10.14
CA LEU B 117 0.86 37.16 -10.10
C LEU B 117 -0.21 37.03 -11.16
N PHE B 118 0.09 36.38 -12.27
CA PHE B 118 -0.90 36.19 -13.33
C PHE B 118 -1.61 34.85 -13.28
N PHE B 119 -0.93 33.78 -12.87
CA PHE B 119 -1.51 32.45 -13.04
C PHE B 119 -1.86 31.76 -11.73
N GLY B 120 -1.77 32.43 -10.59
CA GLY B 120 -1.93 31.78 -9.30
C GLY B 120 -3.23 32.11 -8.59
N THR B 121 -3.68 31.19 -7.74
CA THR B 121 -4.95 31.33 -7.06
C THR B 121 -4.84 31.72 -5.59
N SER B 122 -3.69 31.56 -4.96
CA SER B 122 -3.55 31.97 -3.58
C SER B 122 -3.40 33.48 -3.49
N ARG B 123 -3.69 34.01 -2.29
CA ARG B 123 -3.59 35.44 -2.05
C ARG B 123 -2.60 35.81 -0.95
N HIS B 124 -2.05 34.83 -0.23
CA HIS B 124 -1.17 35.11 0.90
C HIS B 124 0.16 34.37 0.80
N ILE B 125 0.53 33.93 -0.40
CA ILE B 125 1.71 33.11 -0.60
C ILE B 125 2.78 33.97 -1.27
N SER B 126 3.99 33.95 -0.73
CA SER B 126 5.14 34.56 -1.38
C SER B 126 5.98 33.46 -2.03
N VAL B 127 6.27 33.62 -3.30
CA VAL B 127 6.90 32.58 -4.10
C VAL B 127 8.38 32.92 -4.27
N GLY B 128 9.24 31.97 -3.97
CA GLY B 128 10.67 32.15 -4.04
C GLY B 128 11.39 30.83 -3.90
N PRO B 129 12.58 30.84 -3.30
CA PRO B 129 13.20 29.58 -2.89
C PRO B 129 12.98 29.24 -1.42
N PHE B 130 13.27 28.02 -0.99
CA PHE B 130 13.23 27.63 0.42
C PHE B 130 14.28 26.54 0.63
N PRO B 131 14.83 26.38 1.86
CA PRO B 131 16.11 25.66 2.02
C PRO B 131 16.15 24.19 1.62
N ILE B 132 15.09 23.43 1.88
CA ILE B 132 15.10 22.00 1.59
C ILE B 132 15.15 21.76 0.09
N LEU B 133 14.42 22.57 -0.67
CA LEU B 133 14.44 22.42 -2.12
C LEU B 133 15.78 22.85 -2.71
N SER B 134 16.44 23.82 -2.08
CA SER B 134 17.77 24.22 -2.51
C SER B 134 18.80 23.13 -2.25
N MET B 135 18.67 22.43 -1.12
CA MET B 135 19.53 21.28 -0.87
C MET B 135 19.29 20.16 -1.88
N MET B 136 18.03 19.94 -2.25
CA MET B 136 17.72 18.92 -3.24
C MET B 136 18.24 19.28 -4.62
N VAL B 137 18.16 20.56 -4.99
CA VAL B 137 18.71 21.02 -6.26
C VAL B 137 20.22 20.89 -6.28
N GLY B 138 20.88 21.21 -5.15
CA GLY B 138 22.33 21.07 -5.08
C GLY B 138 22.80 19.63 -5.18
N LEU B 139 22.06 18.71 -4.54
CA LEU B 139 22.39 17.29 -4.66
C LEU B 139 22.17 16.77 -6.07
N ALA B 140 21.10 17.22 -6.73
CA ALA B 140 20.85 16.81 -8.12
C ALA B 140 21.92 17.35 -9.06
N VAL B 141 22.41 18.56 -8.79
CA VAL B 141 23.43 19.16 -9.64
C VAL B 141 24.75 18.42 -9.50
N SER B 142 25.17 18.15 -8.26
CA SER B 142 26.44 17.48 -8.08
C SER B 142 26.37 16.00 -8.46
N GLY B 143 25.17 15.42 -8.49
CA GLY B 143 25.02 14.12 -9.10
C GLY B 143 25.02 14.16 -10.61
N ALA B 144 24.62 15.29 -11.20
CA ALA B 144 24.62 15.41 -12.65
C ALA B 144 26.01 15.68 -13.21
N VAL B 145 26.83 16.47 -12.51
CA VAL B 145 28.15 16.79 -13.04
C VAL B 145 29.15 15.67 -12.85
N SER B 146 28.81 14.64 -12.09
CA SER B 146 29.68 13.48 -11.95
C SER B 146 29.34 12.35 -12.92
N LYS B 147 28.18 12.41 -13.56
CA LYS B 147 27.80 11.42 -14.56
C LYS B 147 27.99 11.92 -15.97
N ALA B 148 28.47 13.14 -16.15
CA ALA B 148 28.66 13.69 -17.47
C ALA B 148 29.85 13.04 -18.16
N VAL B 149 29.86 13.09 -19.48
CA VAL B 149 30.97 12.54 -20.25
C VAL B 149 32.20 13.43 -20.07
N PRO B 150 33.41 12.87 -20.04
CA PRO B 150 34.59 13.64 -19.61
C PRO B 150 35.20 14.54 -20.68
N ASP B 151 34.38 14.96 -21.67
CA ASP B 151 34.66 15.08 -23.10
C ASP B 151 36.10 15.43 -23.44
N ARG B 152 36.55 16.65 -23.15
CA ARG B 152 37.96 17.04 -23.31
C ARG B 152 38.38 17.95 -22.17
N ASN B 164 44.75 25.51 -16.27
CA ASN B 164 45.97 25.50 -15.47
C ASN B 164 45.93 26.51 -14.31
N ASN B 165 45.37 27.69 -14.57
CA ASN B 165 45.33 28.77 -13.59
C ASN B 165 43.90 29.12 -13.17
N SER B 166 43.03 29.45 -14.13
CA SER B 166 41.63 29.78 -13.84
C SER B 166 40.76 28.61 -14.29
N SER B 167 40.63 27.61 -13.42
CA SER B 167 39.75 26.48 -13.66
C SER B 167 38.70 26.30 -12.58
N LEU B 168 38.83 26.98 -11.44
CA LEU B 168 37.80 26.94 -10.41
C LEU B 168 36.75 28.02 -10.59
N LEU B 169 36.74 28.71 -11.73
CA LEU B 169 35.59 29.48 -12.15
C LEU B 169 34.80 28.78 -13.24
N ASP B 170 35.40 27.78 -13.88
CA ASP B 170 34.71 27.01 -14.90
C ASP B 170 34.04 25.77 -14.33
N ASP B 171 34.34 25.39 -13.09
CA ASP B 171 33.57 24.35 -12.45
C ASP B 171 32.30 24.87 -11.81
N GLU B 172 32.21 26.19 -11.63
CA GLU B 172 30.96 26.81 -11.23
C GLU B 172 30.14 27.27 -12.44
N ARG B 173 30.74 27.32 -13.62
CA ARG B 173 29.97 27.60 -14.82
C ARG B 173 29.16 26.39 -15.27
N VAL B 174 29.57 25.18 -14.90
CA VAL B 174 28.78 24.01 -15.23
C VAL B 174 27.71 23.72 -14.17
N ARG B 175 27.93 24.15 -12.92
CA ARG B 175 26.91 24.00 -11.89
C ARG B 175 25.71 24.89 -12.15
N VAL B 176 25.94 26.08 -12.70
CA VAL B 176 24.85 27.00 -13.02
C VAL B 176 23.97 26.43 -14.13
N ALA B 177 24.60 25.85 -15.15
CA ALA B 177 23.84 25.25 -16.25
C ALA B 177 23.11 24.00 -15.80
N ALA B 178 23.71 23.22 -14.90
CA ALA B 178 23.02 22.05 -14.36
C ALA B 178 21.83 22.45 -13.50
N ALA B 179 21.95 23.53 -12.72
CA ALA B 179 20.84 24.01 -11.90
C ALA B 179 19.69 24.53 -12.76
N ALA B 180 20.03 25.25 -13.84
CA ALA B 180 19.01 25.75 -14.75
C ALA B 180 18.29 24.61 -15.45
N SER B 181 19.01 23.56 -15.85
CA SER B 181 18.36 22.45 -16.53
C SER B 181 17.48 21.62 -15.59
N VAL B 182 17.94 21.42 -14.35
CA VAL B 182 17.14 20.71 -13.35
C VAL B 182 15.85 21.49 -13.06
N THR B 183 15.97 22.82 -12.99
CA THR B 183 14.80 23.68 -12.76
C THR B 183 13.79 23.60 -13.91
N VAL B 184 14.28 23.62 -15.15
CA VAL B 184 13.38 23.58 -16.30
C VAL B 184 12.67 22.22 -16.38
N LEU B 185 13.38 21.13 -16.07
CA LEU B 185 12.75 19.81 -16.11
C LEU B 185 11.72 19.65 -15.00
N SER B 186 11.99 20.19 -13.81
CA SER B 186 11.02 20.14 -12.73
C SER B 186 9.78 20.95 -13.05
N GLY B 187 9.95 22.12 -13.68
CA GLY B 187 8.80 22.91 -14.08
C GLY B 187 7.98 22.24 -15.15
N ILE B 188 8.63 21.51 -16.06
CA ILE B 188 7.91 20.78 -17.10
C ILE B 188 7.08 19.65 -16.49
N ILE B 189 7.64 18.94 -15.52
CA ILE B 189 6.91 17.86 -14.84
C ILE B 189 5.71 18.43 -14.06
N GLN B 190 5.90 19.58 -13.40
CA GLN B 190 4.81 20.21 -12.66
C GLN B 190 3.68 20.67 -13.58
N LEU B 191 4.03 21.31 -14.69
CA LEU B 191 3.02 21.80 -15.63
C LEU B 191 2.27 20.64 -16.29
N ALA B 192 2.97 19.55 -16.61
CA ALA B 192 2.30 18.40 -17.19
C ALA B 192 1.40 17.69 -16.19
N PHE B 193 1.77 17.69 -14.91
CA PHE B 193 0.87 17.15 -13.90
C PHE B 193 -0.35 18.04 -13.70
N GLY B 194 -0.19 19.35 -13.87
CA GLY B 194 -1.32 20.25 -13.72
C GLY B 194 -2.28 20.19 -14.89
N ILE B 195 -1.78 19.92 -16.10
CA ILE B 195 -2.65 19.82 -17.26
C ILE B 195 -3.49 18.55 -17.20
N LEU B 196 -2.91 17.45 -16.74
CA LEU B 196 -3.61 16.17 -16.65
C LEU B 196 -4.56 16.07 -15.47
N ARG B 197 -4.73 17.13 -14.68
CA ARG B 197 -5.74 17.26 -13.63
C ARG B 197 -5.57 16.21 -12.53
N ILE B 198 -4.34 15.95 -12.14
CA ILE B 198 -4.05 14.95 -11.11
C ILE B 198 -3.44 15.62 -9.89
N GLY B 199 -3.89 16.82 -9.58
CA GLY B 199 -3.46 17.55 -8.41
C GLY B 199 -3.99 17.10 -7.08
N PHE B 200 -4.62 15.92 -7.01
CA PHE B 200 -5.08 15.35 -5.75
C PHE B 200 -4.04 14.45 -5.11
N VAL B 201 -2.80 14.44 -5.62
CA VAL B 201 -1.80 13.49 -5.11
C VAL B 201 -1.22 13.90 -3.77
N VAL B 202 -1.62 15.05 -3.22
CA VAL B 202 -1.20 15.44 -1.88
C VAL B 202 -1.89 14.62 -0.79
N ILE B 203 -2.94 13.87 -1.13
CA ILE B 203 -3.66 13.08 -0.14
C ILE B 203 -2.95 11.78 0.23
N TYR B 204 -1.88 11.43 -0.47
CA TYR B 204 -1.12 10.22 -0.16
C TYR B 204 -0.05 10.45 0.89
N LEU B 205 -0.09 11.58 1.59
CA LEU B 205 0.91 11.95 2.57
C LEU B 205 0.19 12.19 3.89
N SER B 206 0.37 11.28 4.84
CA SER B 206 -0.26 11.42 6.14
C SER B 206 0.50 12.43 6.98
N GLU B 207 -0.05 12.74 8.16
CA GLU B 207 0.57 13.74 9.01
C GLU B 207 1.82 13.22 9.69
N SER B 208 1.88 11.92 9.95
CA SER B 208 3.04 11.33 10.61
C SER B 208 4.23 11.27 9.67
N LEU B 209 3.98 10.98 8.39
CA LEU B 209 5.03 11.01 7.38
C LEU B 209 5.59 12.41 7.22
N ILE B 210 4.71 13.41 7.21
CA ILE B 210 5.14 14.80 7.05
C ILE B 210 5.94 15.25 8.26
N SER B 211 5.55 14.83 9.46
CA SER B 211 6.28 15.20 10.67
C SER B 211 7.66 14.56 10.72
N GLY B 212 7.75 13.27 10.36
CA GLY B 212 9.05 12.62 10.34
C GLY B 212 9.99 13.15 9.28
N PHE B 213 9.46 13.39 8.07
CA PHE B 213 10.25 13.96 6.99
C PHE B 213 10.74 15.36 7.34
N THR B 214 9.89 16.17 7.96
CA THR B 214 10.24 17.53 8.32
C THR B 214 11.30 17.56 9.41
N THR B 215 11.19 16.67 10.39
CA THR B 215 12.17 16.62 11.46
C THR B 215 13.53 16.13 10.96
N ALA B 216 13.55 15.18 10.02
CA ALA B 216 14.83 14.74 9.48
C ALA B 216 15.45 15.78 8.56
N ALA B 217 14.62 16.47 7.80
CA ALA B 217 15.14 17.48 6.87
C ALA B 217 15.64 18.72 7.61
N ALA B 218 15.12 18.99 8.81
CA ALA B 218 15.70 20.05 9.63
C ALA B 218 17.12 19.70 10.07
N VAL B 219 17.39 18.42 10.34
CA VAL B 219 18.74 18.00 10.71
C VAL B 219 19.66 18.08 9.49
N HIS B 220 19.13 17.76 8.30
CA HIS B 220 19.88 17.95 7.06
C HIS B 220 20.28 19.42 6.86
N VAL B 221 19.33 20.32 7.07
CA VAL B 221 19.58 21.75 6.91
C VAL B 221 20.59 22.24 7.94
N LEU B 222 20.49 21.76 9.18
CA LEU B 222 21.42 22.17 10.23
C LEU B 222 22.83 21.68 9.96
N VAL B 223 22.97 20.47 9.41
CA VAL B 223 24.30 19.95 9.13
C VAL B 223 24.92 20.66 7.95
N SER B 224 24.13 20.99 6.92
CA SER B 224 24.70 21.60 5.73
C SER B 224 25.09 23.07 5.92
N GLN B 225 24.75 23.70 7.03
CA GLN B 225 25.18 25.07 7.29
C GLN B 225 26.48 25.15 8.06
N LEU B 226 27.11 24.01 8.36
CA LEU B 226 28.37 24.03 9.11
C LEU B 226 29.56 24.38 8.25
N LYS B 227 29.41 24.39 6.93
CA LYS B 227 30.48 24.84 6.05
C LYS B 227 30.78 26.31 6.25
N PHE B 228 29.75 27.10 6.54
CA PHE B 228 29.86 28.55 6.51
C PHE B 228 30.04 29.18 7.88
N ILE B 229 29.57 28.52 8.92
CA ILE B 229 29.79 29.04 10.27
C ILE B 229 31.24 28.84 10.68
N PHE B 230 31.81 27.69 10.33
CA PHE B 230 33.19 27.39 10.66
C PHE B 230 34.17 27.86 9.59
N GLN B 231 33.69 28.14 8.38
CA GLN B 231 34.47 28.49 7.19
C GLN B 231 35.49 27.37 6.86
N LEU B 232 34.92 26.23 6.49
CA LEU B 232 35.70 25.07 6.09
C LEU B 232 35.38 24.72 4.65
N THR B 233 36.21 23.86 4.06
CA THR B 233 36.08 23.44 2.67
C THR B 233 35.66 21.98 2.66
N VAL B 234 34.46 21.71 2.15
CA VAL B 234 33.88 20.38 2.13
C VAL B 234 33.59 20.02 0.68
N PRO B 235 33.98 18.84 0.20
CA PRO B 235 33.64 18.44 -1.17
C PRO B 235 32.16 18.16 -1.33
N SER B 236 31.75 17.95 -2.58
CA SER B 236 30.34 17.79 -2.93
C SER B 236 29.97 16.32 -2.85
N HIS B 237 29.56 15.89 -1.65
CA HIS B 237 29.15 14.51 -1.45
C HIS B 237 27.71 14.34 -1.95
N THR B 238 27.50 13.44 -2.90
CA THR B 238 26.17 13.02 -3.31
C THR B 238 26.07 11.52 -3.17
N ASP B 239 25.19 11.07 -2.32
CA ASP B 239 25.27 9.74 -1.77
C ASP B 239 23.91 9.28 -1.27
N PRO B 240 23.77 8.02 -0.89
CA PRO B 240 22.77 7.71 0.12
C PRO B 240 23.06 8.48 1.40
N VAL B 241 24.27 8.34 1.92
CA VAL B 241 24.56 8.60 3.34
C VAL B 241 25.25 9.94 3.48
N SER B 242 24.88 10.89 2.62
CA SER B 242 25.50 12.21 2.47
C SER B 242 25.73 12.97 3.76
N ILE B 243 24.84 12.86 4.74
CA ILE B 243 24.91 13.70 5.92
C ILE B 243 26.07 13.27 6.82
N PHE B 244 26.34 11.98 6.90
CA PHE B 244 27.45 11.50 7.71
C PHE B 244 28.79 11.76 7.04
N LYS B 245 28.82 11.76 5.71
CA LYS B 245 30.06 12.13 5.03
C LYS B 245 30.35 13.61 5.18
N VAL B 246 29.31 14.45 5.18
CA VAL B 246 29.51 15.88 5.41
C VAL B 246 29.98 16.11 6.84
N LEU B 247 29.42 15.36 7.80
CA LEU B 247 29.87 15.47 9.19
C LEU B 247 31.30 15.03 9.38
N TYR B 248 31.72 13.97 8.68
CA TYR B 248 33.11 13.53 8.76
C TYR B 248 34.05 14.51 8.11
N SER B 249 33.66 15.10 6.98
CA SER B 249 34.50 16.09 6.32
C SER B 249 34.59 17.39 7.11
N VAL B 250 33.57 17.72 7.90
CA VAL B 250 33.66 18.92 8.73
C VAL B 250 34.51 18.66 9.96
N PHE B 251 34.30 17.53 10.64
CA PHE B 251 34.98 17.32 11.91
C PHE B 251 36.37 16.72 11.76
N SER B 252 36.81 16.37 10.56
CA SER B 252 38.18 15.95 10.37
C SER B 252 39.14 17.14 10.42
N GLN B 253 38.63 18.35 10.16
CA GLN B 253 39.46 19.54 10.03
C GLN B 253 38.90 20.70 10.84
N ILE B 254 38.44 20.43 12.06
CA ILE B 254 37.87 21.51 12.87
C ILE B 254 38.94 22.31 13.59
N GLU B 255 40.21 21.92 13.49
CA GLU B 255 41.26 22.76 14.02
C GLU B 255 41.56 23.96 13.14
N LYS B 256 40.97 24.04 11.95
CA LYS B 256 41.22 25.12 11.00
C LYS B 256 40.04 26.09 10.90
N THR B 257 39.23 26.22 11.94
CA THR B 257 38.08 27.09 11.85
C THR B 257 38.49 28.55 12.01
N ASN B 258 37.55 29.42 11.70
CA ASN B 258 37.72 30.87 11.81
C ASN B 258 36.89 31.34 12.99
N ILE B 259 37.54 31.98 13.96
CA ILE B 259 36.84 32.36 15.19
C ILE B 259 35.93 33.56 14.93
N ALA B 260 36.34 34.46 14.04
CA ALA B 260 35.53 35.62 13.71
C ALA B 260 34.30 35.26 12.89
N ASP B 261 34.31 34.12 12.20
CA ASP B 261 33.09 33.64 11.56
C ASP B 261 32.18 32.87 12.50
N LEU B 262 32.69 32.41 13.64
CA LEU B 262 31.88 31.65 14.56
C LEU B 262 31.20 32.55 15.59
N VAL B 263 31.94 33.53 16.10
CA VAL B 263 31.40 34.45 17.08
C VAL B 263 30.28 35.30 16.49
N THR B 264 30.45 35.71 15.22
CA THR B 264 29.44 36.54 14.56
C THR B 264 28.16 35.74 14.29
N ALA B 265 28.29 34.49 13.87
CA ALA B 265 27.12 33.65 13.65
C ALA B 265 26.40 33.35 14.95
N LEU B 266 27.14 33.17 16.05
CA LEU B 266 26.52 32.94 17.35
C LEU B 266 25.76 34.16 17.83
N ILE B 267 26.35 35.35 17.67
CA ILE B 267 25.69 36.58 18.12
C ILE B 267 24.43 36.85 17.31
N VAL B 268 24.51 36.68 15.98
CA VAL B 268 23.36 36.94 15.12
C VAL B 268 22.24 35.93 15.40
N LEU B 269 22.60 34.65 15.59
CA LEU B 269 21.59 33.64 15.86
C LEU B 269 20.90 33.85 17.20
N LEU B 270 21.67 34.25 18.22
CA LEU B 270 21.09 34.52 19.53
C LEU B 270 20.14 35.72 19.50
N VAL B 271 20.54 36.79 18.81
CA VAL B 271 19.72 38.00 18.79
C VAL B 271 18.43 37.79 17.99
N VAL B 272 18.53 37.15 16.83
CA VAL B 272 17.28 36.93 16.08
C VAL B 272 16.44 35.83 16.70
N SER B 273 17.01 34.93 17.52
CA SER B 273 16.18 33.97 18.22
C SER B 273 15.41 34.62 19.36
N ILE B 274 16.04 35.50 20.14
CA ILE B 274 15.28 36.12 21.22
C ILE B 274 14.39 37.27 20.75
N VAL B 275 14.57 37.76 19.52
CA VAL B 275 13.62 38.74 19.02
C VAL B 275 12.47 38.08 18.26
N LYS B 276 12.72 36.97 17.55
CA LYS B 276 11.66 36.33 16.78
C LYS B 276 10.63 35.59 17.63
N GLU B 277 10.82 35.51 18.95
CA GLU B 277 9.78 34.98 19.83
C GLU B 277 9.11 36.07 20.65
N ILE B 278 9.67 37.28 20.71
CA ILE B 278 8.92 38.41 21.22
C ILE B 278 7.76 38.74 20.29
N ASN B 279 7.97 38.58 18.98
CA ASN B 279 6.92 38.85 18.00
C ASN B 279 5.76 37.86 18.08
N GLN B 280 5.96 36.69 18.68
CA GLN B 280 4.84 35.77 18.89
C GLN B 280 4.22 35.93 20.26
N ARG B 281 5.05 36.24 21.27
CA ARG B 281 4.55 36.54 22.61
C ARG B 281 3.74 37.83 22.62
N PHE B 282 4.08 38.77 21.74
CA PHE B 282 3.45 40.07 21.69
C PHE B 282 2.83 40.28 20.31
N LYS B 283 2.03 39.32 19.85
CA LYS B 283 1.34 39.48 18.57
C LYS B 283 0.31 40.61 18.63
N ASP B 284 -0.31 40.83 19.78
CA ASP B 284 -1.08 42.04 20.06
C ASP B 284 -0.11 43.17 20.41
N LYS B 285 -0.64 44.34 20.79
CA LYS B 285 0.08 45.46 21.41
C LYS B 285 1.08 46.13 20.46
N LEU B 286 1.32 45.58 19.28
CA LEU B 286 2.52 45.87 18.50
C LEU B 286 2.15 45.79 17.03
N PRO B 287 1.87 46.91 16.38
CA PRO B 287 1.68 46.90 14.94
C PRO B 287 3.02 46.80 14.24
N VAL B 288 2.99 46.22 13.03
CA VAL B 288 4.12 45.96 12.12
C VAL B 288 5.33 45.38 12.87
N PRO B 289 5.35 44.05 13.08
CA PRO B 289 6.38 43.41 13.91
C PRO B 289 7.81 43.70 13.45
N ILE B 290 8.73 43.61 14.42
CA ILE B 290 10.09 44.14 14.32
C ILE B 290 10.88 43.42 13.24
N PRO B 291 11.35 44.12 12.22
CA PRO B 291 12.20 43.46 11.21
C PRO B 291 13.60 43.27 11.74
N ILE B 292 13.93 42.05 12.16
CA ILE B 292 15.21 41.81 12.80
C ILE B 292 16.23 41.24 11.83
N GLU B 293 15.79 40.53 10.79
CA GLU B 293 16.71 40.04 9.77
C GLU B 293 17.24 41.18 8.91
N PHE B 294 16.50 42.29 8.84
CA PHE B 294 17.01 43.46 8.14
C PHE B 294 17.97 44.26 9.01
N ILE B 295 17.62 44.44 10.28
CA ILE B 295 18.43 45.25 11.19
C ILE B 295 19.76 44.59 11.47
N MET B 296 19.75 43.27 11.71
CA MET B 296 21.00 42.57 11.96
C MET B 296 21.89 42.50 10.72
N THR B 297 21.28 42.44 9.54
CA THR B 297 22.07 42.46 8.30
C THR B 297 22.71 43.82 8.08
N VAL B 298 21.97 44.90 8.34
CA VAL B 298 22.52 46.25 8.20
C VAL B 298 23.66 46.46 9.19
N ILE B 299 23.49 46.00 10.44
CA ILE B 299 24.53 46.15 11.46
C ILE B 299 25.76 45.33 11.11
N ALA B 300 25.58 44.09 10.66
CA ALA B 300 26.71 43.22 10.37
C ALA B 300 27.47 43.69 9.14
N ALA B 301 26.77 44.07 8.07
CA ALA B 301 27.45 44.56 6.88
C ALA B 301 28.04 45.94 7.07
N GLY B 302 27.55 46.72 8.04
CA GLY B 302 28.16 48.00 8.32
C GLY B 302 29.37 47.89 9.21
N VAL B 303 29.39 46.91 10.12
CA VAL B 303 30.56 46.75 10.97
C VAL B 303 31.64 45.93 10.27
N SER B 304 31.28 45.12 9.28
CA SER B 304 32.29 44.42 8.49
C SER B 304 33.00 45.36 7.53
N TYR B 305 32.27 46.34 7.00
CA TYR B 305 32.91 47.49 6.39
C TYR B 305 33.47 48.39 7.49
N GLY B 306 34.41 49.23 7.12
CA GLY B 306 34.94 50.16 8.12
C GLY B 306 35.96 49.61 9.09
N CYS B 307 35.64 48.51 9.76
CA CYS B 307 36.64 47.82 10.58
C CYS B 307 37.47 46.84 9.78
N ASP B 308 37.16 46.65 8.49
CA ASP B 308 37.94 45.88 7.52
C ASP B 308 38.10 44.43 7.96
N PHE B 309 36.96 43.74 8.04
CA PHE B 309 36.97 42.36 8.50
C PHE B 309 37.54 41.41 7.47
N LYS B 310 37.56 41.79 6.20
CA LYS B 310 38.10 40.92 5.17
C LYS B 310 39.62 40.86 5.21
N ASN B 311 40.28 41.85 5.81
CA ASN B 311 41.73 41.89 5.84
C ASN B 311 42.33 41.78 7.23
N ARG B 312 41.63 42.21 8.27
CA ARG B 312 42.13 41.97 9.63
C ARG B 312 42.03 40.50 9.98
N PHE B 313 40.83 39.96 9.94
CA PHE B 313 40.61 38.53 9.97
C PHE B 313 40.50 38.06 8.53
N LYS B 314 40.29 36.77 8.33
CA LYS B 314 40.14 36.25 6.97
C LYS B 314 38.78 35.60 6.87
N VAL B 315 37.76 36.42 6.62
CA VAL B 315 36.39 35.96 6.57
C VAL B 315 35.96 35.86 5.13
N ALA B 316 35.01 34.97 4.87
CA ALA B 316 34.43 34.88 3.54
C ALA B 316 33.29 35.88 3.43
N VAL B 317 33.24 36.59 2.31
CA VAL B 317 32.22 37.60 2.10
C VAL B 317 31.49 37.30 0.80
N VAL B 318 30.26 37.81 0.71
CA VAL B 318 29.57 37.87 -0.56
C VAL B 318 30.34 38.82 -1.47
N GLY B 319 30.71 38.35 -2.65
CA GLY B 319 31.64 39.08 -3.49
C GLY B 319 31.03 40.27 -4.20
N ASP B 320 31.64 40.60 -5.33
CA ASP B 320 31.11 41.63 -6.20
C ASP B 320 30.13 40.98 -7.15
N MET B 321 28.86 41.37 -7.06
CA MET B 321 27.86 40.89 -7.99
C MET B 321 27.75 41.86 -9.15
N ASN B 322 27.81 41.35 -10.38
CA ASN B 322 27.69 42.26 -11.51
C ASN B 322 26.23 42.62 -11.74
N PRO B 323 25.94 43.88 -12.06
CA PRO B 323 24.55 44.30 -12.20
C PRO B 323 23.94 43.81 -13.51
N GLY B 324 22.65 43.55 -13.45
CA GLY B 324 21.89 43.16 -14.63
C GLY B 324 21.50 41.71 -14.61
N PHE B 325 20.72 41.33 -15.62
CA PHE B 325 20.27 39.96 -15.80
C PHE B 325 21.17 39.22 -16.76
N GLN B 326 20.95 37.99 -16.88
CA GLN B 326 21.72 37.20 -17.81
C GLN B 326 20.90 36.92 -19.06
N PRO B 327 21.55 36.70 -20.21
CA PRO B 327 20.83 36.25 -21.41
C PRO B 327 20.27 34.86 -21.22
N PRO B 328 19.26 34.48 -22.00
CA PRO B 328 18.65 33.15 -21.82
C PRO B 328 19.59 32.01 -22.18
N ILE B 329 19.35 30.87 -21.56
CA ILE B 329 20.18 29.70 -21.75
C ILE B 329 19.35 28.63 -22.44
N THR B 330 20.04 27.69 -23.05
CA THR B 330 19.36 26.55 -23.65
C THR B 330 19.56 25.33 -22.79
N PRO B 331 18.50 24.63 -22.39
CA PRO B 331 18.67 23.50 -21.48
C PRO B 331 19.35 22.32 -22.14
N ASP B 332 20.28 21.71 -21.41
CA ASP B 332 21.05 20.57 -21.89
C ASP B 332 20.23 19.30 -21.73
N VAL B 333 20.07 18.55 -22.83
CA VAL B 333 19.35 17.29 -22.75
C VAL B 333 20.18 16.18 -22.14
N GLU B 334 21.50 16.33 -22.12
CA GLU B 334 22.34 15.37 -21.41
C GLU B 334 22.13 15.47 -19.91
N THR B 335 21.86 16.67 -19.40
CA THR B 335 21.48 16.82 -18.00
C THR B 335 20.08 16.28 -17.78
N PHE B 336 19.20 16.42 -18.78
CA PHE B 336 17.86 15.86 -18.71
C PHE B 336 17.87 14.34 -18.66
N GLN B 337 18.91 13.72 -19.23
CA GLN B 337 18.96 12.26 -19.29
C GLN B 337 19.15 11.64 -17.91
N ASN B 338 20.00 12.22 -17.08
CA ASN B 338 20.41 11.57 -15.84
C ASN B 338 20.02 12.37 -14.60
N THR B 339 18.89 13.07 -14.64
CA THR B 339 18.35 13.76 -13.47
C THR B 339 16.84 13.61 -13.36
N VAL B 340 16.28 12.53 -13.91
CA VAL B 340 14.83 12.42 -13.98
C VAL B 340 14.23 12.07 -12.63
N GLY B 341 14.80 11.07 -11.95
CA GLY B 341 14.34 10.71 -10.63
C GLY B 341 14.57 11.76 -9.57
N ASP B 342 15.51 12.67 -9.81
CA ASP B 342 15.68 13.80 -8.90
C ASP B 342 14.63 14.87 -9.15
N CYS B 343 14.34 15.13 -10.43
CA CYS B 343 13.40 16.18 -10.78
C CYS B 343 11.96 15.81 -10.43
N PHE B 344 11.64 14.52 -10.45
CA PHE B 344 10.31 14.08 -9.99
C PHE B 344 10.12 14.37 -8.50
N GLY B 345 11.13 14.07 -7.69
CA GLY B 345 11.05 14.36 -6.27
C GLY B 345 11.03 15.84 -5.97
N ILE B 346 11.78 16.62 -6.76
CA ILE B 346 11.81 18.08 -6.56
C ILE B 346 10.44 18.68 -6.87
N ALA B 347 9.82 18.25 -7.98
CA ALA B 347 8.50 18.75 -8.35
C ALA B 347 7.44 18.37 -7.33
N MET B 348 7.46 17.12 -6.85
CA MET B 348 6.45 16.68 -5.90
C MET B 348 6.61 17.37 -4.55
N VAL B 349 7.84 17.54 -4.07
CA VAL B 349 8.06 18.21 -2.79
C VAL B 349 7.68 19.68 -2.86
N ALA B 350 7.99 20.34 -3.98
CA ALA B 350 7.65 21.75 -4.14
C ALA B 350 6.14 21.97 -4.16
N PHE B 351 5.41 21.13 -4.90
CA PHE B 351 3.96 21.29 -4.95
C PHE B 351 3.30 20.96 -3.62
N ALA B 352 3.79 19.92 -2.93
CA ALA B 352 3.19 19.53 -1.66
C ALA B 352 3.38 20.60 -0.59
N VAL B 353 4.58 21.18 -0.51
CA VAL B 353 4.86 22.25 0.45
C VAL B 353 4.01 23.47 0.14
N ALA B 354 3.94 23.86 -1.14
CA ALA B 354 3.19 25.07 -1.50
C ALA B 354 1.69 24.91 -1.24
N PHE B 355 1.14 23.73 -1.53
CA PHE B 355 -0.29 23.51 -1.30
C PHE B 355 -0.62 23.47 0.18
N SER B 356 0.25 22.84 0.99
CA SER B 356 -0.03 22.80 2.42
C SER B 356 0.09 24.16 3.08
N VAL B 357 1.00 25.01 2.60
CA VAL B 357 1.10 26.34 3.20
C VAL B 357 -0.06 27.23 2.73
N ALA B 358 -0.50 27.07 1.47
CA ALA B 358 -1.59 27.91 0.99
C ALA B 358 -2.94 27.51 1.57
N SER B 359 -3.11 26.23 1.93
CA SER B 359 -4.38 25.76 2.46
C SER B 359 -4.71 26.36 3.81
N VAL B 360 -3.68 26.71 4.60
CA VAL B 360 -3.88 27.30 5.92
C VAL B 360 -4.54 28.66 5.80
N TYR B 361 -4.03 29.52 4.91
CA TYR B 361 -4.60 30.84 4.75
C TYR B 361 -5.90 30.80 3.95
N SER B 362 -6.06 29.81 3.08
CA SER B 362 -7.34 29.63 2.40
C SER B 362 -8.44 29.23 3.36
N LEU B 363 -8.11 28.44 4.38
CA LEU B 363 -9.09 28.13 5.41
C LEU B 363 -9.30 29.31 6.34
N LYS B 364 -8.24 30.08 6.61
CA LYS B 364 -8.33 31.19 7.56
C LYS B 364 -9.14 32.36 7.02
N TYR B 365 -9.08 32.61 5.71
CA TYR B 365 -9.76 33.78 5.15
C TYR B 365 -10.93 33.43 4.25
N ASP B 366 -11.25 32.14 4.09
CA ASP B 366 -12.46 31.64 3.43
C ASP B 366 -12.53 32.08 1.97
N TYR B 367 -11.59 31.55 1.19
CA TYR B 367 -11.64 31.65 -0.26
C TYR B 367 -11.21 30.33 -0.86
N PRO B 368 -11.74 29.96 -2.03
CA PRO B 368 -11.41 28.65 -2.60
C PRO B 368 -10.02 28.61 -3.21
N LEU B 369 -9.44 27.41 -3.21
CA LEU B 369 -8.09 27.18 -3.67
C LEU B 369 -8.08 26.03 -4.67
N ASP B 370 -7.73 26.33 -5.91
CA ASP B 370 -7.70 25.33 -6.98
C ASP B 370 -6.37 24.59 -6.93
N GLY B 371 -6.43 23.28 -6.71
CA GLY B 371 -5.20 22.50 -6.62
C GLY B 371 -4.53 22.25 -7.94
N ASN B 372 -5.28 22.27 -9.03
CA ASN B 372 -4.69 22.04 -10.35
C ASN B 372 -4.13 23.30 -10.97
N GLN B 373 -4.58 24.48 -10.53
CA GLN B 373 -4.05 25.73 -11.04
C GLN B 373 -2.72 26.08 -10.37
N GLU B 374 -2.52 25.61 -9.14
CA GLU B 374 -1.25 25.80 -8.46
C GLU B 374 -0.12 25.11 -9.19
N LEU B 375 -0.38 23.92 -9.73
CA LEU B 375 0.64 23.19 -10.47
C LEU B 375 1.02 23.90 -11.76
N ILE B 376 0.04 24.46 -12.46
CA ILE B 376 0.30 25.18 -13.70
C ILE B 376 1.08 26.46 -13.41
N ALA B 377 0.70 27.19 -12.37
CA ALA B 377 1.39 28.43 -12.03
C ALA B 377 2.83 28.18 -11.57
N LEU B 378 3.03 27.18 -10.72
CA LEU B 378 4.37 26.89 -10.24
C LEU B 378 5.25 26.31 -11.34
N GLY B 379 4.69 25.51 -12.24
CA GLY B 379 5.46 24.97 -13.34
C GLY B 379 5.87 26.03 -14.35
N LEU B 380 4.97 26.96 -14.67
CA LEU B 380 5.33 28.06 -15.55
C LEU B 380 6.37 28.97 -14.93
N GLY B 381 6.24 29.24 -13.63
CA GLY B 381 7.24 30.04 -12.95
C GLY B 381 8.60 29.38 -12.90
N ASN B 382 8.64 28.06 -12.70
CA ASN B 382 9.91 27.35 -12.67
C ASN B 382 10.55 27.28 -14.05
N ILE B 383 9.74 27.14 -15.12
CA ILE B 383 10.29 27.11 -16.47
C ILE B 383 10.90 28.45 -16.84
N VAL B 384 10.17 29.55 -16.57
CA VAL B 384 10.69 30.88 -16.88
C VAL B 384 11.89 31.23 -15.98
N CYS B 385 11.92 30.74 -14.75
CA CYS B 385 13.07 30.97 -13.88
C CYS B 385 14.29 30.19 -14.35
N GLY B 386 14.10 28.95 -14.80
CA GLY B 386 15.22 28.15 -15.24
C GLY B 386 15.78 28.55 -16.59
N VAL B 387 14.97 29.18 -17.45
CA VAL B 387 15.51 29.68 -18.70
C VAL B 387 16.47 30.84 -18.45
N PHE B 388 16.14 31.72 -17.51
CA PHE B 388 16.98 32.87 -17.19
C PHE B 388 17.94 32.60 -16.03
N ARG B 389 18.35 31.34 -15.86
CA ARG B 389 19.47 30.91 -15.00
C ARG B 389 19.20 31.08 -13.51
N GLY B 390 17.95 31.04 -13.08
CA GLY B 390 17.65 30.87 -11.67
C GLY B 390 17.55 29.39 -11.32
N PHE B 391 17.22 29.13 -10.06
CA PHE B 391 16.96 27.76 -9.64
C PHE B 391 15.56 27.65 -9.05
N ALA B 392 15.13 26.41 -8.83
CA ALA B 392 13.74 26.10 -8.60
C ALA B 392 13.27 26.54 -7.22
N GLY B 393 11.96 26.65 -7.08
CA GLY B 393 11.41 26.99 -5.79
C GLY B 393 9.89 27.09 -5.82
N SER B 394 9.33 27.22 -4.63
CA SER B 394 7.92 27.45 -4.35
C SER B 394 7.89 28.30 -3.08
N THR B 395 6.76 28.32 -2.38
CA THR B 395 6.70 29.19 -1.21
C THR B 395 7.57 28.68 -0.07
N ALA B 396 7.97 29.60 0.79
CA ALA B 396 8.62 29.31 2.06
C ALA B 396 7.66 29.68 3.19
N LEU B 397 7.71 28.92 4.28
CA LEU B 397 6.74 29.13 5.35
C LEU B 397 7.02 30.40 6.13
N SER B 398 8.29 30.72 6.35
CA SER B 398 8.64 31.89 7.13
C SER B 398 8.39 33.17 6.35
N ARG B 399 8.69 33.17 5.05
CA ARG B 399 8.46 34.35 4.24
C ARG B 399 6.97 34.59 4.02
N SER B 400 6.19 33.52 3.88
CA SER B 400 4.74 33.66 3.78
C SER B 400 4.14 34.16 5.08
N ALA B 401 4.70 33.73 6.22
CA ALA B 401 4.22 34.23 7.50
C ALA B 401 4.58 35.70 7.69
N VAL B 402 5.73 36.13 7.16
CA VAL B 402 6.08 37.56 7.21
C VAL B 402 5.14 38.37 6.33
N GLN B 403 4.80 37.85 5.15
CA GLN B 403 3.89 38.58 4.26
C GLN B 403 2.47 38.64 4.82
N GLU B 404 2.03 37.59 5.49
CA GLU B 404 0.67 37.58 6.02
C GLU B 404 0.56 38.38 7.30
N SER B 405 1.55 38.30 8.18
CA SER B 405 1.46 38.97 9.47
C SER B 405 1.70 40.46 9.40
N THR B 406 2.11 40.99 8.25
CA THR B 406 2.29 42.42 8.09
C THR B 406 1.04 43.10 7.53
N GLY B 407 0.12 42.32 6.97
CA GLY B 407 -1.12 42.87 6.48
C GLY B 407 -1.34 42.62 5.00
N GLY B 408 -0.73 41.57 4.48
CA GLY B 408 -0.85 41.27 3.06
C GLY B 408 -2.24 40.77 2.73
N LYS B 409 -2.94 41.49 1.86
CA LYS B 409 -4.30 41.14 1.49
C LYS B 409 -4.40 40.38 0.18
N THR B 410 -3.49 40.62 -0.76
CA THR B 410 -3.54 39.98 -2.06
C THR B 410 -2.13 39.86 -2.61
N GLN B 411 -2.01 39.55 -3.89
CA GLN B 411 -0.72 39.33 -4.53
C GLN B 411 -0.12 40.60 -5.12
N ILE B 412 -0.60 41.77 -4.72
CA ILE B 412 0.12 43.00 -5.04
C ILE B 412 1.36 43.12 -4.15
N ALA B 413 1.31 42.50 -2.97
CA ALA B 413 2.47 42.48 -2.09
C ALA B 413 3.62 41.67 -2.70
N GLY B 414 3.29 40.57 -3.40
CA GLY B 414 4.31 39.85 -4.13
C GLY B 414 4.89 40.66 -5.29
N LEU B 415 4.07 41.50 -5.92
CA LEU B 415 4.58 42.37 -6.98
C LEU B 415 5.54 43.41 -6.43
N ILE B 416 5.23 43.99 -5.27
CA ILE B 416 6.13 44.99 -4.70
C ILE B 416 7.41 44.34 -4.16
N GLY B 417 7.30 43.11 -3.64
CA GLY B 417 8.50 42.37 -3.28
C GLY B 417 9.40 42.07 -4.48
N ALA B 418 8.81 41.71 -5.62
CA ALA B 418 9.60 41.52 -6.83
C ALA B 418 10.19 42.83 -7.35
N ILE B 419 9.50 43.95 -7.13
CA ILE B 419 10.04 45.25 -7.51
C ILE B 419 11.28 45.59 -6.68
N ILE B 420 11.26 45.24 -5.39
CA ILE B 420 12.41 45.51 -4.54
C ILE B 420 13.58 44.59 -4.89
N VAL B 421 13.30 43.33 -5.24
CA VAL B 421 14.35 42.43 -5.72
C VAL B 421 14.96 42.95 -7.02
N LEU B 422 14.13 43.49 -7.91
CA LEU B 422 14.61 44.07 -9.16
C LEU B 422 15.49 45.29 -8.91
N ILE B 423 15.10 46.14 -7.96
CA ILE B 423 15.92 47.32 -7.68
C ILE B 423 17.20 46.96 -6.95
N VAL B 424 17.28 45.80 -6.32
CA VAL B 424 18.56 45.35 -5.78
C VAL B 424 19.45 44.79 -6.89
N VAL B 425 18.86 44.05 -7.84
CA VAL B 425 19.63 43.48 -8.95
C VAL B 425 20.20 44.57 -9.86
N LEU B 426 19.38 45.56 -10.20
CA LEU B 426 19.83 46.55 -11.19
C LEU B 426 20.70 47.64 -10.59
N ALA B 427 20.41 48.08 -9.37
CA ALA B 427 20.95 49.35 -8.90
C ALA B 427 21.89 49.24 -7.70
N ILE B 428 21.45 48.61 -6.61
CA ILE B 428 22.16 48.77 -5.34
C ILE B 428 22.79 47.46 -4.90
N GLY B 429 23.23 46.65 -5.86
CA GLY B 429 24.00 45.47 -5.51
C GLY B 429 25.44 45.72 -5.12
N PHE B 430 25.90 46.97 -5.14
CA PHE B 430 27.24 47.28 -4.65
C PHE B 430 27.28 47.33 -3.14
N LEU B 431 26.15 47.56 -2.48
CA LEU B 431 25.98 47.18 -1.09
C LEU B 431 25.85 45.67 -1.01
N LEU B 432 25.86 45.14 0.21
CA LEU B 432 25.91 43.71 0.53
C LEU B 432 27.16 43.02 0.00
N ALA B 433 28.18 43.76 -0.39
CA ALA B 433 29.51 43.26 -0.67
C ALA B 433 30.35 43.03 0.58
N PRO B 434 30.25 43.82 1.66
CA PRO B 434 30.89 43.39 2.90
C PRO B 434 30.06 42.45 3.77
N LEU B 435 28.99 41.84 3.27
CA LEU B 435 28.21 40.92 4.09
C LEU B 435 28.97 39.62 4.26
N GLN B 436 28.92 39.07 5.47
CA GLN B 436 29.98 38.20 5.98
C GLN B 436 29.74 36.71 5.78
N LYS B 437 28.67 36.33 5.07
CA LYS B 437 28.46 34.96 4.55
C LYS B 437 28.24 33.89 5.61
N SER B 438 28.43 34.20 6.89
CA SER B 438 27.99 33.37 7.99
C SER B 438 26.86 34.01 8.76
N VAL B 439 26.67 35.32 8.59
CA VAL B 439 25.42 35.96 8.95
C VAL B 439 24.28 35.40 8.12
N LEU B 440 24.54 35.16 6.83
CA LEU B 440 23.53 34.55 5.97
C LEU B 440 23.25 33.11 6.35
N ALA B 441 24.24 32.41 6.88
CA ALA B 441 24.00 31.06 7.36
C ALA B 441 23.30 31.06 8.71
N ALA B 442 23.52 32.10 9.52
CA ALA B 442 22.86 32.16 10.82
C ALA B 442 21.43 32.64 10.69
N LEU B 443 21.10 33.36 9.62
CA LEU B 443 19.71 33.74 9.42
C LEU B 443 18.86 32.56 8.99
N ALA B 444 19.44 31.58 8.30
CA ALA B 444 18.70 30.42 7.88
C ALA B 444 18.49 29.41 9.00
N LEU B 445 19.25 29.51 10.08
CA LEU B 445 19.07 28.64 11.24
C LEU B 445 18.05 29.15 12.22
N GLY B 446 17.59 30.40 12.07
CA GLY B 446 16.60 30.93 12.97
C GLY B 446 15.19 30.42 12.73
N ASN B 447 14.98 29.70 11.63
CA ASN B 447 13.68 29.16 11.30
C ASN B 447 13.61 27.65 11.49
N LEU B 448 14.50 27.08 12.32
CA LEU B 448 14.54 25.65 12.56
C LEU B 448 13.86 25.26 13.86
N LYS B 449 13.30 26.22 14.61
CA LYS B 449 12.76 25.90 15.92
C LYS B 449 11.49 25.09 15.81
N GLY B 450 10.58 25.49 14.92
CA GLY B 450 9.32 24.78 14.78
C GLY B 450 9.46 23.42 14.14
N MET B 451 10.52 23.20 13.37
CA MET B 451 10.76 21.89 12.80
C MET B 451 11.45 20.96 13.78
N LEU B 452 12.33 21.48 14.63
CA LEU B 452 13.02 20.66 15.61
C LEU B 452 12.20 20.41 16.86
N MET B 453 11.15 21.21 17.10
CA MET B 453 10.25 20.95 18.21
C MET B 453 9.31 19.79 17.96
N GLN B 454 9.34 19.17 16.78
CA GLN B 454 8.51 18.03 16.46
C GLN B 454 9.14 16.71 16.88
N PHE B 455 10.22 16.76 17.65
CA PHE B 455 10.75 15.55 18.25
C PHE B 455 9.86 15.05 19.38
N ALA B 456 9.03 15.93 19.95
CA ALA B 456 8.06 15.52 20.96
C ALA B 456 6.75 15.07 20.32
N GLU B 457 6.87 14.19 19.34
CA GLU B 457 5.73 13.53 18.71
C GLU B 457 5.89 12.03 18.69
N ILE B 458 7.07 11.51 18.99
CA ILE B 458 7.22 10.07 19.19
C ILE B 458 6.50 9.64 20.46
N GLY B 459 6.62 10.43 21.53
CA GLY B 459 5.96 10.07 22.77
C GLY B 459 4.47 10.30 22.73
N ARG B 460 4.00 11.27 21.95
CA ARG B 460 2.56 11.48 21.81
C ARG B 460 1.94 10.38 20.96
N LEU B 461 2.57 10.04 19.84
CA LEU B 461 2.04 9.02 18.96
C LEU B 461 2.24 7.61 19.50
N TRP B 462 3.12 7.44 20.48
CA TRP B 462 3.34 6.12 21.05
C TRP B 462 2.13 5.66 21.85
N ARG B 463 1.51 6.56 22.59
CA ARG B 463 0.39 6.21 23.45
C ARG B 463 -0.96 6.43 22.77
N LYS B 464 -0.98 6.69 21.48
CA LYS B 464 -2.23 6.91 20.76
C LYS B 464 -2.52 5.86 19.71
N ASP B 465 -1.61 5.63 18.76
CA ASP B 465 -1.90 4.70 17.68
C ASP B 465 -0.95 3.53 17.58
N LYS B 466 0.36 3.77 17.65
CA LYS B 466 1.48 2.83 17.48
C LYS B 466 1.64 2.30 16.06
N TYR B 467 0.72 2.62 15.16
CA TYR B 467 0.94 2.40 13.74
C TYR B 467 1.45 3.65 13.06
N ASP B 468 1.19 4.82 13.63
CA ASP B 468 1.73 6.07 13.14
C ASP B 468 3.05 6.44 13.79
N CYS B 469 3.33 5.93 14.98
CA CYS B 469 4.67 6.03 15.55
C CYS B 469 5.68 5.28 14.68
N LEU B 470 5.28 4.13 14.15
CA LEU B 470 6.12 3.37 13.24
C LEU B 470 6.37 4.13 11.95
N ILE B 471 5.35 4.82 11.44
CA ILE B 471 5.49 5.63 10.23
C ILE B 471 6.45 6.79 10.48
N TRP B 472 6.34 7.42 11.66
CA TRP B 472 7.25 8.50 12.04
C TRP B 472 8.69 8.04 12.09
N ILE B 473 8.94 6.91 12.77
CA ILE B 473 10.31 6.44 12.96
C ILE B 473 10.91 5.96 11.65
N MET B 474 10.12 5.28 10.82
CA MET B 474 10.65 4.82 9.55
C MET B 474 10.88 5.96 8.57
N THR B 475 10.04 7.01 8.61
CA THR B 475 10.27 8.17 7.76
C THR B 475 11.53 8.92 8.17
N PHE B 476 11.76 9.06 9.48
CA PHE B 476 12.97 9.69 9.98
C PHE B 476 14.22 8.90 9.58
N ILE B 477 14.18 7.59 9.73
CA ILE B 477 15.35 6.77 9.45
C ILE B 477 15.64 6.72 7.95
N PHE B 478 14.60 6.59 7.12
CA PHE B 478 14.78 6.56 5.68
C PHE B 478 15.28 7.89 5.15
N THR B 479 14.81 9.00 5.72
CA THR B 479 15.27 10.30 5.23
C THR B 479 16.69 10.61 5.69
N ILE B 480 17.07 10.19 6.90
CA ILE B 480 18.43 10.43 7.36
C ILE B 480 19.41 9.55 6.59
N VAL B 481 19.07 8.28 6.39
CA VAL B 481 20.03 7.34 5.82
C VAL B 481 20.07 7.43 4.30
N LEU B 482 18.90 7.50 3.64
CA LEU B 482 18.88 7.45 2.19
C LEU B 482 18.88 8.82 1.52
N GLY B 483 18.58 9.88 2.24
CA GLY B 483 18.54 11.20 1.66
C GLY B 483 17.12 11.69 1.45
N LEU B 484 17.02 12.93 0.96
CA LEU B 484 15.73 13.60 0.88
C LEU B 484 14.87 13.11 -0.28
N GLY B 485 15.49 12.68 -1.37
CA GLY B 485 14.72 12.27 -2.53
C GLY B 485 14.23 10.85 -2.48
N LEU B 486 15.12 9.91 -2.12
CA LEU B 486 14.75 8.51 -2.10
C LEU B 486 14.10 8.09 -0.80
N GLY B 487 14.38 8.82 0.28
CA GLY B 487 13.76 8.52 1.56
C GLY B 487 12.27 8.78 1.58
N LEU B 488 11.82 9.80 0.84
CA LEU B 488 10.40 10.07 0.75
C LEU B 488 9.68 8.97 -0.04
N ALA B 489 10.31 8.49 -1.11
CA ALA B 489 9.75 7.41 -1.91
C ALA B 489 9.70 6.11 -1.13
N ALA B 490 10.67 5.86 -0.25
CA ALA B 490 10.60 4.67 0.59
C ALA B 490 9.54 4.82 1.67
N SER B 491 9.37 6.04 2.19
CA SER B 491 8.45 6.27 3.29
C SER B 491 7.00 6.15 2.84
N VAL B 492 6.70 6.58 1.61
CA VAL B 492 5.34 6.45 1.08
C VAL B 492 4.96 4.98 0.93
N ALA B 493 5.91 4.15 0.49
CA ALA B 493 5.64 2.72 0.35
C ALA B 493 5.46 2.03 1.70
N PHE B 494 6.25 2.43 2.70
CA PHE B 494 6.04 1.83 4.02
C PHE B 494 4.72 2.26 4.65
N GLN B 495 4.33 3.52 4.41
CA GLN B 495 3.04 4.01 4.89
C GLN B 495 1.89 3.27 4.22
N LEU B 496 2.04 2.87 2.97
CA LEU B 496 1.06 1.99 2.34
C LEU B 496 1.09 0.58 2.91
N LEU B 497 2.25 0.10 3.36
CA LEU B 497 2.29 -1.21 4.03
C LEU B 497 1.54 -1.22 5.35
N THR B 498 1.53 -0.09 6.08
CA THR B 498 0.85 -0.08 7.37
C THR B 498 -0.65 -0.24 7.27
N ILE B 499 -1.26 0.10 6.13
CA ILE B 499 -2.69 -0.13 5.92
C ILE B 499 -2.98 -1.62 5.85
N VAL B 500 -2.11 -2.38 5.21
CA VAL B 500 -2.24 -3.84 5.20
C VAL B 500 -1.95 -4.40 6.58
N PHE B 501 -1.01 -3.79 7.31
CA PHE B 501 -0.70 -4.25 8.67
C PHE B 501 -1.88 -4.07 9.61
N ARG B 502 -2.68 -3.04 9.41
CA ARG B 502 -3.84 -2.80 10.27
C ARG B 502 -4.94 -3.85 10.09
N THR B 503 -4.98 -4.55 8.96
CA THR B 503 -6.11 -5.41 8.63
C THR B 503 -5.69 -6.85 8.33
N GLN B 504 -4.50 -7.26 8.77
CA GLN B 504 -4.04 -8.63 8.52
C GLN B 504 -4.79 -9.63 9.38
N PHE B 505 -4.80 -9.40 10.70
CA PHE B 505 -5.40 -10.30 11.67
C PHE B 505 -6.50 -9.55 12.41
N PRO B 506 -7.69 -9.43 11.83
CA PRO B 506 -8.78 -8.74 12.54
C PRO B 506 -9.32 -9.60 13.66
N LYS B 507 -9.80 -8.94 14.70
CA LYS B 507 -10.31 -9.63 15.89
C LYS B 507 -11.72 -10.12 15.60
N CYS B 508 -11.82 -11.32 15.07
CA CYS B 508 -13.11 -11.92 14.76
C CYS B 508 -13.71 -12.55 16.00
N SER B 509 -15.02 -12.42 16.16
CA SER B 509 -15.70 -12.84 17.38
C SER B 509 -17.03 -13.50 17.06
N THR B 510 -17.58 -14.21 18.04
CA THR B 510 -18.92 -14.76 17.96
C THR B 510 -19.86 -13.94 18.81
N LEU B 511 -21.11 -13.83 18.39
CA LEU B 511 -22.08 -12.97 19.04
C LEU B 511 -23.15 -13.79 19.75
N ALA B 512 -23.85 -13.13 20.67
CA ALA B 512 -24.95 -13.74 21.39
C ALA B 512 -25.93 -12.64 21.81
N ASN B 513 -27.11 -13.06 22.23
CA ASN B 513 -28.23 -12.16 22.47
C ASN B 513 -28.26 -11.72 23.94
N ILE B 514 -28.44 -10.42 24.17
CA ILE B 514 -28.52 -9.88 25.52
C ILE B 514 -29.92 -9.32 25.75
N GLY B 515 -30.57 -9.78 26.82
CA GLY B 515 -31.80 -9.18 27.27
C GLY B 515 -33.05 -9.62 26.55
N ARG B 516 -32.97 -10.68 25.72
CA ARG B 516 -34.10 -11.23 24.97
C ARG B 516 -34.78 -10.20 24.07
N THR B 517 -33.95 -9.44 23.36
CA THR B 517 -34.38 -8.36 22.47
C THR B 517 -33.56 -8.50 21.20
N ASN B 518 -33.49 -7.43 20.40
CA ASN B 518 -32.76 -7.48 19.14
C ASN B 518 -31.35 -6.90 19.24
N ILE B 519 -30.67 -7.11 20.36
CA ILE B 519 -29.30 -6.64 20.55
C ILE B 519 -28.37 -7.84 20.62
N TYR B 520 -27.32 -7.84 19.80
CA TYR B 520 -26.38 -8.94 19.72
C TYR B 520 -24.97 -8.41 19.86
N LYS B 521 -24.27 -8.83 20.91
CA LYS B 521 -22.91 -8.37 21.17
C LYS B 521 -22.01 -9.55 21.44
N ASN B 522 -20.75 -9.24 21.78
CA ASN B 522 -19.69 -10.23 21.89
C ASN B 522 -19.96 -11.21 23.02
N LYS B 523 -19.74 -12.49 22.72
CA LYS B 523 -20.11 -13.58 23.60
C LYS B 523 -19.27 -13.64 24.87
N LYS B 524 -18.08 -13.08 24.86
CA LYS B 524 -17.18 -13.12 26.01
C LYS B 524 -17.34 -11.93 26.94
N ASP B 525 -18.17 -10.96 26.61
CA ASP B 525 -18.12 -9.66 27.26
C ASP B 525 -19.14 -9.44 28.34
N TYR B 526 -20.27 -10.14 28.31
CA TYR B 526 -21.35 -9.90 29.26
C TYR B 526 -21.69 -11.21 29.96
N TYR B 527 -22.65 -11.16 30.88
CA TYR B 527 -22.81 -12.26 31.82
C TYR B 527 -23.90 -13.25 31.46
N ASP B 528 -25.12 -12.82 31.18
CA ASP B 528 -26.20 -13.78 30.98
C ASP B 528 -26.71 -13.78 29.55
N MET B 529 -25.79 -13.83 28.60
CA MET B 529 -26.14 -13.81 27.20
C MET B 529 -26.71 -15.15 26.77
N TYR B 530 -27.74 -15.10 25.92
CA TYR B 530 -28.39 -16.27 25.39
C TYR B 530 -27.89 -16.57 23.98
N GLU B 531 -27.80 -17.83 23.65
CA GLU B 531 -27.39 -18.28 22.34
C GLU B 531 -28.32 -19.39 21.90
N PRO B 532 -29.02 -19.24 20.78
CA PRO B 532 -30.03 -20.24 20.39
C PRO B 532 -29.40 -21.56 19.99
N GLU B 533 -30.17 -22.63 20.15
CA GLU B 533 -29.66 -23.98 19.99
C GLU B 533 -29.42 -24.29 18.52
N GLY B 534 -28.16 -24.52 18.16
CA GLY B 534 -27.80 -24.85 16.81
C GLY B 534 -27.47 -23.68 15.91
N VAL B 535 -27.46 -22.46 16.43
CA VAL B 535 -27.19 -21.27 15.65
C VAL B 535 -25.86 -20.70 16.09
N LYS B 536 -25.05 -20.27 15.11
CA LYS B 536 -23.76 -19.66 15.37
C LYS B 536 -23.68 -18.36 14.60
N ILE B 537 -23.39 -17.27 15.30
CA ILE B 537 -23.28 -15.95 14.70
C ILE B 537 -21.82 -15.54 14.75
N PHE B 538 -21.29 -15.11 13.61
CA PHE B 538 -19.87 -14.84 13.47
C PHE B 538 -19.64 -13.49 12.81
N ARG B 539 -18.76 -12.69 13.37
CA ARG B 539 -18.54 -11.33 12.90
C ARG B 539 -17.08 -11.11 12.58
N CYS B 540 -16.81 -10.56 11.38
CA CYS B 540 -15.48 -10.12 10.99
C CYS B 540 -15.51 -8.60 10.80
N PRO B 541 -14.81 -7.82 11.62
CA PRO B 541 -14.94 -6.36 11.61
C PRO B 541 -13.98 -5.64 10.68
N SER B 542 -13.89 -6.10 9.43
CA SER B 542 -12.87 -5.60 8.52
C SER B 542 -13.27 -5.95 7.11
N PRO B 543 -12.85 -5.18 6.10
CA PRO B 543 -13.00 -5.64 4.72
C PRO B 543 -12.10 -6.84 4.45
N ILE B 544 -12.61 -7.76 3.64
CA ILE B 544 -11.94 -9.03 3.37
C ILE B 544 -11.33 -8.95 1.98
N TYR B 545 -10.02 -9.08 1.90
CA TYR B 545 -9.30 -8.98 0.64
C TYR B 545 -8.24 -10.07 0.64
N PHE B 546 -7.25 -9.96 -0.25
CA PHE B 546 -6.33 -11.06 -0.52
C PHE B 546 -5.43 -11.38 0.67
N ALA B 547 -5.10 -10.39 1.49
CA ALA B 547 -4.24 -10.61 2.65
C ALA B 547 -5.02 -11.00 3.89
N ASN B 548 -6.27 -11.41 3.72
CA ASN B 548 -7.20 -11.52 4.82
C ASN B 548 -8.03 -12.77 4.82
N ILE B 549 -8.11 -13.51 3.71
CA ILE B 549 -9.16 -14.51 3.54
C ILE B 549 -8.79 -15.85 4.17
N GLY B 550 -7.51 -16.23 4.20
CA GLY B 550 -7.12 -17.45 4.87
C GLY B 550 -7.24 -17.35 6.38
N PHE B 551 -6.96 -16.17 6.93
CA PHE B 551 -7.17 -15.91 8.34
C PHE B 551 -8.65 -15.98 8.69
N PHE B 552 -9.50 -15.44 7.81
CA PHE B 552 -10.95 -15.50 8.01
C PHE B 552 -11.45 -16.93 8.00
N ARG B 553 -10.98 -17.74 7.07
CA ARG B 553 -11.42 -19.13 6.99
C ARG B 553 -10.95 -19.93 8.20
N ARG B 554 -9.71 -19.69 8.64
CA ARG B 554 -9.17 -20.38 9.81
C ARG B 554 -9.94 -20.01 11.06
N LYS B 555 -10.21 -18.71 11.27
CA LYS B 555 -10.93 -18.28 12.45
C LYS B 555 -12.38 -18.73 12.42
N LEU B 556 -12.98 -18.83 11.24
CA LEU B 556 -14.36 -19.31 11.15
C LEU B 556 -14.45 -20.78 11.46
N ILE B 557 -13.54 -21.60 10.94
CA ILE B 557 -13.66 -23.03 11.23
C ILE B 557 -13.11 -23.40 12.60
N ASP B 558 -12.40 -22.52 13.27
CA ASP B 558 -12.14 -22.77 14.69
C ASP B 558 -13.21 -22.18 15.60
N ALA B 559 -13.99 -21.22 15.12
CA ALA B 559 -15.10 -20.69 15.92
C ALA B 559 -16.33 -21.57 15.86
N VAL B 560 -16.45 -22.42 14.84
CA VAL B 560 -17.65 -23.23 14.68
C VAL B 560 -17.46 -24.65 15.23
N GLY B 561 -16.22 -25.08 15.44
CA GLY B 561 -15.94 -26.30 16.14
C GLY B 561 -15.40 -27.43 15.28
N PHE B 562 -15.47 -27.33 13.97
CA PHE B 562 -15.09 -28.44 13.10
C PHE B 562 -14.73 -27.87 11.73
N SER B 563 -14.38 -28.77 10.82
CA SER B 563 -14.13 -28.42 9.43
C SER B 563 -15.17 -29.10 8.57
N PRO B 564 -15.87 -28.36 7.70
CA PRO B 564 -16.96 -28.99 6.93
C PRO B 564 -16.47 -29.92 5.82
N LEU B 565 -15.27 -29.71 5.29
CA LEU B 565 -14.76 -30.58 4.24
C LEU B 565 -14.40 -31.95 4.77
N ARG B 566 -13.86 -32.00 6.00
CA ARG B 566 -13.49 -33.27 6.62
C ARG B 566 -14.72 -34.13 6.92
N ILE B 567 -15.78 -33.51 7.40
CA ILE B 567 -16.98 -34.28 7.71
C ILE B 567 -17.74 -34.63 6.44
N LEU B 568 -17.62 -33.82 5.38
CA LEU B 568 -18.16 -34.25 4.08
C LEU B 568 -17.42 -35.47 3.54
N ARG B 569 -16.10 -35.51 3.70
CA ARG B 569 -15.34 -36.67 3.23
C ARG B 569 -15.65 -37.93 4.04
N LYS B 570 -15.81 -37.78 5.35
CA LYS B 570 -16.17 -38.94 6.16
C LYS B 570 -17.58 -39.44 5.87
N ARG B 571 -18.51 -38.53 5.56
CA ARG B 571 -19.85 -38.95 5.17
C ARG B 571 -19.84 -39.68 3.84
N ASN B 572 -19.00 -39.23 2.90
CA ASN B 572 -18.92 -39.92 1.61
C ASN B 572 -18.29 -41.30 1.74
N LYS B 573 -17.30 -41.44 2.64
CA LYS B 573 -16.72 -42.76 2.91
C LYS B 573 -17.74 -43.71 3.52
N ALA B 574 -18.53 -43.21 4.48
CA ALA B 574 -19.57 -44.04 5.08
C ALA B 574 -20.64 -44.43 4.07
N LEU B 575 -20.97 -43.53 3.14
CA LEU B 575 -21.96 -43.85 2.12
C LEU B 575 -21.42 -44.88 1.13
N ARG B 576 -20.12 -44.82 0.82
CA ARG B 576 -19.52 -45.81 -0.08
C ARG B 576 -19.50 -47.19 0.56
N LYS B 577 -19.19 -47.26 1.86
CA LYS B 577 -19.22 -48.55 2.55
C LYS B 577 -20.65 -49.08 2.66
N ILE B 578 -21.62 -48.18 2.83
CA ILE B 578 -23.02 -48.60 2.90
C ILE B 578 -23.49 -49.17 1.57
N ARG B 579 -23.14 -48.53 0.46
CA ARG B 579 -23.52 -49.05 -0.85
C ARG B 579 -22.81 -50.36 -1.17
N LYS B 580 -21.55 -50.50 -0.75
CA LYS B 580 -20.80 -51.73 -1.01
C LYS B 580 -21.38 -52.90 -0.21
N LEU B 581 -21.77 -52.67 1.04
CA LEU B 581 -22.45 -53.72 1.78
C LEU B 581 -23.87 -53.96 1.27
N GLN B 582 -24.47 -52.94 0.65
CA GLN B 582 -25.85 -53.06 0.20
C GLN B 582 -25.96 -53.94 -1.03
N LYS B 583 -25.14 -53.71 -2.06
CA LYS B 583 -25.37 -54.46 -3.29
C LYS B 583 -24.66 -55.80 -3.28
N GLN B 584 -24.04 -56.18 -2.16
CA GLN B 584 -23.77 -57.59 -1.88
C GLN B 584 -25.00 -58.31 -1.35
N GLY B 585 -26.09 -57.60 -1.12
CA GLY B 585 -27.28 -58.20 -0.55
C GLY B 585 -27.16 -58.52 0.93
N LEU B 586 -26.23 -57.90 1.64
CA LEU B 586 -26.09 -58.20 3.05
C LEU B 586 -27.13 -57.44 3.88
N LEU B 587 -27.04 -56.12 3.94
CA LEU B 587 -27.94 -55.32 4.77
C LEU B 587 -29.22 -55.05 3.98
N GLN B 588 -30.35 -55.19 4.67
CA GLN B 588 -31.65 -54.97 4.04
C GLN B 588 -31.88 -53.47 3.89
N VAL B 589 -32.73 -53.09 2.95
CA VAL B 589 -33.12 -51.70 2.81
C VAL B 589 -34.64 -51.61 2.87
N THR B 590 -35.13 -50.75 3.76
CA THR B 590 -36.54 -50.52 4.03
C THR B 590 -36.87 -49.07 3.78
N PRO B 591 -38.15 -48.73 3.61
CA PRO B 591 -38.55 -47.32 3.71
C PRO B 591 -38.39 -46.73 5.10
N LYS B 592 -38.23 -47.55 6.14
CA LYS B 592 -38.01 -47.05 7.50
C LYS B 592 -37.34 -48.18 8.29
N GLY B 593 -36.10 -47.94 8.74
CA GLY B 593 -35.48 -48.85 9.69
C GLY B 593 -34.04 -49.29 9.54
N PHE B 594 -33.55 -49.55 8.32
CA PHE B 594 -32.22 -50.16 8.06
C PHE B 594 -31.96 -51.41 8.88
N ILE B 595 -32.74 -52.45 8.61
CA ILE B 595 -32.53 -53.74 9.26
C ILE B 595 -31.29 -54.42 8.70
N CYS B 596 -30.43 -54.91 9.58
CA CYS B 596 -29.17 -55.55 9.21
C CYS B 596 -29.37 -57.06 9.09
N THR B 597 -28.30 -57.76 8.70
CA THR B 597 -28.30 -59.21 8.67
C THR B 597 -27.32 -59.83 9.63
N VAL B 598 -26.04 -59.46 9.56
CA VAL B 598 -25.02 -60.03 10.43
C VAL B 598 -24.60 -58.99 11.45
N ASP B 599 -23.89 -59.46 12.48
CA ASP B 599 -23.47 -58.58 13.56
C ASP B 599 -22.20 -57.82 13.18
N THR B 600 -21.17 -58.54 12.74
CA THR B 600 -19.88 -57.95 12.44
C THR B 600 -19.44 -58.38 11.05
N ILE B 601 -18.78 -57.47 10.33
CA ILE B 601 -18.13 -57.79 9.07
C ILE B 601 -16.63 -57.70 9.31
N LYS B 602 -15.84 -57.94 8.26
CA LYS B 602 -14.38 -57.96 8.39
C LYS B 602 -13.76 -56.61 8.73
N ASP B 603 -14.51 -55.51 8.58
CA ASP B 603 -14.14 -54.16 9.02
C ASP B 603 -12.85 -53.68 8.33
N SER B 604 -12.87 -53.70 7.00
CA SER B 604 -11.77 -53.12 6.26
C SER B 604 -11.84 -51.60 6.35
N ASP B 605 -10.74 -50.98 5.94
CA ASP B 605 -10.58 -49.53 5.97
C ASP B 605 -10.21 -49.05 4.58
N GLU B 606 -11.02 -49.45 3.60
CA GLU B 606 -10.72 -49.46 2.16
C GLU B 606 -10.07 -48.19 1.65
N GLU B 607 -8.89 -48.33 1.09
CA GLU B 607 -8.07 -47.21 0.68
C GLU B 607 -8.15 -47.05 -0.82
N LEU B 608 -8.56 -45.87 -1.25
CA LEU B 608 -8.64 -45.55 -2.67
C LEU B 608 -7.53 -44.57 -3.00
N ASP B 609 -6.89 -44.80 -4.14
CA ASP B 609 -5.60 -44.19 -4.45
C ASP B 609 -5.77 -42.75 -4.91
N ASN B 610 -4.67 -42.16 -5.35
CA ASN B 610 -4.73 -40.90 -6.09
C ASN B 610 -5.39 -41.16 -7.44
N ASN B 611 -5.84 -40.06 -8.06
CA ASN B 611 -6.71 -39.98 -9.25
C ASN B 611 -8.13 -40.45 -8.96
N GLN B 612 -8.43 -40.83 -7.72
CA GLN B 612 -9.77 -41.22 -7.30
C GLN B 612 -10.16 -40.62 -5.96
N ILE B 613 -9.23 -40.00 -5.23
CA ILE B 613 -9.54 -39.49 -3.90
C ILE B 613 -10.44 -38.26 -3.93
N GLU B 614 -10.61 -37.63 -5.09
CA GLU B 614 -11.42 -36.44 -5.20
C GLU B 614 -12.87 -36.74 -5.56
N VAL B 615 -13.30 -38.00 -5.45
CA VAL B 615 -14.73 -38.31 -5.48
C VAL B 615 -15.36 -38.20 -4.10
N LEU B 616 -14.56 -37.96 -3.06
CA LEU B 616 -15.07 -37.79 -1.72
C LEU B 616 -15.51 -36.36 -1.43
N ASP B 617 -15.27 -35.43 -2.34
CA ASP B 617 -15.72 -34.06 -2.19
C ASP B 617 -17.01 -33.77 -2.94
N GLN B 618 -17.60 -34.78 -3.58
CA GLN B 618 -18.82 -34.58 -4.32
C GLN B 618 -19.99 -34.44 -3.35
N PRO B 619 -21.03 -33.68 -3.72
CA PRO B 619 -22.22 -33.59 -2.87
C PRO B 619 -22.97 -34.91 -2.83
N ILE B 620 -23.53 -35.21 -1.66
CA ILE B 620 -24.21 -36.49 -1.43
C ILE B 620 -25.58 -36.45 -2.08
N ASN B 621 -25.88 -37.45 -2.89
CA ASN B 621 -27.18 -37.59 -3.55
C ASN B 621 -27.68 -39.00 -3.27
N THR B 622 -28.44 -39.17 -2.20
CA THR B 622 -28.93 -40.48 -1.78
C THR B 622 -30.39 -40.70 -2.17
N THR B 623 -30.84 -40.07 -3.24
CA THR B 623 -32.22 -40.22 -3.70
C THR B 623 -32.49 -41.58 -4.32
N ASP B 624 -31.45 -42.34 -4.69
CA ASP B 624 -31.64 -43.70 -5.16
C ASP B 624 -32.08 -44.64 -4.05
N LEU B 625 -31.86 -44.27 -2.80
CA LEU B 625 -32.20 -45.02 -1.62
C LEU B 625 -33.48 -44.46 -1.02
N PRO B 626 -34.47 -45.28 -0.69
CA PRO B 626 -35.75 -44.72 -0.21
C PRO B 626 -35.69 -44.16 1.20
N PHE B 627 -34.96 -44.80 2.10
CA PHE B 627 -34.87 -44.34 3.49
C PHE B 627 -33.98 -43.13 3.60
N HIS B 628 -34.47 -42.08 4.28
CA HIS B 628 -33.68 -40.88 4.48
C HIS B 628 -32.63 -41.13 5.55
N ILE B 629 -31.38 -40.84 5.23
CA ILE B 629 -30.26 -41.03 6.15
C ILE B 629 -30.13 -39.79 7.02
N ASP B 630 -29.74 -39.98 8.28
CA ASP B 630 -29.74 -38.91 9.27
C ASP B 630 -28.41 -38.21 9.44
N TRP B 631 -27.31 -38.97 9.45
CA TRP B 631 -25.95 -38.52 9.76
C TRP B 631 -25.80 -37.95 11.16
N ASN B 632 -26.76 -38.16 12.05
CA ASN B 632 -26.66 -37.69 13.42
C ASN B 632 -27.16 -38.70 14.44
N ASP B 633 -27.75 -39.80 14.01
CA ASP B 633 -27.88 -40.97 14.86
C ASP B 633 -26.81 -41.98 14.46
N ASP B 634 -26.79 -43.13 15.12
CA ASP B 634 -25.78 -44.13 14.83
C ASP B 634 -26.14 -44.92 13.58
N LEU B 635 -25.16 -45.08 12.71
CA LEU B 635 -25.29 -45.87 11.49
C LEU B 635 -25.42 -47.35 11.84
N PRO B 636 -26.07 -48.17 10.99
CA PRO B 636 -26.59 -49.48 11.47
C PRO B 636 -25.55 -50.49 11.90
N LEU B 637 -24.35 -50.47 11.33
CA LEU B 637 -23.24 -51.27 11.83
C LEU B 637 -22.16 -50.32 12.33
N ASN B 638 -20.99 -50.85 12.63
CA ASN B 638 -19.94 -50.06 13.28
C ASN B 638 -19.30 -49.05 12.33
N ILE B 639 -20.08 -48.06 11.88
CA ILE B 639 -19.61 -46.97 11.04
C ILE B 639 -19.69 -45.71 11.88
N GLU B 640 -18.63 -44.90 11.86
CA GLU B 640 -18.37 -43.91 12.91
C GLU B 640 -18.11 -42.53 12.30
N VAL B 641 -19.01 -42.08 11.44
CA VAL B 641 -19.00 -40.68 10.99
C VAL B 641 -19.19 -39.75 12.19
N PRO B 642 -18.47 -38.63 12.29
CA PRO B 642 -18.69 -37.69 13.39
C PRO B 642 -20.03 -36.98 13.29
N LYS B 643 -20.45 -36.42 14.43
CA LYS B 643 -21.75 -35.79 14.56
C LYS B 643 -21.59 -34.32 14.92
N ILE B 644 -22.45 -33.48 14.35
CA ILE B 644 -22.43 -32.05 14.60
C ILE B 644 -23.80 -31.62 15.12
N SER B 645 -23.79 -30.52 15.88
CA SER B 645 -25.01 -29.95 16.42
C SER B 645 -25.49 -28.73 15.65
N LEU B 646 -24.65 -28.18 14.79
CA LEU B 646 -24.98 -26.97 14.05
C LEU B 646 -25.96 -27.25 12.93
N HIS B 647 -26.89 -26.32 12.73
CA HIS B 647 -27.69 -26.34 11.51
C HIS B 647 -27.88 -24.98 10.86
N SER B 648 -27.39 -23.91 11.47
CA SER B 648 -27.55 -22.58 10.89
C SER B 648 -26.36 -21.72 11.25
N LEU B 649 -25.93 -20.86 10.32
CA LEU B 649 -24.76 -20.03 10.52
C LEU B 649 -25.02 -18.64 9.98
N ILE B 650 -24.96 -17.64 10.85
CA ILE B 650 -25.13 -16.24 10.46
C ILE B 650 -23.76 -15.61 10.30
N LEU B 651 -23.57 -14.87 9.21
CA LEU B 651 -22.35 -14.09 9.00
C LEU B 651 -22.71 -12.62 9.05
N ASP B 652 -22.16 -11.91 10.03
CA ASP B 652 -22.41 -10.49 10.21
C ASP B 652 -21.43 -9.70 9.35
N PHE B 653 -21.92 -9.12 8.27
CA PHE B 653 -21.09 -8.45 7.28
C PHE B 653 -21.30 -6.93 7.30
N SER B 654 -21.52 -6.37 8.48
CA SER B 654 -21.81 -4.94 8.58
C SER B 654 -20.56 -4.11 8.31
N ALA B 655 -19.44 -4.49 8.93
CA ALA B 655 -18.21 -3.74 8.80
C ALA B 655 -17.36 -4.15 7.61
N VAL B 656 -17.84 -5.09 6.79
CA VAL B 656 -17.09 -5.54 5.62
C VAL B 656 -17.35 -4.52 4.51
N SER B 657 -16.36 -3.69 4.23
CA SER B 657 -16.53 -2.58 3.31
C SER B 657 -16.53 -3.03 1.85
N PHE B 658 -15.53 -3.81 1.47
CA PHE B 658 -15.41 -4.27 0.09
C PHE B 658 -14.92 -5.70 0.06
N LEU B 659 -15.02 -6.29 -1.12
CA LEU B 659 -14.49 -7.61 -1.44
C LEU B 659 -13.62 -7.48 -2.68
N ASP B 660 -12.90 -8.55 -3.02
CA ASP B 660 -12.19 -8.61 -4.29
C ASP B 660 -12.30 -10.04 -4.81
N VAL B 661 -11.51 -10.38 -5.82
CA VAL B 661 -11.67 -11.66 -6.52
C VAL B 661 -11.22 -12.83 -5.63
N SER B 662 -10.12 -12.65 -4.89
CA SER B 662 -9.64 -13.67 -3.98
C SER B 662 -10.63 -13.95 -2.86
N SER B 663 -11.26 -12.89 -2.34
CA SER B 663 -12.26 -13.03 -1.30
C SER B 663 -13.51 -13.72 -1.79
N VAL B 664 -13.94 -13.38 -3.01
CA VAL B 664 -15.16 -13.98 -3.56
C VAL B 664 -14.93 -15.46 -3.82
N ARG B 665 -13.74 -15.83 -4.28
CA ARG B 665 -13.43 -17.24 -4.48
C ARG B 665 -13.35 -18.01 -3.16
N GLY B 666 -12.70 -17.42 -2.16
CA GLY B 666 -12.60 -18.09 -0.86
C GLY B 666 -13.94 -18.22 -0.15
N LEU B 667 -14.74 -17.16 -0.20
CA LEU B 667 -16.06 -17.18 0.41
C LEU B 667 -16.98 -18.14 -0.31
N LYS B 668 -16.84 -18.25 -1.63
CA LYS B 668 -17.64 -19.19 -2.41
C LYS B 668 -17.31 -20.63 -2.02
N SER B 669 -16.01 -20.92 -1.82
CA SER B 669 -15.61 -22.25 -1.38
C SER B 669 -16.12 -22.57 0.02
N ILE B 670 -16.06 -21.59 0.94
CA ILE B 670 -16.52 -21.79 2.31
C ILE B 670 -18.02 -22.07 2.35
N LEU B 671 -18.80 -21.28 1.61
CA LEU B 671 -20.25 -21.44 1.64
C LEU B 671 -20.68 -22.70 0.92
N GLN B 672 -19.96 -23.12 -0.13
CA GLN B 672 -20.28 -24.37 -0.79
C GLN B 672 -19.97 -25.56 0.12
N GLU B 673 -18.91 -25.46 0.92
CA GLU B 673 -18.61 -26.54 1.85
C GLU B 673 -19.62 -26.60 2.98
N PHE B 674 -20.15 -25.46 3.41
CA PHE B 674 -21.16 -25.49 4.47
C PHE B 674 -22.54 -25.92 3.97
N ILE B 675 -22.87 -25.63 2.72
CA ILE B 675 -24.20 -25.98 2.22
C ILE B 675 -24.31 -27.47 1.96
N ARG B 676 -23.22 -28.09 1.48
CA ARG B 676 -23.23 -29.52 1.18
C ARG B 676 -23.29 -30.39 2.43
N ILE B 677 -22.97 -29.85 3.60
CA ILE B 677 -23.05 -30.59 4.84
C ILE B 677 -24.40 -30.34 5.55
N LYS B 678 -25.36 -29.73 4.82
CA LYS B 678 -26.72 -29.42 5.26
C LYS B 678 -26.73 -28.44 6.44
N VAL B 679 -26.02 -27.33 6.27
CA VAL B 679 -26.02 -26.22 7.21
C VAL B 679 -26.44 -24.98 6.44
N ASP B 680 -27.52 -24.34 6.87
CA ASP B 680 -28.02 -23.15 6.19
C ASP B 680 -27.16 -21.95 6.54
N VAL B 681 -26.86 -21.15 5.53
CA VAL B 681 -25.96 -19.99 5.68
C VAL B 681 -26.76 -18.71 5.41
N TYR B 682 -26.57 -17.72 6.26
CA TYR B 682 -27.21 -16.42 6.13
C TYR B 682 -26.17 -15.33 6.22
N ILE B 683 -26.20 -14.39 5.28
CA ILE B 683 -25.35 -13.22 5.31
C ILE B 683 -26.22 -12.01 5.60
N VAL B 684 -25.75 -11.15 6.50
CA VAL B 684 -26.59 -10.21 7.23
C VAL B 684 -25.86 -8.87 7.37
N GLY B 685 -26.54 -7.78 7.06
CA GLY B 685 -26.07 -6.46 7.41
C GLY B 685 -25.45 -5.65 6.30
N THR B 686 -25.71 -6.00 5.05
CA THR B 686 -25.10 -5.34 3.90
C THR B 686 -26.09 -4.38 3.24
N ASP B 687 -25.56 -3.35 2.62
CA ASP B 687 -26.39 -2.41 1.88
C ASP B 687 -26.56 -2.92 0.44
N ASP B 688 -27.23 -2.13 -0.40
CA ASP B 688 -27.59 -2.61 -1.72
C ASP B 688 -26.43 -2.54 -2.70
N ASP B 689 -25.45 -1.66 -2.45
CA ASP B 689 -24.27 -1.60 -3.31
C ASP B 689 -23.43 -2.85 -3.20
N PHE B 690 -23.38 -3.45 -2.01
CA PHE B 690 -22.63 -4.69 -1.80
C PHE B 690 -23.24 -5.84 -2.60
N ILE B 691 -24.56 -6.01 -2.50
CA ILE B 691 -25.22 -7.11 -3.18
C ILE B 691 -25.28 -6.85 -4.68
N GLU B 692 -25.24 -5.58 -5.09
CA GLU B 692 -25.16 -5.28 -6.52
C GLU B 692 -23.77 -5.60 -7.07
N LYS B 693 -22.72 -5.35 -6.28
CA LYS B 693 -21.38 -5.70 -6.71
C LYS B 693 -21.16 -7.21 -6.71
N LEU B 694 -21.85 -7.95 -5.83
CA LEU B 694 -21.70 -9.40 -5.82
C LEU B 694 -22.34 -10.07 -7.01
N ASN B 695 -23.26 -9.41 -7.70
CA ASN B 695 -23.85 -9.99 -8.90
C ASN B 695 -22.90 -9.97 -10.08
N ARG B 696 -21.89 -9.10 -10.06
CA ARG B 696 -20.94 -9.02 -11.16
C ARG B 696 -19.86 -10.09 -11.07
N TYR B 697 -19.63 -10.64 -9.89
CA TYR B 697 -18.62 -11.67 -9.72
C TYR B 697 -19.08 -13.05 -10.12
N GLU B 698 -20.34 -13.18 -10.56
CA GLU B 698 -21.01 -14.45 -10.80
C GLU B 698 -20.94 -15.34 -9.56
N PHE B 699 -21.41 -14.78 -8.46
CA PHE B 699 -21.34 -15.43 -7.16
C PHE B 699 -22.50 -16.39 -6.94
N PHE B 700 -23.65 -16.12 -7.53
CA PHE B 700 -24.84 -16.92 -7.28
C PHE B 700 -25.04 -17.94 -8.38
N ASP B 701 -25.52 -19.12 -7.99
CA ASP B 701 -25.81 -20.20 -8.92
C ASP B 701 -26.96 -21.01 -8.33
N GLY B 702 -27.12 -22.25 -8.81
CA GLY B 702 -28.19 -23.10 -8.33
C GLY B 702 -28.00 -23.61 -6.92
N GLU B 703 -26.78 -23.53 -6.37
CA GLU B 703 -26.50 -23.98 -5.02
C GLU B 703 -26.47 -22.82 -4.02
N VAL B 704 -25.65 -21.80 -4.28
CA VAL B 704 -25.62 -20.60 -3.47
C VAL B 704 -26.60 -19.61 -4.10
N LYS B 705 -27.77 -19.47 -3.49
CA LYS B 705 -28.80 -18.60 -4.04
C LYS B 705 -28.68 -17.20 -3.46
N SER B 706 -29.54 -16.31 -3.89
CA SER B 706 -29.59 -14.96 -3.35
C SER B 706 -30.58 -14.83 -2.21
N SER B 707 -31.23 -15.92 -1.81
CA SER B 707 -32.14 -15.93 -0.69
C SER B 707 -31.44 -15.91 0.66
N ILE B 708 -30.10 -15.93 0.68
CA ILE B 708 -29.35 -16.02 1.92
C ILE B 708 -29.08 -14.66 2.55
N PHE B 709 -29.49 -13.57 1.92
CA PHE B 709 -29.24 -12.24 2.43
C PHE B 709 -30.44 -11.75 3.21
N PHE B 710 -30.19 -11.22 4.41
CA PHE B 710 -31.24 -10.71 5.29
C PHE B 710 -30.88 -9.31 5.73
N LEU B 711 -31.83 -8.62 6.35
CA LEU B 711 -31.61 -7.24 6.74
C LEU B 711 -30.75 -7.13 7.99
N THR B 712 -31.23 -7.68 9.10
CA THR B 712 -30.51 -7.64 10.38
C THR B 712 -30.38 -9.04 10.94
N ILE B 713 -29.63 -9.16 12.04
CA ILE B 713 -29.40 -10.46 12.68
C ILE B 713 -30.69 -11.01 13.25
N HIS B 714 -31.53 -10.13 13.80
CA HIS B 714 -32.77 -10.60 14.42
C HIS B 714 -33.76 -11.09 13.39
N ASP B 715 -33.70 -10.57 12.15
CA ASP B 715 -34.50 -11.10 11.06
C ASP B 715 -34.12 -12.54 10.74
N ALA B 716 -32.82 -12.82 10.66
CA ALA B 716 -32.37 -14.17 10.36
C ALA B 716 -32.67 -15.13 11.50
N VAL B 717 -32.52 -14.68 12.74
CA VAL B 717 -32.80 -15.54 13.89
C VAL B 717 -34.29 -15.85 13.99
N LEU B 718 -35.14 -14.86 13.71
CA LEU B 718 -36.58 -15.09 13.74
C LEU B 718 -37.03 -15.94 12.55
N HIS B 719 -36.30 -15.89 11.44
CA HIS B 719 -36.60 -16.78 10.33
C HIS B 719 -36.23 -18.22 10.65
N ILE B 720 -35.07 -18.41 11.30
CA ILE B 720 -34.63 -19.75 11.69
C ILE B 720 -35.57 -20.36 12.72
N LEU B 721 -35.97 -19.58 13.72
CA LEU B 721 -36.76 -20.11 14.83
C LEU B 721 -38.18 -20.46 14.44
N MET B 722 -38.65 -20.09 13.25
CA MET B 722 -39.92 -20.55 12.76
C MET B 722 -39.82 -21.44 11.54
N LYS B 723 -38.64 -21.52 10.92
CA LYS B 723 -38.43 -22.54 9.89
C LYS B 723 -38.26 -23.91 10.51
N LYS B 724 -37.56 -23.99 11.65
CA LYS B 724 -37.26 -25.26 12.28
C LYS B 724 -38.38 -25.77 13.17
N ASP B 725 -39.56 -25.17 13.13
CA ASP B 725 -40.73 -25.72 13.81
C ASP B 725 -41.89 -25.87 12.84
#